data_4HJ1
#
_entry.id   4HJ1
#
_cell.length_a   128.680
_cell.length_b   56.370
_cell.length_c   140.190
_cell.angle_alpha   90.00
_cell.angle_beta   96.55
_cell.angle_gamma   90.00
#
_symmetry.space_group_name_H-M   'P 1 21 1'
#
loop_
_entity.id
_entity.type
_entity.pdbx_description
1 polymer 'ENVELOPE GLYCOPROTEIN'
2 branched beta-D-mannopyranose-(1-6)-beta-D-mannopyranose-(1-4)-2-acetamido-2-deoxy-beta-D-glucopyranose-(1-4)-2-acetamido-2-deoxy-beta-D-glucopyranose
3 branched beta-D-mannopyranose-(1-4)-2-acetamido-2-deoxy-beta-D-glucopyranose-(1-4)-2-acetamido-2-deoxy-beta-D-glucopyranose
4 branched beta-D-mannopyranose-(1-3)-[beta-D-mannopyranose-(1-6)]beta-D-mannopyranose-(1-4)-2-acetamido-2-deoxy-beta-D-glucopyranose-(1-4)-2-acetamido-2-deoxy-beta-D-glucopyranose
5 non-polymer 2-acetamido-2-deoxy-beta-D-glucopyranose
6 non-polymer '2-(N-MORPHOLINO)-ETHANESULFONIC ACID'
7 non-polymer GLYCEROL
8 water water
#
_entity_poly.entity_id   1
_entity_poly.type   'polypeptide(L)'
_entity_poly.pdbx_seq_one_letter_code
;DPGCSELIQASSRITTCSTEGVNTKCRLSGTALIRAGSVGAEACLMLKGVKEDQTKFLKIKTVSSELSCREGQSYWTGSF
SPKCLSSRRCHLVGECHVNRCLSWRDNETSAEFSFVGESTTMRENKCFEQCGGWGCGCFNVNPSCLFVHTYLQSVRKEAL
RVFNCIDWVHKLTLEITDFDGSVSTIDLGASSSRFTNWGSVSLSLDAEGISGSNSFSFIESPGKGYAIVDEPFSEIPRQG
FLGEIRCNSESSVLSAHESCLRAPNLISYKPMIDQLECTTNLIDPFVVFERGSLPQTRNDKTFAASKGNRGVQAFSKGSV
QADLTLMFDNFEVDFVGAAVSCDAAFLNLTGCYSCNAGARVCLSITSTGTGSLSAHNKDGSLHIVLPSENGTKDQCQILH
FTVPEVEEEFMYSCDGDERPLLVKGTLIAIDP
;
_entity_poly.pdbx_strand_id   A,B,C,D
#
# COMPACT_ATOMS: atom_id res chain seq x y z
N ASP A 1 -11.64 84.48 45.31
CA ASP A 1 -12.30 85.75 45.69
C ASP A 1 -13.83 85.81 45.51
N PRO A 2 -14.50 84.67 45.17
CA PRO A 2 -15.96 84.67 45.18
C PRO A 2 -16.52 84.68 46.61
N GLY A 3 -17.57 85.47 46.83
CA GLY A 3 -18.29 85.48 48.09
C GLY A 3 -19.65 84.86 47.86
N CYS A 4 -20.71 85.57 48.23
CA CYS A 4 -22.06 85.00 48.13
C CYS A 4 -22.51 84.99 46.69
N SER A 5 -22.78 83.82 46.14
CA SER A 5 -23.35 83.75 44.79
C SER A 5 -24.85 83.78 44.95
N GLU A 6 -25.32 83.20 46.07
CA GLU A 6 -26.72 83.10 46.47
C GLU A 6 -26.83 83.82 47.80
N LEU A 7 -27.86 84.64 47.95
CA LEU A 7 -28.04 85.41 49.18
C LEU A 7 -29.52 85.60 49.48
N ILE A 8 -29.95 85.13 50.64
CA ILE A 8 -31.33 85.36 51.05
C ILE A 8 -31.34 85.98 52.43
N GLN A 9 -32.42 86.68 52.74
CA GLN A 9 -32.62 87.24 54.06
C GLN A 9 -33.43 86.25 54.88
N ALA A 10 -33.02 85.98 56.12
CA ALA A 10 -33.78 85.08 56.99
C ALA A 10 -35.18 85.69 57.18
N SER A 11 -36.19 84.84 57.13
CA SER A 11 -37.54 85.32 57.30
C SER A 11 -37.71 85.95 58.67
N SER A 12 -38.37 87.10 58.70
CA SER A 12 -38.76 87.75 59.94
C SER A 12 -39.54 86.77 60.82
N ARG A 13 -40.18 85.78 60.23
CA ARG A 13 -40.90 84.82 61.06
C ARG A 13 -40.06 83.75 61.78
N ILE A 14 -38.75 83.70 61.52
CA ILE A 14 -37.88 82.83 62.32
C ILE A 14 -36.95 83.65 63.22
N THR A 15 -37.10 84.97 63.19
CA THR A 15 -36.22 85.89 63.91
C THR A 15 -37.01 86.58 65.02
N THR A 16 -36.45 86.68 66.21
CA THR A 16 -37.05 87.52 67.25
C THR A 16 -35.95 88.31 67.94
N CYS A 17 -36.14 89.62 68.06
CA CYS A 17 -35.10 90.49 68.60
C CYS A 17 -35.58 91.21 69.85
N SER A 18 -34.63 91.55 70.72
CA SER A 18 -34.92 92.41 71.86
C SER A 18 -33.71 93.28 72.16
N THR A 19 -33.98 94.46 72.70
CA THR A 19 -32.91 95.40 73.04
C THR A 19 -32.80 95.53 74.56
N GLU A 20 -31.56 95.54 75.04
CA GLU A 20 -31.25 95.67 76.46
C GLU A 20 -30.77 97.08 76.73
N GLY A 21 -31.52 98.06 76.20
CA GLY A 21 -31.11 99.46 76.22
C GLY A 21 -29.86 99.66 75.39
N VAL A 22 -30.06 99.98 74.12
CA VAL A 22 -28.99 100.10 73.08
C VAL A 22 -28.35 98.77 72.59
N ASN A 23 -28.24 97.79 73.48
CA ASN A 23 -27.66 96.46 73.15
C ASN A 23 -28.71 95.42 72.72
N THR A 24 -28.82 95.21 71.42
CA THR A 24 -29.84 94.30 70.90
C THR A 24 -29.30 92.95 70.41
N LYS A 25 -30.06 91.90 70.68
CA LYS A 25 -29.72 90.54 70.26
C LYS A 25 -30.96 89.92 69.62
N CYS A 26 -30.75 89.01 68.67
CA CYS A 26 -31.83 88.34 68.00
C CYS A 26 -31.69 86.84 68.17
N ARG A 27 -32.80 86.13 68.14
CA ARG A 27 -32.78 84.67 68.16
C ARG A 27 -33.35 84.12 66.87
N LEU A 28 -32.65 83.14 66.31
CA LEU A 28 -33.14 82.43 65.15
C LEU A 28 -33.70 81.08 65.60
N SER A 29 -34.94 80.81 65.18
CA SER A 29 -35.58 79.55 65.54
C SER A 29 -36.54 79.16 64.45
N GLY A 30 -36.23 78.05 63.78
CA GLY A 30 -36.99 77.61 62.61
C GLY A 30 -36.04 77.19 61.50
N THR A 31 -36.57 77.04 60.30
CA THR A 31 -35.80 76.54 59.18
CA THR A 31 -35.85 76.48 59.16
C THR A 31 -35.80 77.51 58.01
N ALA A 32 -34.63 77.62 57.36
CA ALA A 32 -34.51 78.39 56.14
C ALA A 32 -33.99 77.44 55.08
N LEU A 33 -34.47 77.64 53.86
CA LEU A 33 -33.95 76.86 52.74
C LEU A 33 -33.17 77.78 51.81
N ILE A 34 -31.97 77.35 51.44
CA ILE A 34 -31.17 78.12 50.49
C ILE A 34 -30.54 77.15 49.47
N ARG A 35 -30.44 77.60 48.23
CA ARG A 35 -29.71 76.87 47.19
C ARG A 35 -28.24 76.83 47.58
N ALA A 36 -27.58 75.71 47.34
CA ALA A 36 -26.15 75.60 47.65
C ALA A 36 -25.37 76.58 46.75
N GLY A 37 -24.26 77.11 47.28
CA GLY A 37 -23.44 78.02 46.50
C GLY A 37 -22.87 77.27 45.31
N SER A 38 -22.58 78.01 44.25
CA SER A 38 -21.86 77.39 43.16
C SER A 38 -20.48 77.03 43.71
N VAL A 39 -19.84 76.06 43.07
CA VAL A 39 -18.52 75.60 43.49
C VAL A 39 -17.55 76.74 43.67
N GLY A 40 -16.88 76.78 44.83
CA GLY A 40 -15.96 77.86 45.21
C GLY A 40 -16.62 79.07 45.86
N ALA A 41 -17.93 79.20 45.72
CA ALA A 41 -18.61 80.40 46.21
C ALA A 41 -19.59 80.03 47.33
N GLU A 42 -20.32 81.01 47.87
CA GLU A 42 -21.07 80.78 49.11
C GLU A 42 -22.55 80.92 48.91
N ALA A 43 -23.30 80.16 49.71
CA ALA A 43 -24.73 80.42 49.93
C ALA A 43 -24.76 81.23 51.20
N CYS A 44 -25.52 82.32 51.21
CA CYS A 44 -25.48 83.19 52.39
C CYS A 44 -26.87 83.51 52.89
N LEU A 45 -26.97 83.56 54.20
CA LEU A 45 -28.21 83.89 54.89
C LEU A 45 -27.96 85.15 55.69
N MET A 46 -28.75 86.19 55.43
CA MET A 46 -28.59 87.45 56.15
C MET A 46 -29.62 87.58 57.27
N LEU A 47 -29.13 87.89 58.45
CA LEU A 47 -29.99 88.18 59.60
C LEU A 47 -30.09 89.68 59.75
N LYS A 48 -31.33 90.18 59.85
CA LYS A 48 -31.57 91.61 60.11
C LYS A 48 -32.01 91.89 61.54
N GLY A 49 -31.38 92.83 62.21
CA GLY A 49 -31.82 93.22 63.54
C GLY A 49 -33.01 94.18 63.50
N VAL A 50 -33.15 95.01 64.53
CA VAL A 50 -34.28 95.96 64.57
C VAL A 50 -33.95 97.25 63.82
N LYS A 51 -32.71 97.69 63.92
CA LYS A 51 -32.26 98.84 63.14
C LYS A 51 -31.67 98.38 61.82
N GLU A 52 -31.72 99.27 60.84
CA GLU A 52 -31.29 98.99 59.48
C GLU A 52 -29.78 98.67 59.44
N ASP A 53 -29.04 99.17 60.43
CA ASP A 53 -27.60 98.91 60.54
C ASP A 53 -27.26 97.64 61.36
N GLN A 54 -28.27 96.80 61.63
CA GLN A 54 -28.05 95.56 62.37
C GLN A 54 -28.16 94.39 61.41
N THR A 55 -26.99 93.90 60.97
CA THR A 55 -26.93 92.83 59.99
CA THR A 55 -26.89 92.90 59.94
C THR A 55 -25.80 91.87 60.29
N LYS A 56 -26.12 90.58 60.19
CA LYS A 56 -25.11 89.53 60.33
C LYS A 56 -25.36 88.51 59.22
N PHE A 57 -24.30 87.79 58.84
CA PHE A 57 -24.41 86.84 57.73
C PHE A 57 -23.92 85.47 58.18
N LEU A 58 -24.62 84.44 57.74
CA LEU A 58 -24.14 83.07 57.82
C LEU A 58 -23.68 82.70 56.41
N LYS A 59 -22.42 82.27 56.28
CA LYS A 59 -21.83 81.95 54.98
C LYS A 59 -21.44 80.47 54.84
N ILE A 60 -21.81 79.86 53.73
CA ILE A 60 -21.56 78.45 53.53
C ILE A 60 -20.95 78.26 52.17
N LYS A 61 -19.65 77.99 52.16
CA LYS A 61 -18.91 77.91 50.93
C LYS A 61 -18.97 76.48 50.41
N THR A 62 -19.30 76.32 49.13
CA THR A 62 -19.26 75.00 48.53
C THR A 62 -17.80 74.81 48.15
N VAL A 63 -17.13 73.95 48.90
CA VAL A 63 -15.71 73.64 48.63
C VAL A 63 -15.62 72.71 47.40
N SER A 64 -16.42 71.66 47.37
CA SER A 64 -16.47 70.78 46.20
C SER A 64 -17.76 70.02 46.25
N SER A 65 -18.17 69.54 45.09
CA SER A 65 -19.36 68.72 44.95
C SER A 65 -18.91 67.56 44.11
N GLU A 66 -18.68 66.42 44.77
CA GLU A 66 -18.00 65.25 44.13
C GLU A 66 -18.94 64.10 43.98
N LEU A 67 -18.72 63.33 42.91
CA LEU A 67 -19.54 62.15 42.66
C LEU A 67 -18.54 61.03 42.45
N SER A 68 -18.66 59.98 43.26
CA SER A 68 -17.76 58.83 43.15
C SER A 68 -18.43 57.65 42.46
N CYS A 69 -17.74 57.11 41.45
CA CYS A 69 -18.29 56.03 40.65
C CYS A 69 -18.28 54.76 41.49
N ARG A 70 -19.47 54.19 41.70
CA ARG A 70 -19.58 52.82 42.21
C ARG A 70 -19.64 51.93 40.99
N GLU A 71 -18.59 51.13 40.81
CA GLU A 71 -18.42 50.28 39.62
C GLU A 71 -19.48 49.18 39.56
N GLY A 72 -20.01 48.91 38.36
CA GLY A 72 -20.96 47.82 38.15
C GLY A 72 -20.28 46.69 37.40
N GLN A 73 -20.65 46.49 36.15
CA GLN A 73 -20.06 45.41 35.36
C GLN A 73 -18.66 45.80 34.83
N SER A 74 -17.91 44.79 34.40
CA SER A 74 -16.50 44.97 34.06
C SER A 74 -16.09 43.84 33.10
N TYR A 75 -15.18 44.13 32.16
CA TYR A 75 -14.48 43.08 31.40
C TYR A 75 -13.10 43.63 30.99
N TRP A 76 -12.23 42.78 30.51
CA TRP A 76 -10.90 43.17 30.10
C TRP A 76 -10.87 42.98 28.61
N THR A 77 -10.06 43.80 27.94
CA THR A 77 -9.88 43.66 26.52
C THR A 77 -8.45 44.09 26.20
N GLY A 78 -8.06 43.99 24.92
CA GLY A 78 -6.75 44.51 24.47
C GLY A 78 -6.70 44.39 22.96
N SER A 79 -5.51 44.27 22.41
CA SER A 79 -5.32 44.27 20.98
C SER A 79 -4.87 42.90 20.53
N PHE A 80 -5.38 42.46 19.39
CA PHE A 80 -5.18 41.11 18.92
C PHE A 80 -4.92 41.13 17.43
N SER A 81 -4.29 40.05 16.96
CA SER A 81 -3.94 39.87 15.57
C SER A 81 -4.11 38.39 15.29
N PRO A 82 -4.61 38.04 14.09
CA PRO A 82 -4.77 36.64 13.71
C PRO A 82 -3.49 36.04 13.11
N LYS A 83 -3.23 34.77 13.40
CA LYS A 83 -2.15 34.04 12.73
C LYS A 83 -2.80 32.81 12.09
N CYS A 84 -2.70 32.69 10.76
CA CYS A 84 -3.36 31.57 10.11
C CYS A 84 -2.37 30.60 9.48
N LEU A 85 -2.74 29.33 9.47
CA LEU A 85 -2.04 28.32 8.70
C LEU A 85 -3.04 27.72 7.72
N SER A 86 -2.54 27.32 6.55
CA SER A 86 -3.43 26.77 5.51
C SER A 86 -2.76 25.63 4.79
N SER A 87 -3.61 24.72 4.31
CA SER A 87 -3.14 23.55 3.57
C SER A 87 -4.26 23.09 2.63
N ARG A 88 -3.94 23.03 1.34
CA ARG A 88 -4.93 22.69 0.33
C ARG A 88 -4.77 21.25 -0.13
N ARG A 89 -5.88 20.51 -0.08
CA ARG A 89 -5.94 19.15 -0.62
C ARG A 89 -6.95 19.04 -1.77
N CYS A 90 -6.63 18.20 -2.75
CA CYS A 90 -7.48 17.92 -3.91
C CYS A 90 -8.75 17.17 -3.54
N HIS A 91 -9.78 17.29 -4.38
CA HIS A 91 -11.02 16.55 -4.11
C HIS A 91 -10.71 15.06 -4.00
N LEU A 92 -11.41 14.41 -3.07
CA LEU A 92 -11.27 12.99 -2.70
C LEU A 92 -9.93 12.59 -2.03
N VAL A 93 -9.11 13.58 -1.67
CA VAL A 93 -7.90 13.36 -0.85
C VAL A 93 -8.17 13.85 0.58
N GLY A 94 -7.67 13.11 1.57
CA GLY A 94 -7.81 13.44 2.98
C GLY A 94 -9.25 13.70 3.41
N GLU A 95 -9.50 14.89 3.93
CA GLU A 95 -10.80 15.27 4.41
C GLU A 95 -11.61 15.89 3.31
N CYS A 96 -11.00 16.09 2.15
CA CYS A 96 -11.68 16.76 1.06
C CYS A 96 -12.60 15.76 0.35
N HIS A 97 -13.41 15.07 1.15
CA HIS A 97 -14.39 14.14 0.63
C HIS A 97 -15.68 14.88 0.40
N VAL A 98 -16.63 14.20 -0.20
CA VAL A 98 -17.74 14.83 -0.94
C VAL A 98 -18.26 16.19 -0.41
N ASN A 99 -18.61 16.27 0.88
CA ASN A 99 -19.21 17.51 1.42
C ASN A 99 -18.49 18.21 2.60
N ARG A 100 -17.43 17.56 3.13
CA ARG A 100 -16.76 18.04 4.35
C ARG A 100 -16.41 19.52 4.32
N CYS A 101 -15.85 20.00 3.21
CA CYS A 101 -15.35 21.37 3.15
C CYS A 101 -16.42 22.41 3.44
N LEU A 102 -17.57 22.30 2.76
CA LEU A 102 -18.63 23.30 2.88
C LEU A 102 -19.40 23.22 4.19
N SER A 103 -19.34 22.08 4.85
CA SER A 103 -19.95 21.92 6.15
C SER A 103 -18.93 21.91 7.29
N TRP A 104 -17.72 22.40 7.03
CA TRP A 104 -16.68 22.39 8.07
C TRP A 104 -17.07 23.19 9.31
N ARG A 105 -16.86 22.60 10.49
CA ARG A 105 -17.21 23.26 11.74
C ARG A 105 -16.07 24.11 12.29
N ASP A 106 -16.40 25.31 12.75
CA ASP A 106 -15.42 26.27 13.27
C ASP A 106 -14.49 25.70 14.33
N ASN A 107 -15.01 24.82 15.17
CA ASN A 107 -14.22 24.31 16.30
C ASN A 107 -13.49 23.00 16.02
N GLU A 108 -13.55 22.52 14.78
CA GLU A 108 -12.82 21.29 14.46
C GLU A 108 -11.54 21.54 13.67
N THR A 109 -10.44 21.07 14.23
CA THR A 109 -9.14 21.25 13.62
C THR A 109 -8.94 20.17 12.56
N SER A 110 -8.49 20.59 11.39
CA SER A 110 -8.22 19.67 10.30
C SER A 110 -7.03 18.78 10.66
N ALA A 111 -7.07 17.53 10.18
CA ALA A 111 -5.92 16.63 10.23
C ALA A 111 -4.66 17.29 9.65
N GLU A 112 -4.84 18.19 8.70
CA GLU A 112 -3.71 18.93 8.11
C GLU A 112 -2.86 19.68 9.15
N PHE A 113 -3.43 19.99 10.31
CA PHE A 113 -2.70 20.79 11.29
C PHE A 113 -2.46 20.05 12.60
N SER A 114 -2.52 18.72 12.55
CA SER A 114 -2.27 17.91 13.76
C SER A 114 -0.88 18.12 14.37
N PHE A 115 0.07 18.61 13.56
CA PHE A 115 1.42 18.90 14.03
C PHE A 115 1.52 20.11 14.96
N VAL A 116 0.45 20.91 15.01
CA VAL A 116 0.48 22.13 15.83
C VAL A 116 0.31 21.80 17.33
N GLY A 117 -0.28 20.63 17.60
CA GLY A 117 -0.47 20.18 18.98
C GLY A 117 -1.65 20.86 19.66
N GLU A 118 -1.63 20.84 20.99
CA GLU A 118 -2.79 21.27 21.76
C GLU A 118 -2.76 22.78 21.99
N SER A 119 -3.93 23.40 22.00
CA SER A 119 -3.98 24.84 22.15
C SER A 119 -5.05 25.25 23.15
N THR A 120 -4.79 26.33 23.86
CA THR A 120 -5.81 26.87 24.77
C THR A 120 -6.12 28.30 24.38
N THR A 121 -5.77 28.64 23.15
CA THR A 121 -5.90 30.01 22.65
C THR A 121 -7.22 30.15 21.89
N MET A 122 -7.81 31.35 21.87
CA MET A 122 -8.90 31.65 20.92
C MET A 122 -8.44 31.26 19.52
N ARG A 123 -9.26 30.49 18.83
CA ARG A 123 -8.89 29.94 17.53
C ARG A 123 -10.16 29.57 16.77
N GLU A 124 -10.00 29.33 15.47
CA GLU A 124 -11.11 28.88 14.63
C GLU A 124 -10.58 28.15 13.40
N ASN A 125 -11.47 27.45 12.73
CA ASN A 125 -11.10 26.59 11.61
C ASN A 125 -12.05 26.80 10.44
N LYS A 126 -11.49 26.90 9.25
CA LYS A 126 -12.27 27.11 8.04
C LYS A 126 -11.88 26.08 6.99
N CYS A 127 -12.77 25.85 6.05
CA CYS A 127 -12.39 25.20 4.80
C CYS A 127 -12.95 26.01 3.62
N PHE A 128 -12.10 26.40 2.68
CA PHE A 128 -12.56 27.14 1.50
C PHE A 128 -12.37 26.30 0.24
N GLU A 129 -13.47 26.06 -0.47
CA GLU A 129 -13.38 25.39 -1.75
C GLU A 129 -12.57 26.26 -2.69
N GLN A 130 -11.62 25.65 -3.37
CA GLN A 130 -10.87 26.34 -4.42
C GLN A 130 -10.95 25.55 -5.73
N CYS A 131 -10.38 26.08 -6.80
CA CYS A 131 -10.38 25.41 -8.10
C CYS A 131 -9.74 24.03 -8.00
N GLY A 132 -10.26 23.10 -8.80
CA GLY A 132 -9.65 21.77 -8.94
C GLY A 132 -8.96 21.68 -10.29
N GLY A 133 -8.82 20.47 -10.81
CA GLY A 133 -8.27 20.27 -12.15
C GLY A 133 -6.76 20.47 -12.23
N TRP A 134 -6.19 20.12 -13.36
CA TRP A 134 -4.74 20.11 -13.53
C TRP A 134 -4.12 21.49 -13.45
N GLY A 135 -4.89 22.51 -13.83
CA GLY A 135 -4.43 23.89 -13.76
C GLY A 135 -4.17 24.35 -12.34
N CYS A 136 -4.83 23.71 -11.39
CA CYS A 136 -4.63 23.96 -9.96
C CYS A 136 -4.03 22.72 -9.26
N GLY A 137 -3.36 21.87 -10.04
CA GLY A 137 -2.58 20.74 -9.52
C GLY A 137 -3.34 19.53 -9.01
N CYS A 138 -4.57 19.36 -9.47
CA CYS A 138 -5.41 18.25 -9.01
C CYS A 138 -5.88 17.35 -10.15
N PHE A 139 -5.83 16.04 -9.89
CA PHE A 139 -6.27 15.01 -10.83
C PHE A 139 -7.79 15.07 -11.04
N ASN A 140 -8.46 15.55 -10.02
CA ASN A 140 -9.90 15.62 -9.97
C ASN A 140 -10.32 17.03 -10.37
N VAL A 141 -11.37 17.14 -11.19
CA VAL A 141 -11.85 18.44 -11.65
C VAL A 141 -12.65 19.18 -10.60
N ASN A 142 -13.14 18.45 -9.60
CA ASN A 142 -13.96 19.03 -8.55
C ASN A 142 -13.17 19.95 -7.63
N PRO A 143 -13.86 20.87 -6.92
CA PRO A 143 -13.15 21.85 -6.10
C PRO A 143 -12.17 21.20 -5.12
N SER A 144 -10.96 21.75 -5.06
CA SER A 144 -10.03 21.41 -3.99
C SER A 144 -10.44 22.12 -2.69
N CYS A 145 -9.80 21.77 -1.59
CA CYS A 145 -10.20 22.22 -0.26
C CYS A 145 -9.04 22.92 0.43
N LEU A 146 -9.19 24.21 0.71
CA LEU A 146 -8.17 24.95 1.45
C LEU A 146 -8.57 24.96 2.91
N PHE A 147 -7.95 24.08 3.68
CA PHE A 147 -8.19 24.00 5.11
C PHE A 147 -7.40 25.10 5.79
N VAL A 148 -8.02 25.72 6.78
CA VAL A 148 -7.41 26.86 7.45
C VAL A 148 -7.52 26.74 8.96
N HIS A 149 -6.41 27.00 9.66
CA HIS A 149 -6.44 27.01 11.12
C HIS A 149 -5.86 28.34 11.57
N THR A 150 -6.63 29.04 12.39
CA THR A 150 -6.33 30.40 12.77
C THR A 150 -6.41 30.54 14.27
N TYR A 151 -5.46 31.27 14.84
CA TYR A 151 -5.58 31.61 16.24
C TYR A 151 -5.37 33.10 16.39
N LEU A 152 -5.93 33.65 17.47
CA LEU A 152 -5.72 35.04 17.81
C LEU A 152 -4.57 35.16 18.79
N GLN A 153 -3.79 36.22 18.65
CA GLN A 153 -2.75 36.47 19.63
C GLN A 153 -2.76 37.90 20.10
N SER A 154 -2.45 38.11 21.39
CA SER A 154 -2.36 39.44 21.94
C SER A 154 -1.20 40.18 21.29
N VAL A 155 -1.47 41.39 20.84
CA VAL A 155 -0.49 42.23 20.18
C VAL A 155 0.34 43.06 21.17
N ARG A 156 -0.20 43.26 22.38
CA ARG A 156 0.53 44.03 23.42
C ARG A 156 0.72 43.20 24.67
N LYS A 157 1.68 43.58 25.50
CA LYS A 157 1.82 42.86 26.77
C LYS A 157 1.06 43.57 27.89
N GLU A 158 0.00 44.28 27.55
CA GLU A 158 -0.85 44.87 28.55
C GLU A 158 -2.32 44.90 28.10
N ALA A 159 -3.23 45.11 29.04
CA ALA A 159 -4.66 44.97 28.77
C ALA A 159 -5.37 46.12 29.41
N LEU A 160 -6.66 46.25 29.11
CA LEU A 160 -7.43 47.36 29.57
C LEU A 160 -8.74 46.83 30.14
N ARG A 161 -9.15 47.41 31.27
CA ARG A 161 -10.39 47.00 31.91
C ARG A 161 -11.49 48.02 31.66
N VAL A 162 -12.59 47.54 31.08
CA VAL A 162 -13.69 48.43 30.73
C VAL A 162 -14.81 48.22 31.75
N PHE A 163 -15.37 49.30 32.28
CA PHE A 163 -16.42 49.16 33.27
C PHE A 163 -17.49 50.25 33.14
N ASN A 164 -18.64 50.03 33.79
CA ASN A 164 -19.62 51.09 33.98
C ASN A 164 -19.77 51.51 35.45
N CYS A 165 -20.60 52.50 35.70
CA CYS A 165 -20.87 52.91 37.08
C CYS A 165 -22.35 52.66 37.35
N ILE A 166 -22.66 51.86 38.34
CA ILE A 166 -24.07 51.62 38.68
C ILE A 166 -24.67 52.77 39.48
N ASP A 167 -23.82 53.51 40.19
CA ASP A 167 -24.25 54.63 41.00
C ASP A 167 -23.15 55.67 41.11
N TRP A 168 -23.55 56.91 41.34
CA TRP A 168 -22.59 57.98 41.55
C TRP A 168 -22.93 58.57 42.91
N VAL A 169 -22.03 58.37 43.85
CA VAL A 169 -22.25 58.73 45.25
C VAL A 169 -21.79 60.17 45.49
N HIS A 170 -22.73 61.02 45.86
CA HIS A 170 -22.52 62.44 46.04
C HIS A 170 -21.95 62.75 47.41
N LYS A 171 -20.90 63.54 47.41
CA LYS A 171 -20.37 64.13 48.62
C LYS A 171 -20.20 65.63 48.43
N LEU A 172 -20.92 66.37 49.24
CA LEU A 172 -20.85 67.82 49.21
C LEU A 172 -20.04 68.34 50.39
N THR A 173 -18.87 68.93 50.11
CA THR A 173 -18.05 69.47 51.17
C THR A 173 -18.30 70.95 51.33
N LEU A 174 -18.56 71.37 52.57
CA LEU A 174 -18.96 72.75 52.86
C LEU A 174 -18.10 73.37 53.93
N GLU A 175 -17.74 74.63 53.73
CA GLU A 175 -17.03 75.40 54.73
C GLU A 175 -17.97 76.45 55.24
N ILE A 176 -18.31 76.33 56.53
CA ILE A 176 -19.31 77.18 57.14
C ILE A 176 -18.61 78.23 58.00
N THR A 177 -18.97 79.51 57.77
CA THR A 177 -18.56 80.61 58.64
C THR A 177 -19.80 81.01 59.39
N ASP A 178 -19.80 80.79 60.70
CA ASP A 178 -20.94 81.17 61.53
C ASP A 178 -21.05 82.69 61.60
N PHE A 179 -22.17 83.14 62.16
CA PHE A 179 -22.43 84.56 62.40
C PHE A 179 -21.32 85.23 63.22
N ASP A 180 -20.71 84.45 64.10
CA ASP A 180 -19.69 84.99 64.99
C ASP A 180 -18.30 84.84 64.40
N GLY A 181 -18.23 84.37 63.16
CA GLY A 181 -16.96 84.29 62.44
C GLY A 181 -16.23 82.97 62.59
N SER A 182 -16.75 82.06 63.39
CA SER A 182 -16.02 80.78 63.49
C SER A 182 -16.28 79.89 62.27
N VAL A 183 -15.23 79.18 61.88
CA VAL A 183 -15.14 78.46 60.60
C VAL A 183 -15.08 76.96 60.92
N SER A 184 -15.80 76.17 60.12
CA SER A 184 -15.74 74.73 60.25
C SER A 184 -16.01 74.15 58.88
N THR A 185 -15.51 72.95 58.65
CA THR A 185 -15.73 72.25 57.37
C THR A 185 -16.49 70.96 57.63
N ILE A 186 -17.56 70.73 56.88
CA ILE A 186 -18.33 69.50 56.99
C ILE A 186 -18.48 68.84 55.62
N ASP A 187 -18.87 67.57 55.60
CA ASP A 187 -19.38 67.02 54.32
C ASP A 187 -20.75 66.36 54.46
N LEU A 188 -21.54 66.43 53.41
CA LEU A 188 -22.89 65.87 53.42
C LEU A 188 -23.09 64.95 52.23
N GLY A 189 -23.91 63.92 52.43
CA GLY A 189 -24.43 63.09 51.37
C GLY A 189 -25.88 63.44 51.14
N ALA A 190 -26.51 62.78 50.17
CA ALA A 190 -27.91 63.05 49.87
C ALA A 190 -28.85 62.93 51.09
N SER A 191 -28.59 61.99 51.99
CA SER A 191 -29.52 61.82 53.14
C SER A 191 -28.98 62.33 54.49
N SER A 192 -27.84 63.04 54.45
CA SER A 192 -27.08 63.35 55.66
C SER A 192 -27.57 64.60 56.37
N SER A 193 -27.29 64.66 57.66
CA SER A 193 -27.59 65.81 58.44
C SER A 193 -26.41 65.94 59.38
N ARG A 194 -25.98 67.18 59.66
CA ARG A 194 -24.93 67.42 60.67
C ARG A 194 -25.39 68.49 61.66
N PHE A 195 -25.14 68.25 62.94
CA PHE A 195 -25.29 69.28 63.94
C PHE A 195 -24.28 70.39 63.69
N THR A 196 -24.74 71.63 63.86
CA THR A 196 -23.87 72.79 63.78
C THR A 196 -24.02 73.54 65.08
N ASN A 197 -23.21 74.59 65.26
CA ASN A 197 -23.28 75.42 66.46
C ASN A 197 -24.65 76.05 66.66
N TRP A 198 -25.38 76.30 65.57
CA TRP A 198 -26.68 76.97 65.64
C TRP A 198 -27.91 76.06 65.42
N GLY A 199 -27.69 74.76 65.22
CA GLY A 199 -28.80 73.88 64.91
C GLY A 199 -28.28 72.72 64.13
N SER A 200 -28.65 72.64 62.86
CA SER A 200 -28.18 71.57 61.99
C SER A 200 -28.34 71.98 60.55
N VAL A 201 -27.66 71.26 59.67
CA VAL A 201 -27.78 71.49 58.26
C VAL A 201 -27.95 70.14 57.58
N SER A 202 -28.81 70.09 56.57
CA SER A 202 -28.90 68.91 55.72
C SER A 202 -29.19 69.29 54.28
N LEU A 203 -29.11 68.31 53.38
CA LEU A 203 -29.50 68.51 52.00
C LEU A 203 -30.98 68.24 51.90
N SER A 204 -31.74 69.28 51.61
CA SER A 204 -33.18 69.16 51.51
C SER A 204 -33.46 68.33 50.27
N LEU A 205 -32.93 68.80 49.16
CA LEU A 205 -33.07 68.12 47.90
C LEU A 205 -31.65 67.99 47.38
N ASP A 206 -31.35 66.86 46.77
CA ASP A 206 -30.05 66.65 46.15
C ASP A 206 -30.28 65.99 44.81
N ALA A 207 -30.08 66.75 43.73
CA ALA A 207 -30.24 66.20 42.41
C ALA A 207 -28.89 66.14 41.66
N GLU A 208 -27.79 66.35 42.38
CA GLU A 208 -26.45 66.18 41.81
C GLU A 208 -26.29 64.76 41.29
N GLY A 209 -25.86 64.66 40.05
CA GLY A 209 -25.64 63.37 39.44
C GLY A 209 -25.03 63.57 38.07
N ILE A 210 -24.79 62.46 37.41
CA ILE A 210 -24.27 62.47 36.05
C ILE A 210 -25.46 62.31 35.11
N SER A 211 -25.84 63.39 34.43
CA SER A 211 -26.87 63.29 33.40
C SER A 211 -26.33 62.52 32.20
N GLY A 212 -27.11 61.58 31.69
CA GLY A 212 -26.68 60.71 30.61
C GLY A 212 -25.65 59.69 31.04
N SER A 213 -25.63 59.36 32.33
CA SER A 213 -24.64 58.41 32.90
C SER A 213 -24.62 57.04 32.21
N ASN A 214 -25.80 56.57 31.81
CA ASN A 214 -25.94 55.30 31.06
C ASN A 214 -25.26 55.34 29.70
N SER A 215 -24.96 56.54 29.21
CA SER A 215 -24.20 56.68 27.98
C SER A 215 -22.68 56.91 28.17
N PHE A 216 -22.17 56.71 29.39
CA PHE A 216 -20.72 56.71 29.63
C PHE A 216 -20.24 55.33 30.13
N SER A 217 -18.99 55.01 29.82
CA SER A 217 -18.32 53.88 30.40
C SER A 217 -16.84 54.30 30.59
N PHE A 218 -16.04 53.47 31.25
CA PHE A 218 -14.72 53.89 31.65
C PHE A 218 -13.73 52.80 31.33
N ILE A 219 -12.45 53.18 31.22
CA ILE A 219 -11.36 52.24 30.99
C ILE A 219 -10.30 52.46 32.05
N GLU A 220 -9.82 51.35 32.63
CA GLU A 220 -8.67 51.40 33.48
C GLU A 220 -7.47 50.75 32.78
N SER A 221 -6.35 51.47 32.73
CA SER A 221 -5.06 50.90 32.33
C SER A 221 -4.25 50.74 33.63
N PRO A 222 -4.07 49.49 34.08
CA PRO A 222 -3.49 49.27 35.42
C PRO A 222 -2.14 49.95 35.55
N GLY A 223 -1.96 50.65 36.66
CA GLY A 223 -0.71 51.36 36.91
C GLY A 223 -0.56 52.66 36.14
N LYS A 224 -1.52 52.96 35.27
CA LYS A 224 -1.42 54.13 34.42
C LYS A 224 -2.52 55.19 34.69
N GLY A 225 -3.77 54.78 34.76
CA GLY A 225 -4.84 55.73 34.94
C GLY A 225 -6.08 55.31 34.20
N TYR A 226 -6.97 56.28 34.02
CA TYR A 226 -8.33 56.02 33.51
C TYR A 226 -8.66 56.88 32.31
N ALA A 227 -9.67 56.44 31.57
CA ALA A 227 -10.21 57.13 30.41
C ALA A 227 -11.74 57.07 30.48
N ILE A 228 -12.41 58.07 29.92
CA ILE A 228 -13.84 57.97 29.76
C ILE A 228 -14.11 57.54 28.31
N VAL A 229 -15.25 56.90 28.07
CA VAL A 229 -15.66 56.45 26.76
C VAL A 229 -17.07 57.02 26.54
N ASP A 230 -17.28 57.66 25.40
CA ASP A 230 -18.57 58.28 25.17
C ASP A 230 -19.57 57.33 24.53
N GLU A 231 -19.84 56.22 25.22
CA GLU A 231 -20.81 55.24 24.75
C GLU A 231 -21.27 54.41 25.93
N PRO A 232 -22.48 53.80 25.84
CA PRO A 232 -22.95 52.95 26.91
C PRO A 232 -22.09 51.72 27.00
N PHE A 233 -21.94 51.19 28.22
CA PHE A 233 -21.35 49.90 28.43
C PHE A 233 -22.07 48.81 27.63
N SER A 234 -21.31 47.93 27.01
CA SER A 234 -21.83 46.86 26.17
C SER A 234 -21.68 45.57 26.95
N GLU A 235 -22.79 44.89 27.25
CA GLU A 235 -22.74 43.66 28.03
C GLU A 235 -22.46 42.41 27.18
N ILE A 236 -22.53 42.57 25.86
CA ILE A 236 -22.33 41.50 24.90
C ILE A 236 -21.37 41.96 23.79
N PRO A 237 -20.40 41.11 23.40
CA PRO A 237 -19.53 41.49 22.28
C PRO A 237 -20.33 41.87 21.03
N ARG A 238 -19.98 43.00 20.46
CA ARG A 238 -20.65 43.47 19.26
C ARG A 238 -19.55 43.92 18.32
N GLN A 239 -19.49 43.29 17.15
CA GLN A 239 -18.48 43.61 16.12
C GLN A 239 -18.48 45.09 15.82
N GLY A 240 -17.29 45.69 15.80
CA GLY A 240 -17.16 47.12 15.52
C GLY A 240 -17.27 48.01 16.75
N PHE A 241 -17.37 47.42 17.93
CA PHE A 241 -17.43 48.18 19.19
C PHE A 241 -16.32 47.73 20.14
N LEU A 242 -15.93 48.63 21.05
CA LEU A 242 -15.09 48.24 22.18
C LEU A 242 -15.71 47.01 22.84
N GLY A 243 -14.90 46.03 23.23
CA GLY A 243 -15.47 44.84 23.86
C GLY A 243 -15.87 43.73 22.90
N GLU A 244 -15.66 43.94 21.59
CA GLU A 244 -15.96 42.89 20.61
C GLU A 244 -15.17 41.59 20.88
N ILE A 245 -13.96 41.74 21.44
CA ILE A 245 -13.22 40.63 22.06
C ILE A 245 -13.07 41.03 23.53
N ARG A 246 -13.40 40.11 24.43
CA ARG A 246 -13.34 40.45 25.86
C ARG A 246 -13.06 39.21 26.70
N CYS A 247 -12.40 39.43 27.84
CA CYS A 247 -11.96 38.35 28.71
C CYS A 247 -12.31 38.70 30.12
N ASN A 248 -12.29 37.68 30.98
CA ASN A 248 -12.68 37.90 32.35
C ASN A 248 -11.51 38.40 33.20
N SER A 249 -10.30 38.38 32.65
CA SER A 249 -9.11 38.79 33.41
C SER A 249 -8.04 39.43 32.55
N GLU A 250 -7.15 40.17 33.21
CA GLU A 250 -5.99 40.80 32.53
C GLU A 250 -5.12 39.73 31.91
N SER A 251 -4.81 38.66 32.66
CA SER A 251 -3.94 37.63 32.11
C SER A 251 -4.55 36.87 30.94
N SER A 252 -5.87 36.71 30.90
CA SER A 252 -6.52 36.01 29.80
C SER A 252 -6.50 36.82 28.48
N VAL A 253 -6.48 38.14 28.60
CA VAL A 253 -6.29 39.00 27.39
C VAL A 253 -4.88 38.72 26.87
N LEU A 254 -3.91 38.77 27.79
CA LEU A 254 -2.51 38.65 27.40
C LEU A 254 -2.18 37.29 26.76
N SER A 255 -2.74 36.20 27.28
CA SER A 255 -2.53 34.89 26.67
C SER A 255 -3.55 34.59 25.56
N ALA A 256 -4.46 35.52 25.26
CA ALA A 256 -5.56 35.27 24.30
C ALA A 256 -6.28 33.96 24.60
N HIS A 257 -6.64 33.78 25.87
CA HIS A 257 -7.11 32.45 26.33
C HIS A 257 -8.49 32.15 25.72
N GLU A 258 -8.76 30.88 25.46
CA GLU A 258 -10.05 30.48 24.83
C GLU A 258 -11.29 30.77 25.67
N SER A 259 -11.12 31.10 26.94
CA SER A 259 -12.29 31.54 27.74
C SER A 259 -12.80 32.90 27.28
N CYS A 260 -11.96 33.66 26.56
CA CYS A 260 -12.38 35.00 26.14
C CYS A 260 -13.58 34.85 25.23
N LEU A 261 -14.45 35.86 25.26
CA LEU A 261 -15.61 35.92 24.38
C LEU A 261 -15.30 36.77 23.17
N ARG A 262 -15.89 36.43 22.03
CA ARG A 262 -15.79 37.32 20.88
C ARG A 262 -17.01 37.29 19.98
N ALA A 263 -17.28 38.42 19.33
CA ALA A 263 -18.39 38.57 18.42
C ALA A 263 -18.13 37.70 17.20
N PRO A 264 -19.18 37.32 16.46
CA PRO A 264 -18.83 36.40 15.37
C PRO A 264 -18.18 37.08 14.17
N ASN A 265 -17.54 36.25 13.35
CA ASN A 265 -16.95 36.67 12.09
C ASN A 265 -16.02 37.88 12.15
N LEU A 266 -15.12 37.91 13.13
CA LEU A 266 -14.16 39.01 13.23
C LEU A 266 -12.94 38.93 12.30
N ILE A 267 -12.60 37.72 11.87
CA ILE A 267 -11.46 37.50 11.02
C ILE A 267 -11.95 37.31 9.59
N SER A 268 -11.36 38.06 8.66
CA SER A 268 -11.68 37.98 7.25
C SER A 268 -10.62 37.18 6.53
N TYR A 269 -11.06 36.39 5.57
CA TYR A 269 -10.16 35.50 4.84
C TYR A 269 -10.18 35.78 3.34
N LYS A 270 -8.99 35.72 2.74
CA LYS A 270 -8.84 35.84 1.30
C LYS A 270 -8.12 34.59 0.81
N PRO A 271 -8.89 33.51 0.57
CA PRO A 271 -8.29 32.30 0.04
C PRO A 271 -7.98 32.49 -1.45
N MET A 272 -6.77 32.12 -1.85
CA MET A 272 -6.25 32.40 -3.20
C MET A 272 -5.48 31.18 -3.70
N ILE A 273 -6.19 30.06 -3.87
CA ILE A 273 -5.59 28.78 -4.22
C ILE A 273 -4.68 28.22 -3.10
N ASP A 274 -3.37 28.43 -3.19
CA ASP A 274 -2.45 28.03 -2.10
C ASP A 274 -1.99 29.20 -1.21
N GLN A 275 -2.29 30.42 -1.64
CA GLN A 275 -2.07 31.61 -0.82
C GLN A 275 -3.30 31.86 0.03
N LEU A 276 -3.09 32.47 1.19
CA LEU A 276 -4.18 32.84 2.07
C LEU A 276 -3.78 34.07 2.83
N GLU A 277 -4.68 35.04 2.89
CA GLU A 277 -4.51 36.16 3.80
C GLU A 277 -5.66 36.17 4.80
N CYS A 278 -5.34 36.48 6.04
CA CYS A 278 -6.37 36.63 7.05
C CYS A 278 -6.10 37.94 7.76
N THR A 279 -7.15 38.72 7.99
CA THR A 279 -7.01 40.03 8.59
C THR A 279 -8.12 40.28 9.59
N THR A 280 -7.88 41.26 10.44
CA THR A 280 -8.91 41.78 11.31
C THR A 280 -9.00 43.29 11.08
N ASN A 281 -10.15 43.84 11.44
CA ASN A 281 -10.34 45.28 11.48
C ASN A 281 -10.93 45.64 12.85
N LEU A 282 -10.18 45.39 13.92
CA LEU A 282 -10.72 45.55 15.26
C LEU A 282 -10.58 46.97 15.78
N ILE A 283 -11.57 47.42 16.54
CA ILE A 283 -11.43 48.65 17.35
C ILE A 283 -10.18 48.55 18.22
N ASP A 284 -9.34 49.58 18.20
CA ASP A 284 -8.09 49.52 18.96
C ASP A 284 -8.40 50.15 20.30
N PRO A 285 -8.50 49.33 21.38
CA PRO A 285 -8.94 49.97 22.62
C PRO A 285 -7.91 50.93 23.25
N PHE A 286 -6.64 50.83 22.84
CA PHE A 286 -5.60 51.76 23.33
C PHE A 286 -5.76 53.15 22.71
N VAL A 287 -6.26 53.21 21.48
CA VAL A 287 -6.68 54.47 20.82
C VAL A 287 -7.89 55.09 21.55
N VAL A 288 -8.91 54.26 21.84
CA VAL A 288 -10.08 54.70 22.62
C VAL A 288 -9.65 55.25 23.99
N PHE A 289 -8.72 54.56 24.65
CA PHE A 289 -8.18 55.02 25.92
C PHE A 289 -7.58 56.42 25.76
N GLU A 290 -6.66 56.56 24.81
CA GLU A 290 -5.97 57.85 24.66
C GLU A 290 -6.96 58.98 24.29
N ARG A 291 -8.00 58.67 23.53
CA ARG A 291 -9.03 59.68 23.21
C ARG A 291 -9.78 60.19 24.45
N GLY A 292 -10.00 59.33 25.44
CA GLY A 292 -10.78 59.73 26.61
C GLY A 292 -9.98 59.86 27.88
N SER A 293 -8.66 59.92 27.76
CA SER A 293 -7.81 59.82 28.94
C SER A 293 -8.09 60.97 29.92
N LEU A 294 -8.29 60.62 31.19
CA LEU A 294 -8.66 61.60 32.24
C LEU A 294 -7.48 62.49 32.64
N PRO A 295 -7.76 63.74 33.06
CA PRO A 295 -9.09 64.40 33.21
C PRO A 295 -9.79 64.82 31.91
N GLN A 296 -11.13 64.80 31.92
CA GLN A 296 -11.94 65.18 30.76
C GLN A 296 -13.19 65.90 31.28
N THR A 297 -13.72 66.85 30.51
CA THR A 297 -15.00 67.51 30.84
C THR A 297 -16.11 66.97 29.98
N ARG A 298 -17.27 66.66 30.59
CA ARG A 298 -18.51 66.43 29.87
C ARG A 298 -19.60 67.17 30.62
N ASN A 299 -20.45 67.88 29.87
CA ASN A 299 -21.48 68.70 30.48
C ASN A 299 -20.83 69.72 31.43
N ASP A 300 -21.33 69.80 32.65
CA ASP A 300 -20.78 70.71 33.66
C ASP A 300 -19.93 69.92 34.69
N LYS A 301 -19.36 68.78 34.29
CA LYS A 301 -18.52 67.95 35.19
C LYS A 301 -17.08 67.76 34.69
N THR A 302 -16.13 67.66 35.61
CA THR A 302 -14.76 67.20 35.31
C THR A 302 -14.60 65.78 35.89
N PHE A 303 -14.26 64.81 35.05
CA PHE A 303 -14.02 63.42 35.47
C PHE A 303 -12.53 63.30 35.63
N ALA A 304 -12.11 62.74 36.76
CA ALA A 304 -10.70 62.63 37.10
C ALA A 304 -10.56 61.33 37.89
N ALA A 305 -9.36 60.76 37.86
CA ALA A 305 -9.05 59.64 38.77
C ALA A 305 -9.05 60.11 40.23
N SER A 306 -9.61 59.29 41.12
CA SER A 306 -9.46 59.50 42.57
C SER A 306 -7.99 59.53 42.95
N LYS A 307 -7.62 60.54 43.73
CA LYS A 307 -6.30 60.63 44.31
C LYS A 307 -6.29 59.63 45.46
N GLY A 308 -5.36 58.67 45.40
CA GLY A 308 -5.30 57.61 46.40
C GLY A 308 -5.98 56.35 45.92
N ASN A 309 -6.73 55.70 46.82
CA ASN A 309 -7.42 54.45 46.47
C ASN A 309 -8.26 54.66 45.21
N ARG A 310 -7.82 54.01 44.14
CA ARG A 310 -8.23 54.43 42.81
C ARG A 310 -9.60 53.99 42.33
N GLY A 311 -10.26 54.98 41.72
CA GLY A 311 -11.49 54.82 40.98
C GLY A 311 -11.67 56.17 40.28
N VAL A 312 -12.82 56.35 39.65
CA VAL A 312 -13.12 57.60 38.98
C VAL A 312 -14.13 58.43 39.79
N GLN A 313 -14.01 59.75 39.64
CA GLN A 313 -14.85 60.73 40.34
C GLN A 313 -15.17 61.82 39.33
N ALA A 314 -16.29 62.50 39.55
CA ALA A 314 -16.64 63.66 38.75
C ALA A 314 -16.88 64.83 39.69
N PHE A 315 -16.44 66.03 39.28
CA PHE A 315 -16.61 67.24 40.08
C PHE A 315 -17.46 68.24 39.34
N SER A 316 -18.43 68.83 40.03
CA SER A 316 -19.25 69.90 39.45
C SER A 316 -18.38 71.12 39.24
N LYS A 317 -18.66 71.87 38.18
CA LYS A 317 -17.82 73.03 37.85
C LYS A 317 -18.51 74.36 38.16
N GLY A 318 -19.84 74.37 38.10
CA GLY A 318 -20.63 75.60 38.27
C GLY A 318 -21.71 75.47 39.34
N SER A 319 -22.98 75.51 38.91
CA SER A 319 -24.09 75.35 39.86
C SER A 319 -24.06 73.98 40.53
N VAL A 320 -24.58 73.94 41.74
CA VAL A 320 -24.74 72.69 42.45
C VAL A 320 -26.22 72.47 42.65
N GLN A 321 -26.72 71.34 42.15
CA GLN A 321 -28.16 71.08 42.16
C GLN A 321 -28.63 70.53 43.50
N ALA A 322 -28.57 71.38 44.52
CA ALA A 322 -28.90 70.97 45.88
C ALA A 322 -29.37 72.18 46.70
N ASP A 323 -30.33 71.93 47.59
CA ASP A 323 -30.82 72.93 48.51
C ASP A 323 -30.33 72.53 49.87
N LEU A 324 -29.89 73.52 50.64
CA LEU A 324 -29.52 73.31 52.02
C LEU A 324 -30.71 73.67 52.89
N THR A 325 -31.03 72.79 53.82
CA THR A 325 -32.01 73.10 54.84
C THR A 325 -31.28 73.48 56.09
N LEU A 326 -31.43 74.72 56.51
CA LEU A 326 -30.77 75.24 57.69
C LEU A 326 -31.76 75.26 58.84
N MET A 327 -31.50 74.47 59.88
CA MET A 327 -32.39 74.45 61.05
C MET A 327 -31.71 75.25 62.16
N PHE A 328 -32.39 76.29 62.64
CA PHE A 328 -31.86 77.11 63.72
C PHE A 328 -32.58 76.75 65.00
N ASP A 329 -31.83 76.41 66.04
CA ASP A 329 -32.42 75.94 67.31
C ASP A 329 -32.27 77.03 68.35
N ASN A 330 -33.21 77.96 68.35
CA ASN A 330 -33.22 79.07 69.26
C ASN A 330 -31.84 79.70 69.46
N PHE A 331 -31.20 80.08 68.35
CA PHE A 331 -29.80 80.48 68.41
C PHE A 331 -29.68 82.00 68.46
N GLU A 332 -28.90 82.49 69.43
CA GLU A 332 -28.71 83.92 69.65
C GLU A 332 -27.56 84.49 68.83
N VAL A 333 -27.80 85.68 68.29
CA VAL A 333 -26.81 86.41 67.53
C VAL A 333 -26.83 87.85 68.05
N ASP A 334 -25.65 88.44 68.23
CA ASP A 334 -25.55 89.87 68.56
C ASP A 334 -24.95 90.68 67.40
N PHE A 335 -24.90 92.00 67.56
CA PHE A 335 -24.43 92.88 66.50
C PHE A 335 -23.19 93.70 66.93
N VAL A 336 -22.36 93.09 67.76
CA VAL A 336 -21.16 93.70 68.34
C VAL A 336 -20.01 93.79 67.33
N GLY A 337 -19.33 94.94 67.33
CA GLY A 337 -18.13 95.18 66.49
C GLY A 337 -18.13 96.58 65.92
N ALA A 338 -16.95 97.19 65.78
CA ALA A 338 -16.87 98.51 65.14
C ALA A 338 -16.82 98.34 63.62
N ALA A 339 -17.58 99.19 62.94
CA ALA A 339 -17.59 99.21 61.49
C ALA A 339 -16.27 99.84 60.96
N VAL A 340 -15.72 99.32 59.87
CA VAL A 340 -14.58 99.94 59.19
C VAL A 340 -15.05 100.28 57.76
N SER A 341 -14.35 101.15 57.04
CA SER A 341 -14.82 101.50 55.72
C SER A 341 -14.56 100.36 54.73
N CYS A 342 -15.25 100.43 53.60
CA CYS A 342 -14.97 99.54 52.50
C CYS A 342 -14.90 100.33 51.20
N ASP A 343 -14.30 99.72 50.20
CA ASP A 343 -14.35 100.22 48.83
C ASP A 343 -15.17 99.20 48.05
N ALA A 344 -16.00 99.69 47.14
CA ALA A 344 -16.81 98.80 46.32
C ALA A 344 -16.85 99.28 44.88
N ALA A 345 -16.96 98.32 43.96
CA ALA A 345 -17.17 98.61 42.55
C ALA A 345 -18.25 97.72 41.99
N PHE A 346 -18.96 98.26 41.01
CA PHE A 346 -20.00 97.53 40.35
C PHE A 346 -19.39 96.51 39.42
N LEU A 347 -19.93 95.30 39.44
CA LEU A 347 -19.44 94.26 38.53
C LEU A 347 -20.46 94.04 37.44
N ASN A 348 -21.66 93.57 37.79
CA ASN A 348 -22.65 93.32 36.75
C ASN A 348 -24.06 93.25 37.31
N LEU A 349 -25.04 93.35 36.41
CA LEU A 349 -26.48 93.23 36.71
C LEU A 349 -27.13 92.42 35.59
N THR A 350 -27.67 91.27 35.97
CA THR A 350 -28.00 90.19 35.07
C THR A 350 -29.34 89.58 35.49
N GLY A 351 -30.18 89.26 34.51
CA GLY A 351 -31.43 88.54 34.77
C GLY A 351 -32.63 89.22 34.13
N CYS A 352 -33.76 89.17 34.83
CA CYS A 352 -35.01 89.67 34.27
C CYS A 352 -35.59 90.82 35.07
N TYR A 353 -36.56 91.53 34.49
CA TYR A 353 -37.33 92.52 35.24
C TYR A 353 -38.80 92.09 35.39
N SER A 354 -39.47 92.64 36.40
CA SER A 354 -40.86 92.29 36.73
C SER A 354 -41.12 90.78 36.77
N CYS A 355 -40.16 90.04 37.32
CA CYS A 355 -40.23 88.59 37.42
C CYS A 355 -40.01 88.23 38.88
N ASN A 356 -40.31 86.98 39.25
CA ASN A 356 -40.04 86.51 40.61
C ASN A 356 -38.55 86.33 40.85
N ALA A 357 -37.85 85.80 39.86
CA ALA A 357 -36.42 85.50 40.00
C ALA A 357 -35.63 86.79 40.27
N GLY A 358 -36.08 87.88 39.65
CA GLY A 358 -35.44 89.18 39.76
C GLY A 358 -34.12 89.21 39.02
N ALA A 359 -33.31 90.21 39.34
CA ALA A 359 -32.03 90.44 38.70
C ALA A 359 -30.92 90.34 39.77
N ARG A 360 -29.83 89.70 39.41
CA ARG A 360 -28.70 89.55 40.32
C ARG A 360 -27.69 90.67 40.10
N VAL A 361 -27.43 91.47 41.14
CA VAL A 361 -26.40 92.49 41.08
C VAL A 361 -25.16 91.94 41.82
N CYS A 362 -23.99 92.17 41.26
CA CYS A 362 -22.74 91.71 41.83
C CYS A 362 -21.80 92.89 42.01
N LEU A 363 -21.20 92.97 43.20
CA LEU A 363 -20.25 94.04 43.54
C LEU A 363 -18.95 93.44 43.98
N SER A 364 -17.82 94.10 43.67
CA SER A 364 -16.55 93.77 44.30
C SER A 364 -16.41 94.64 45.54
N ILE A 365 -16.16 94.03 46.71
CA ILE A 365 -16.13 94.75 47.98
C ILE A 365 -14.80 94.48 48.68
N THR A 366 -14.08 95.53 49.06
CA THR A 366 -12.73 95.43 49.66
C THR A 366 -12.77 96.10 51.02
N SER A 367 -12.30 95.41 52.06
CA SER A 367 -12.24 95.99 53.40
C SER A 367 -11.07 95.38 54.22
N THR A 368 -11.00 95.72 55.50
CA THR A 368 -9.99 95.23 56.41
C THR A 368 -10.59 94.47 57.58
N GLY A 369 -11.90 94.24 57.55
CA GLY A 369 -12.54 93.49 58.62
C GLY A 369 -13.95 93.09 58.21
N THR A 370 -14.61 92.30 59.05
CA THR A 370 -15.95 91.79 58.71
C THR A 370 -17.00 92.86 58.98
N GLY A 371 -17.97 92.97 58.09
CA GLY A 371 -19.03 93.93 58.25
C GLY A 371 -20.11 93.72 57.21
N SER A 372 -20.84 94.80 56.94
CA SER A 372 -21.85 94.84 55.93
C SER A 372 -21.72 96.11 55.13
N LEU A 373 -21.80 95.98 53.81
CA LEU A 373 -22.00 97.13 52.93
C LEU A 373 -23.51 97.36 52.85
N SER A 374 -23.95 98.61 52.99
CA SER A 374 -25.34 99.04 52.75
C SER A 374 -25.36 100.10 51.68
N ALA A 375 -26.27 99.97 50.74
CA ALA A 375 -26.38 100.92 49.66
C ALA A 375 -27.84 101.17 49.37
N HIS A 376 -28.17 102.40 48.99
CA HIS A 376 -29.56 102.73 48.64
C HIS A 376 -29.52 103.60 47.38
N ASN A 377 -30.58 103.54 46.57
CA ASN A 377 -30.75 104.48 45.46
C ASN A 377 -31.31 105.81 45.97
N LYS A 378 -31.46 106.77 45.06
CA LYS A 378 -31.90 108.12 45.41
C LYS A 378 -33.16 108.17 46.28
N ASP A 379 -34.16 107.38 45.93
CA ASP A 379 -35.47 107.47 46.60
C ASP A 379 -35.73 106.42 47.68
N GLY A 380 -34.73 105.59 47.99
CA GLY A 380 -34.88 104.58 49.04
C GLY A 380 -35.78 103.41 48.68
N SER A 381 -36.06 103.24 47.38
CA SER A 381 -36.90 102.14 46.91
C SER A 381 -36.09 100.86 46.74
N LEU A 382 -34.79 101.01 46.45
CA LEU A 382 -33.88 99.84 46.36
C LEU A 382 -32.78 99.87 47.40
N HIS A 383 -32.47 98.70 47.97
CA HIS A 383 -31.44 98.59 48.99
C HIS A 383 -30.60 97.39 48.68
N ILE A 384 -29.30 97.55 48.88
CA ILE A 384 -28.32 96.46 48.73
C ILE A 384 -27.68 96.34 50.11
N VAL A 385 -27.59 95.10 50.61
CA VAL A 385 -26.87 94.81 51.84
C VAL A 385 -26.08 93.54 51.58
N LEU A 386 -24.74 93.64 51.61
CA LEU A 386 -23.86 92.53 51.26
C LEU A 386 -22.73 92.43 52.26
N PRO A 387 -22.12 91.25 52.40
CA PRO A 387 -21.03 91.13 53.40
C PRO A 387 -19.79 91.92 53.03
N SER A 388 -19.11 92.50 54.02
CA SER A 388 -17.75 93.02 53.78
C SER A 388 -16.78 92.19 54.61
N GLU A 389 -15.55 91.99 54.10
CA GLU A 389 -14.54 91.17 54.79
C GLU A 389 -13.15 91.78 54.74
N ASN A 390 -12.23 91.25 55.54
CA ASN A 390 -10.80 91.58 55.36
C ASN A 390 -10.35 91.01 54.00
N GLY A 391 -9.88 91.86 53.08
CA GLY A 391 -9.61 91.38 51.71
C GLY A 391 -10.74 91.76 50.76
N THR A 392 -10.82 91.09 49.61
CA THR A 392 -11.80 91.44 48.55
C THR A 392 -12.62 90.25 48.16
N LYS A 393 -13.93 90.44 48.01
CA LYS A 393 -14.79 89.39 47.56
C LYS A 393 -15.79 89.98 46.58
N ASP A 394 -16.21 89.16 45.62
CA ASP A 394 -17.40 89.45 44.80
C ASP A 394 -18.66 88.94 45.51
N GLN A 395 -19.62 89.84 45.71
CA GLN A 395 -20.81 89.57 46.49
C GLN A 395 -22.03 89.90 45.65
N CYS A 396 -23.05 89.06 45.72
CA CYS A 396 -24.20 89.24 44.83
C CYS A 396 -25.51 89.06 45.57
N GLN A 397 -26.53 89.80 45.14
CA GLN A 397 -27.88 89.62 45.70
C GLN A 397 -28.89 89.86 44.60
N ILE A 398 -30.16 89.62 44.92
CA ILE A 398 -31.23 89.88 43.98
C ILE A 398 -31.75 91.30 44.18
N LEU A 399 -32.00 91.98 43.07
CA LEU A 399 -32.69 93.26 43.08
C LEU A 399 -33.91 93.20 42.15
N HIS A 400 -35.01 93.85 42.53
CA HIS A 400 -36.22 93.84 41.73
C HIS A 400 -36.44 95.16 40.99
N PHE A 401 -36.25 95.10 39.68
CA PHE A 401 -36.48 96.26 38.81
C PHE A 401 -37.74 96.05 37.97
N THR A 402 -38.35 97.16 37.53
CA THR A 402 -39.59 97.11 36.74
C THR A 402 -39.41 97.76 35.37
N VAL A 403 -38.19 97.72 34.85
CA VAL A 403 -37.82 98.41 33.61
C VAL A 403 -36.60 97.67 33.00
N PRO A 404 -36.57 97.48 31.66
CA PRO A 404 -35.46 96.74 31.04
C PRO A 404 -34.15 97.52 30.95
N GLU A 405 -34.23 98.84 30.94
CA GLU A 405 -33.06 99.69 30.87
C GLU A 405 -32.76 100.21 32.26
N VAL A 406 -31.70 99.66 32.87
CA VAL A 406 -31.35 100.04 34.24
C VAL A 406 -30.09 100.92 34.26
N GLU A 407 -30.22 102.07 34.90
CA GLU A 407 -29.09 102.94 35.13
C GLU A 407 -29.35 103.66 36.45
N GLU A 408 -28.91 103.05 37.54
CA GLU A 408 -29.37 103.42 38.87
C GLU A 408 -28.20 103.81 39.75
N GLU A 409 -28.22 105.05 40.26
CA GLU A 409 -27.15 105.48 41.15
C GLU A 409 -27.44 105.13 42.60
N PHE A 410 -26.50 104.39 43.19
CA PHE A 410 -26.55 104.04 44.60
C PHE A 410 -25.47 104.79 45.37
N MET A 411 -25.73 105.05 46.64
CA MET A 411 -24.70 105.48 47.56
C MET A 411 -24.44 104.34 48.57
N TYR A 412 -23.18 103.93 48.73
CA TYR A 412 -22.88 102.76 49.57
C TYR A 412 -21.91 103.14 50.67
N SER A 413 -21.93 102.40 51.78
CA SER A 413 -20.83 102.44 52.75
C SER A 413 -20.89 101.23 53.67
N CYS A 414 -19.78 100.97 54.35
CA CYS A 414 -19.71 99.98 55.43
C CYS A 414 -19.66 100.64 56.82
N ASP A 415 -19.38 101.94 56.84
CA ASP A 415 -19.23 102.71 58.08
C ASP A 415 -20.07 104.01 58.14
N GLY A 416 -21.03 104.17 57.23
CA GLY A 416 -21.84 105.40 57.16
C GLY A 416 -21.30 106.47 56.19
N ASP A 417 -20.04 106.35 55.81
CA ASP A 417 -19.35 107.35 54.98
C ASP A 417 -19.53 107.02 53.49
N GLU A 418 -20.62 107.52 52.91
CA GLU A 418 -21.10 107.09 51.61
C GLU A 418 -20.32 107.55 50.38
N ARG A 419 -20.23 106.65 49.40
CA ARG A 419 -19.60 106.93 48.11
C ARG A 419 -20.55 106.43 47.05
N PRO A 420 -20.47 106.99 45.83
CA PRO A 420 -21.38 106.60 44.77
C PRO A 420 -20.97 105.31 44.03
N LEU A 421 -21.96 104.63 43.49
CA LEU A 421 -21.75 103.41 42.73
C LEU A 421 -22.89 103.34 41.72
N LEU A 422 -22.55 103.15 40.46
CA LEU A 422 -23.56 103.13 39.42
C LEU A 422 -23.87 101.70 39.03
N VAL A 423 -25.12 101.26 39.22
CA VAL A 423 -25.49 99.95 38.69
C VAL A 423 -26.32 100.10 37.40
N LYS A 424 -25.84 99.44 36.37
CA LYS A 424 -26.53 99.45 35.09
C LYS A 424 -26.50 98.09 34.43
N GLY A 425 -27.48 97.85 33.57
CA GLY A 425 -27.52 96.64 32.78
C GLY A 425 -28.81 96.62 31.99
N THR A 426 -29.00 95.55 31.25
CA THR A 426 -30.26 95.32 30.56
C THR A 426 -30.85 93.98 30.97
N LEU A 427 -32.09 94.02 31.43
CA LEU A 427 -32.79 92.83 31.89
C LEU A 427 -33.86 92.42 30.89
N ILE A 428 -34.10 91.12 30.80
CA ILE A 428 -35.09 90.59 29.86
C ILE A 428 -36.48 90.46 30.49
N ALA A 429 -37.51 90.48 29.65
CA ALA A 429 -38.88 90.19 30.09
C ALA A 429 -39.17 88.71 29.85
N ILE A 430 -39.93 88.10 30.77
CA ILE A 430 -40.30 86.69 30.64
C ILE A 430 -41.75 86.50 30.16
N ASP A 431 -41.99 85.39 29.46
CA ASP A 431 -43.33 84.84 29.17
C ASP A 431 -43.24 83.64 28.24
N ASP B 1 4.82 28.60 -23.73
CA ASP B 1 5.72 27.55 -23.17
C ASP B 1 4.99 26.24 -22.82
N PRO B 2 3.75 26.31 -22.29
CA PRO B 2 3.02 25.06 -22.06
C PRO B 2 2.25 24.57 -23.28
N GLY B 3 2.17 23.25 -23.42
CA GLY B 3 1.36 22.62 -24.47
C GLY B 3 0.16 21.92 -23.89
N CYS B 4 0.03 20.62 -24.20
CA CYS B 4 -1.11 19.80 -23.77
C CYS B 4 -1.08 19.48 -22.27
N SER B 5 -1.95 20.15 -21.51
CA SER B 5 -2.21 19.82 -20.12
C SER B 5 -3.24 18.69 -20.04
N GLU B 6 -4.27 18.80 -20.86
CA GLU B 6 -5.28 17.74 -21.03
C GLU B 6 -5.02 17.02 -22.35
N LEU B 7 -4.78 15.72 -22.29
CA LEU B 7 -4.71 14.89 -23.49
C LEU B 7 -5.67 13.71 -23.42
N ILE B 8 -6.60 13.67 -24.36
CA ILE B 8 -7.43 12.49 -24.53
C ILE B 8 -7.15 11.86 -25.91
N GLN B 9 -7.45 10.57 -26.01
CA GLN B 9 -7.29 9.83 -27.27
C GLN B 9 -8.64 9.66 -27.96
N ALA B 10 -8.66 9.94 -29.26
CA ALA B 10 -9.89 9.78 -30.04
C ALA B 10 -10.39 8.34 -29.92
N SER B 11 -11.58 8.20 -29.35
CA SER B 11 -12.22 6.91 -29.13
C SER B 11 -12.32 6.12 -30.44
N SER B 12 -11.97 4.83 -30.38
CA SER B 12 -12.11 3.94 -31.53
C SER B 12 -13.57 3.85 -31.98
N ARG B 13 -14.46 4.31 -31.10
CA ARG B 13 -15.90 4.37 -31.33
C ARG B 13 -16.25 5.37 -32.43
N ILE B 14 -15.63 6.55 -32.37
CA ILE B 14 -15.87 7.62 -33.35
C ILE B 14 -14.84 7.59 -34.48
N THR B 15 -13.99 6.57 -34.46
CA THR B 15 -12.88 6.44 -35.41
C THR B 15 -13.07 5.24 -36.35
N THR B 16 -12.79 5.46 -37.63
CA THR B 16 -12.70 4.40 -38.63
C THR B 16 -11.57 4.72 -39.61
N CYS B 17 -10.66 3.76 -39.79
CA CYS B 17 -9.48 3.92 -40.65
C CYS B 17 -9.27 2.73 -41.60
N SER B 18 -8.51 2.94 -42.67
CA SER B 18 -8.07 1.85 -43.56
C SER B 18 -6.87 2.26 -44.42
N THR B 19 -6.35 1.29 -45.18
CA THR B 19 -5.22 1.50 -46.08
C THR B 19 -5.55 0.96 -47.48
N GLU B 20 -6.24 1.78 -48.28
CA GLU B 20 -6.52 1.40 -49.65
C GLU B 20 -5.52 2.08 -50.58
N GLY B 21 -4.37 1.45 -50.76
CA GLY B 21 -3.36 1.93 -51.69
C GLY B 21 -2.06 2.36 -51.06
N VAL B 22 -1.54 3.49 -51.52
CA VAL B 22 -0.18 3.95 -51.21
C VAL B 22 0.01 4.45 -49.76
N ASN B 23 -1.09 4.72 -49.07
CA ASN B 23 -1.05 5.14 -47.65
C ASN B 23 -2.35 4.88 -46.89
N THR B 24 -2.44 5.43 -45.68
CA THR B 24 -3.62 5.25 -44.82
C THR B 24 -4.27 6.60 -44.49
N LYS B 25 -5.59 6.64 -44.47
CA LYS B 25 -6.36 7.85 -44.12
C LYS B 25 -7.40 7.50 -43.06
N CYS B 26 -7.74 8.45 -42.19
CA CYS B 26 -8.69 8.21 -41.09
C CYS B 26 -9.90 9.15 -41.10
N ARG B 27 -11.03 8.64 -40.62
CA ARG B 27 -12.30 9.38 -40.60
C ARG B 27 -12.89 9.48 -39.20
N LEU B 28 -13.10 10.72 -38.73
CA LEU B 28 -13.71 11.00 -37.42
C LEU B 28 -15.18 11.38 -37.56
N SER B 29 -16.04 10.71 -36.79
CA SER B 29 -17.48 10.92 -36.87
C SER B 29 -18.16 10.76 -35.51
N GLY B 30 -18.73 11.85 -35.00
CA GLY B 30 -19.39 11.84 -33.70
C GLY B 30 -18.88 12.92 -32.75
N THR B 31 -19.30 12.85 -31.49
CA THR B 31 -18.89 13.81 -30.45
C THR B 31 -17.72 13.30 -29.59
N ALA B 32 -17.05 14.23 -28.92
CA ALA B 32 -15.97 13.93 -27.97
C ALA B 32 -15.91 15.04 -26.93
N LEU B 33 -16.14 14.66 -25.67
CA LEU B 33 -16.09 15.61 -24.55
C LEU B 33 -14.65 15.76 -24.06
N ILE B 34 -14.21 17.01 -23.91
CA ILE B 34 -12.88 17.31 -23.41
C ILE B 34 -12.93 18.50 -22.45
N ARG B 35 -12.16 18.42 -21.37
CA ARG B 35 -12.02 19.55 -20.44
C ARG B 35 -11.21 20.65 -21.10
N ALA B 36 -11.65 21.89 -20.92
CA ALA B 36 -10.91 23.04 -21.44
C ALA B 36 -9.52 23.03 -20.84
N GLY B 37 -8.55 23.49 -21.61
CA GLY B 37 -7.17 23.54 -21.12
C GLY B 37 -7.08 24.68 -20.11
N SER B 38 -6.18 24.55 -19.14
CA SER B 38 -5.89 25.67 -18.24
C SER B 38 -5.44 26.87 -19.06
N VAL B 39 -5.64 28.07 -18.51
CA VAL B 39 -5.37 29.29 -19.26
C VAL B 39 -3.92 29.28 -19.75
N GLY B 40 -3.72 29.58 -21.03
CA GLY B 40 -2.41 29.48 -21.64
C GLY B 40 -2.07 28.11 -22.20
N ALA B 41 -2.55 27.06 -21.55
CA ALA B 41 -2.30 25.66 -21.97
C ALA B 41 -3.35 25.14 -22.98
N GLU B 42 -3.13 23.92 -23.45
CA GLU B 42 -3.96 23.32 -24.50
C GLU B 42 -4.68 22.06 -24.04
N ALA B 43 -5.95 21.95 -24.46
CA ALA B 43 -6.65 20.68 -24.45
C ALA B 43 -6.34 20.00 -25.78
N CYS B 44 -6.07 18.71 -25.75
CA CYS B 44 -5.55 18.01 -26.93
C CYS B 44 -6.25 16.68 -27.18
N LEU B 45 -6.55 16.42 -28.46
CA LEU B 45 -7.15 15.15 -28.87
C LEU B 45 -6.21 14.44 -29.84
N MET B 46 -5.83 13.22 -29.47
CA MET B 46 -4.93 12.43 -30.29
C MET B 46 -5.66 11.44 -31.19
N LEU B 47 -5.36 11.52 -32.50
CA LEU B 47 -5.86 10.55 -33.47
C LEU B 47 -4.85 9.45 -33.75
N LYS B 48 -5.25 8.22 -33.44
CA LYS B 48 -4.44 7.01 -33.65
C LYS B 48 -4.69 6.40 -35.03
N GLY B 49 -3.66 6.43 -35.87
CA GLY B 49 -3.69 5.77 -37.18
C GLY B 49 -3.52 4.27 -37.03
N VAL B 50 -3.60 3.55 -38.15
CA VAL B 50 -3.55 2.08 -38.12
C VAL B 50 -2.17 1.50 -37.79
N LYS B 51 -1.11 2.27 -38.05
CA LYS B 51 0.24 1.90 -37.62
C LYS B 51 0.53 2.46 -36.22
N GLU B 52 1.80 2.48 -35.84
CA GLU B 52 2.24 3.17 -34.62
C GLU B 52 2.84 4.53 -34.96
N ASP B 53 3.42 4.62 -36.17
CA ASP B 53 4.03 5.85 -36.66
C ASP B 53 3.00 6.86 -37.19
N GLN B 54 1.73 6.47 -37.16
CA GLN B 54 0.63 7.33 -37.62
C GLN B 54 -0.19 7.89 -36.46
N THR B 55 0.08 9.15 -36.12
CA THR B 55 -0.61 9.85 -35.04
C THR B 55 -0.78 11.34 -35.34
N LYS B 56 -2.00 11.84 -35.16
CA LYS B 56 -2.32 13.26 -35.38
C LYS B 56 -2.97 13.89 -34.15
N PHE B 57 -2.75 15.20 -33.97
CA PHE B 57 -3.29 15.91 -32.80
C PHE B 57 -4.21 17.07 -33.17
N LEU B 58 -5.34 17.17 -32.48
CA LEU B 58 -6.14 18.40 -32.49
C LEU B 58 -5.84 19.19 -31.21
N LYS B 59 -5.35 20.41 -31.37
CA LYS B 59 -4.89 21.23 -30.25
C LYS B 59 -5.78 22.44 -30.05
N ILE B 60 -6.24 22.65 -28.83
CA ILE B 60 -7.12 23.79 -28.52
C ILE B 60 -6.60 24.54 -27.28
N LYS B 61 -5.97 25.68 -27.53
CA LYS B 61 -5.39 26.50 -26.48
C LYS B 61 -6.47 27.38 -25.84
N THR B 62 -6.44 27.49 -24.52
CA THR B 62 -7.23 28.52 -23.83
C THR B 62 -6.39 29.79 -23.78
N VAL B 63 -6.77 30.78 -24.58
CA VAL B 63 -6.04 32.05 -24.61
C VAL B 63 -6.42 32.87 -23.38
N SER B 64 -7.72 32.94 -23.09
CA SER B 64 -8.20 33.59 -21.88
C SER B 64 -9.58 33.11 -21.51
N SER B 65 -9.85 33.07 -20.21
CA SER B 65 -11.19 32.92 -19.68
C SER B 65 -11.55 34.17 -18.89
N GLU B 66 -12.54 34.89 -19.41
CA GLU B 66 -12.79 36.27 -19.07
C GLU B 66 -14.22 36.43 -18.61
N LEU B 67 -14.41 37.24 -17.57
CA LEU B 67 -15.73 37.53 -17.04
C LEU B 67 -15.89 39.03 -16.85
N SER B 68 -16.87 39.60 -17.54
CA SER B 68 -17.09 41.03 -17.54
C SER B 68 -18.23 41.41 -16.60
N CYS B 69 -18.00 42.42 -15.77
CA CYS B 69 -19.02 42.87 -14.83
C CYS B 69 -20.09 43.73 -15.50
N ARG B 70 -21.33 43.24 -15.44
CA ARG B 70 -22.48 44.05 -15.80
C ARG B 70 -22.94 44.75 -14.53
N GLU B 71 -22.68 46.07 -14.49
CA GLU B 71 -22.94 46.89 -13.32
C GLU B 71 -24.44 47.00 -13.05
N GLY B 72 -24.79 47.01 -11.76
CA GLY B 72 -26.19 47.07 -11.32
C GLY B 72 -26.53 48.41 -10.68
N GLN B 73 -26.72 48.40 -9.37
CA GLN B 73 -26.94 49.63 -8.59
C GLN B 73 -25.63 50.38 -8.36
N SER B 74 -25.73 51.68 -8.11
CA SER B 74 -24.58 52.54 -7.92
C SER B 74 -24.90 53.68 -6.94
N TYR B 75 -23.89 54.18 -6.22
CA TYR B 75 -24.01 55.44 -5.45
C TYR B 75 -22.67 56.15 -5.40
N TRP B 76 -22.69 57.44 -5.11
CA TRP B 76 -21.46 58.20 -4.92
C TRP B 76 -21.25 58.47 -3.43
N THR B 77 -20.00 58.44 -3.01
CA THR B 77 -19.65 58.82 -1.64
C THR B 77 -18.34 59.60 -1.65
N GLY B 78 -17.95 60.10 -0.48
CA GLY B 78 -16.74 60.89 -0.34
C GLY B 78 -16.42 61.15 1.13
N SER B 79 -15.67 62.23 1.37
CA SER B 79 -15.19 62.55 2.71
C SER B 79 -15.80 63.83 3.28
N PHE B 80 -16.40 63.69 4.45
CA PHE B 80 -17.13 64.77 5.09
C PHE B 80 -16.66 65.02 6.52
N SER B 81 -17.01 66.19 7.04
CA SER B 81 -16.58 66.66 8.35
C SER B 81 -17.63 67.64 8.84
N PRO B 82 -17.98 67.60 10.15
CA PRO B 82 -19.05 68.49 10.61
C PRO B 82 -18.57 69.88 10.99
N LYS B 83 -19.43 70.87 10.79
CA LYS B 83 -19.24 72.19 11.36
C LYS B 83 -20.51 72.51 12.10
N CYS B 84 -20.34 72.94 13.34
CA CYS B 84 -21.48 73.19 14.20
C CYS B 84 -21.42 74.56 14.86
N LEU B 85 -22.60 75.16 15.03
CA LEU B 85 -22.74 76.39 15.77
C LEU B 85 -23.59 76.09 16.97
N SER B 86 -23.35 76.80 18.07
CA SER B 86 -24.14 76.60 19.26
C SER B 86 -24.49 77.91 19.94
N SER B 87 -25.61 77.89 20.68
CA SER B 87 -26.05 79.05 21.45
C SER B 87 -26.91 78.56 22.60
N ARG B 88 -26.53 78.94 23.82
CA ARG B 88 -27.23 78.52 25.02
C ARG B 88 -28.14 79.61 25.54
N ARG B 89 -29.40 79.26 25.82
CA ARG B 89 -30.32 80.16 26.50
C ARG B 89 -30.76 79.56 27.82
N CYS B 90 -30.88 80.42 28.82
CA CYS B 90 -31.45 80.04 30.11
C CYS B 90 -32.89 79.55 30.00
N HIS B 91 -33.31 78.76 30.98
CA HIS B 91 -34.68 78.27 31.06
C HIS B 91 -35.68 79.44 31.17
N LEU B 92 -36.79 79.31 30.45
CA LEU B 92 -37.83 80.34 30.29
C LEU B 92 -37.47 81.47 29.32
N VAL B 93 -36.29 81.38 28.72
CA VAL B 93 -35.84 82.37 27.73
C VAL B 93 -35.82 81.78 26.32
N GLY B 94 -36.23 82.59 25.34
CA GLY B 94 -36.29 82.16 23.94
C GLY B 94 -37.09 80.88 23.74
N GLU B 95 -36.59 80.00 22.86
CA GLU B 95 -37.21 78.69 22.62
C GLU B 95 -37.10 77.75 23.83
N CYS B 96 -36.20 78.07 24.77
CA CYS B 96 -35.93 77.21 25.94
C CYS B 96 -37.04 77.26 26.97
N HIS B 97 -38.14 76.59 26.66
CA HIS B 97 -39.24 76.42 27.58
C HIS B 97 -39.54 74.94 27.68
N VAL B 98 -39.84 74.48 28.90
CA VAL B 98 -40.31 73.10 29.12
C VAL B 98 -41.47 72.84 28.16
N ASN B 99 -41.37 71.79 27.33
CA ASN B 99 -40.28 70.82 27.33
C ASN B 99 -39.63 70.68 25.94
N ARG B 100 -39.39 71.81 25.29
CA ARG B 100 -39.01 71.83 23.88
C ARG B 100 -37.62 71.30 23.57
N CYS B 101 -36.65 71.54 24.46
CA CYS B 101 -35.26 71.17 24.22
C CYS B 101 -35.10 69.66 24.07
N LEU B 102 -35.68 68.92 25.02
CA LEU B 102 -35.63 67.47 25.02
C LEU B 102 -36.48 66.86 23.90
N SER B 103 -37.37 67.66 23.32
CA SER B 103 -38.26 67.20 22.25
C SER B 103 -37.80 67.65 20.88
N TRP B 104 -36.66 68.33 20.81
CA TRP B 104 -36.22 68.99 19.58
C TRP B 104 -36.04 68.00 18.43
N ARG B 105 -36.35 68.48 17.22
CA ARG B 105 -36.31 67.65 16.01
C ARG B 105 -35.20 68.12 15.08
N ASP B 106 -34.49 67.15 14.49
CA ASP B 106 -33.27 67.38 13.72
C ASP B 106 -33.40 68.36 12.57
N ASN B 107 -34.58 68.39 11.96
CA ASN B 107 -34.81 69.21 10.78
C ASN B 107 -35.17 70.67 11.10
N GLU B 108 -35.57 70.93 12.35
CA GLU B 108 -36.00 72.26 12.80
C GLU B 108 -34.85 73.17 13.23
N THR B 109 -34.60 74.23 12.46
CA THR B 109 -33.56 75.20 12.78
C THR B 109 -33.98 76.13 13.93
N SER B 110 -33.09 76.29 14.92
CA SER B 110 -33.34 77.20 16.03
C SER B 110 -33.26 78.65 15.60
N ALA B 111 -34.09 79.49 16.21
CA ALA B 111 -34.11 80.91 15.88
C ALA B 111 -32.81 81.61 16.30
N GLU B 112 -31.98 80.88 17.05
CA GLU B 112 -30.65 81.36 17.45
C GLU B 112 -29.71 81.50 16.25
N PHE B 113 -30.01 80.80 15.17
CA PHE B 113 -29.13 80.78 13.99
C PHE B 113 -29.79 81.36 12.74
N SER B 114 -30.54 82.45 12.91
CA SER B 114 -31.15 83.15 11.78
C SER B 114 -30.09 83.71 10.84
N PHE B 115 -28.95 84.13 11.40
CA PHE B 115 -27.85 84.71 10.63
C PHE B 115 -27.15 83.74 9.66
N VAL B 116 -27.61 82.49 9.62
CA VAL B 116 -27.09 81.52 8.66
C VAL B 116 -28.01 81.42 7.43
N GLY B 117 -29.32 81.58 7.64
CA GLY B 117 -30.27 81.69 6.54
C GLY B 117 -30.52 80.46 5.68
N GLU B 118 -30.34 80.64 4.37
CA GLU B 118 -30.68 79.62 3.36
C GLU B 118 -29.55 78.60 3.15
N SER B 119 -29.91 77.32 2.99
CA SER B 119 -28.93 76.26 2.83
C SER B 119 -29.43 75.03 2.05
N THR B 120 -28.56 74.49 1.21
CA THR B 120 -28.84 73.26 0.47
C THR B 120 -27.82 72.17 0.83
N THR B 121 -27.25 72.28 2.03
CA THR B 121 -26.23 71.37 2.55
C THR B 121 -26.84 70.36 3.53
N MET B 122 -26.24 69.17 3.61
CA MET B 122 -26.59 68.20 4.63
C MET B 122 -26.45 68.86 5.99
N ARG B 123 -27.44 68.70 6.85
CA ARG B 123 -27.48 69.43 8.11
C ARG B 123 -28.42 68.81 9.14
N GLU B 124 -28.20 69.18 10.41
CA GLU B 124 -29.07 68.72 11.49
C GLU B 124 -29.06 69.72 12.66
N ASN B 125 -30.01 69.53 13.56
CA ASN B 125 -30.16 70.44 14.68
C ASN B 125 -30.41 69.64 15.93
N LYS B 126 -29.87 70.13 17.04
CA LYS B 126 -29.98 69.44 18.31
C LYS B 126 -30.17 70.48 19.39
N CYS B 127 -30.71 70.03 20.51
CA CYS B 127 -30.73 70.86 21.71
C CYS B 127 -30.33 69.97 22.86
N PHE B 128 -29.43 70.46 23.71
CA PHE B 128 -28.99 69.69 24.87
C PHE B 128 -29.21 70.49 26.13
N GLU B 129 -29.92 69.89 27.09
CA GLU B 129 -30.04 70.49 28.40
C GLU B 129 -28.68 70.54 29.08
N GLN B 130 -28.39 71.68 29.69
CA GLN B 130 -27.16 71.93 30.44
C GLN B 130 -27.55 72.55 31.77
N CYS B 131 -26.58 72.68 32.67
CA CYS B 131 -26.83 73.18 34.02
C CYS B 131 -27.56 74.53 33.99
N GLY B 132 -28.43 74.72 34.98
CA GLY B 132 -29.11 75.99 35.22
C GLY B 132 -28.54 76.66 36.46
N GLY B 133 -29.23 77.67 36.97
CA GLY B 133 -28.79 78.35 38.20
C GLY B 133 -27.70 79.38 37.95
N TRP B 134 -27.41 80.19 38.97
CA TRP B 134 -26.47 81.31 38.85
C TRP B 134 -25.05 80.86 38.51
N GLY B 135 -24.65 79.69 39.02
CA GLY B 135 -23.35 79.12 38.70
C GLY B 135 -23.13 78.85 37.22
N CYS B 136 -24.22 78.71 36.47
CA CYS B 136 -24.12 78.56 35.02
C CYS B 136 -24.78 79.75 34.31
N GLY B 137 -24.85 80.86 35.04
CA GLY B 137 -25.28 82.15 34.51
C GLY B 137 -26.76 82.35 34.26
N CYS B 138 -27.61 81.56 34.94
CA CYS B 138 -29.04 81.62 34.74
C CYS B 138 -29.81 81.99 36.01
N PHE B 139 -30.83 82.84 35.85
CA PHE B 139 -31.69 83.29 36.96
C PHE B 139 -32.64 82.21 37.47
N ASN B 140 -32.83 81.15 36.67
CA ASN B 140 -33.70 80.03 36.98
C ASN B 140 -32.86 78.75 37.16
N VAL B 141 -33.21 77.96 38.17
CA VAL B 141 -32.45 76.76 38.55
C VAL B 141 -32.64 75.56 37.60
N ASN B 142 -33.65 75.63 36.73
CA ASN B 142 -33.93 74.56 35.78
C ASN B 142 -32.91 74.54 34.66
N PRO B 143 -32.82 73.41 33.92
CA PRO B 143 -31.84 73.27 32.84
C PRO B 143 -31.89 74.39 31.81
N SER B 144 -30.71 74.85 31.41
CA SER B 144 -30.59 75.74 30.27
C SER B 144 -30.58 74.87 29.00
N CYS B 145 -30.63 75.51 27.84
CA CYS B 145 -30.75 74.80 26.56
C CYS B 145 -29.63 75.22 25.64
N LEU B 146 -28.76 74.27 25.28
CA LEU B 146 -27.72 74.49 24.31
C LEU B 146 -28.26 74.08 22.95
N PHE B 147 -28.61 75.08 22.14
CA PHE B 147 -29.08 74.86 20.77
C PHE B 147 -27.91 74.68 19.84
N VAL B 148 -28.02 73.70 18.96
CA VAL B 148 -26.94 73.37 18.03
C VAL B 148 -27.40 73.21 16.58
N HIS B 149 -26.73 73.92 15.68
CA HIS B 149 -26.93 73.74 14.24
C HIS B 149 -25.65 73.25 13.62
N THR B 150 -25.74 72.17 12.84
CA THR B 150 -24.58 71.49 12.27
C THR B 150 -24.80 71.19 10.80
N TYR B 151 -23.78 71.44 9.99
CA TYR B 151 -23.80 70.96 8.60
C TYR B 151 -22.53 70.15 8.27
N LEU B 152 -22.69 69.20 7.35
CA LEU B 152 -21.57 68.42 6.86
C LEU B 152 -20.93 69.13 5.68
N GLN B 153 -19.61 69.17 5.65
CA GLN B 153 -18.91 69.75 4.50
C GLN B 153 -17.88 68.80 3.91
N SER B 154 -17.78 68.82 2.59
CA SER B 154 -16.83 67.99 1.86
C SER B 154 -15.40 68.39 2.23
N VAL B 155 -14.60 67.38 2.58
CA VAL B 155 -13.23 67.60 3.03
C VAL B 155 -12.25 67.27 1.91
N ARG B 156 -12.79 66.75 0.81
CA ARG B 156 -12.03 66.50 -0.42
C ARG B 156 -12.82 66.95 -1.64
N LYS B 157 -12.11 67.53 -2.61
CA LYS B 157 -12.76 68.01 -3.83
C LYS B 157 -12.85 66.91 -4.90
N GLU B 158 -12.97 65.66 -4.44
CA GLU B 158 -13.12 64.50 -5.33
C GLU B 158 -14.07 63.48 -4.71
N ALA B 159 -14.66 62.62 -5.54
CA ALA B 159 -15.66 61.65 -5.10
C ALA B 159 -15.33 60.23 -5.56
N LEU B 160 -16.11 59.26 -5.07
CA LEU B 160 -15.96 57.85 -5.43
C LEU B 160 -17.32 57.24 -5.72
N ARG B 161 -17.37 56.41 -6.76
CA ARG B 161 -18.60 55.74 -7.17
C ARG B 161 -18.55 54.28 -6.76
N VAL B 162 -19.47 53.87 -5.90
CA VAL B 162 -19.55 52.49 -5.43
C VAL B 162 -20.60 51.78 -6.23
N PHE B 163 -20.25 50.62 -6.76
CA PHE B 163 -21.19 49.87 -7.58
C PHE B 163 -21.13 48.35 -7.40
N ASN B 164 -22.18 47.72 -7.91
CA ASN B 164 -22.53 46.34 -7.73
C ASN B 164 -22.40 45.65 -9.09
N CYS B 165 -22.17 44.33 -9.09
CA CYS B 165 -22.18 43.54 -10.34
C CYS B 165 -23.30 42.51 -10.31
N ILE B 166 -24.38 42.80 -11.04
CA ILE B 166 -25.55 41.92 -11.09
C ILE B 166 -25.30 40.65 -11.91
N ASP B 167 -24.38 40.74 -12.85
CA ASP B 167 -23.97 39.57 -13.61
C ASP B 167 -22.55 39.69 -14.14
N TRP B 168 -21.91 38.53 -14.32
CA TRP B 168 -20.56 38.43 -14.88
C TRP B 168 -20.58 37.71 -16.23
N VAL B 169 -20.39 38.47 -17.32
CA VAL B 169 -20.47 37.93 -18.69
C VAL B 169 -19.23 37.12 -19.10
N HIS B 170 -19.42 35.81 -19.28
CA HIS B 170 -18.33 34.91 -19.63
C HIS B 170 -17.99 34.84 -21.12
N LYS B 171 -16.73 35.11 -21.44
CA LYS B 171 -16.19 34.87 -22.76
C LYS B 171 -14.94 33.99 -22.66
N LEU B 172 -14.98 32.86 -23.35
CA LEU B 172 -13.85 31.97 -23.46
C LEU B 172 -13.24 32.09 -24.86
N THR B 173 -11.94 32.35 -24.92
CA THR B 173 -11.23 32.53 -26.19
C THR B 173 -10.28 31.35 -26.42
N LEU B 174 -10.59 30.56 -27.45
CA LEU B 174 -9.81 29.36 -27.80
C LEU B 174 -9.04 29.55 -29.10
N GLU B 175 -7.78 29.11 -29.10
CA GLU B 175 -6.98 29.07 -30.32
C GLU B 175 -6.89 27.61 -30.76
N ILE B 176 -7.48 27.30 -31.92
CA ILE B 176 -7.53 25.93 -32.45
C ILE B 176 -6.46 25.69 -33.52
N THR B 177 -5.68 24.63 -33.33
CA THR B 177 -4.81 24.09 -34.36
C THR B 177 -5.39 22.76 -34.82
N ASP B 178 -5.85 22.72 -36.07
CA ASP B 178 -6.42 21.48 -36.64
C ASP B 178 -5.34 20.44 -36.90
N PHE B 179 -5.78 19.24 -37.27
CA PHE B 179 -4.86 18.14 -37.59
C PHE B 179 -3.88 18.48 -38.71
N ASP B 180 -4.33 19.30 -39.67
CA ASP B 180 -3.49 19.72 -40.79
C ASP B 180 -2.63 20.94 -40.43
N GLY B 181 -2.83 21.47 -39.23
CA GLY B 181 -1.98 22.52 -38.69
C GLY B 181 -2.49 23.93 -38.85
N SER B 182 -3.60 24.10 -39.57
CA SER B 182 -4.17 25.44 -39.75
C SER B 182 -4.67 26.00 -38.42
N VAL B 183 -4.22 27.22 -38.10
CA VAL B 183 -4.59 27.89 -36.86
C VAL B 183 -5.91 28.65 -37.04
N SER B 184 -6.62 28.85 -35.93
CA SER B 184 -7.92 29.52 -35.92
C SER B 184 -8.24 29.99 -34.50
N THR B 185 -8.89 31.15 -34.36
CA THR B 185 -9.25 31.71 -33.05
C THR B 185 -10.76 31.96 -32.91
N ILE B 186 -11.37 31.33 -31.93
CA ILE B 186 -12.82 31.48 -31.68
C ILE B 186 -13.13 31.99 -30.26
N ASP B 187 -14.30 32.62 -30.12
CA ASP B 187 -14.85 33.05 -28.84
C ASP B 187 -16.12 32.26 -28.56
N LEU B 188 -16.30 31.87 -27.30
CA LEU B 188 -17.52 31.17 -26.88
C LEU B 188 -18.15 31.78 -25.63
N GLY B 189 -19.46 31.98 -25.67
CA GLY B 189 -20.26 32.32 -24.49
C GLY B 189 -20.80 31.03 -23.93
N ALA B 190 -21.47 31.10 -22.77
CA ALA B 190 -21.97 29.92 -22.05
C ALA B 190 -22.88 29.00 -22.87
N SER B 191 -23.64 29.59 -23.80
CA SER B 191 -24.59 28.86 -24.63
C SER B 191 -24.04 28.48 -26.02
N SER B 192 -22.91 29.08 -26.39
CA SER B 192 -22.46 29.16 -27.78
C SER B 192 -21.81 27.92 -28.42
N SER B 193 -21.99 27.84 -29.74
CA SER B 193 -21.28 26.89 -30.60
C SER B 193 -20.64 27.67 -31.74
N ARG B 194 -19.55 27.16 -32.26
CA ARG B 194 -18.92 27.71 -33.45
C ARG B 194 -18.55 26.54 -34.36
N PHE B 195 -18.83 26.69 -35.65
CA PHE B 195 -18.47 25.65 -36.61
C PHE B 195 -17.00 25.72 -36.97
N THR B 196 -16.41 24.56 -37.26
CA THR B 196 -15.01 24.46 -37.64
C THR B 196 -14.88 23.77 -39.00
N ASN B 197 -13.65 23.60 -39.49
CA ASN B 197 -13.40 22.86 -40.73
C ASN B 197 -13.83 21.41 -40.62
N TRP B 198 -13.79 20.89 -39.40
CA TRP B 198 -14.06 19.48 -39.13
C TRP B 198 -15.39 19.21 -38.46
N GLY B 199 -16.12 20.26 -38.11
CA GLY B 199 -17.44 20.11 -37.53
C GLY B 199 -17.80 21.31 -36.69
N SER B 200 -17.70 21.16 -35.36
CA SER B 200 -17.98 22.27 -34.46
C SER B 200 -17.38 22.09 -33.06
N VAL B 201 -17.34 23.19 -32.31
CA VAL B 201 -16.97 23.19 -30.89
C VAL B 201 -18.04 23.92 -30.11
N SER B 202 -18.49 23.34 -29.00
CA SER B 202 -19.46 23.99 -28.12
C SER B 202 -19.11 23.87 -26.63
N LEU B 203 -19.58 24.84 -25.86
CA LEU B 203 -19.47 24.81 -24.39
C LEU B 203 -20.57 23.93 -23.79
N SER B 204 -20.20 22.69 -23.51
CA SER B 204 -21.10 21.73 -22.89
C SER B 204 -21.43 22.13 -21.44
N LEU B 205 -20.41 22.19 -20.60
CA LEU B 205 -20.54 22.66 -19.22
C LEU B 205 -19.73 23.94 -19.04
N ASP B 206 -20.33 24.95 -18.40
CA ASP B 206 -19.64 26.19 -18.10
C ASP B 206 -19.97 26.70 -16.68
N ALA B 207 -19.01 26.56 -15.77
CA ALA B 207 -19.15 27.10 -14.42
C ALA B 207 -17.98 28.01 -14.09
N GLU B 208 -17.74 28.99 -14.96
CA GLU B 208 -16.60 29.90 -14.85
C GLU B 208 -16.91 31.20 -14.11
N GLY B 209 -18.14 31.32 -13.60
CA GLY B 209 -18.55 32.52 -12.86
C GLY B 209 -17.81 32.75 -11.56
N ILE B 210 -18.20 33.82 -10.86
CA ILE B 210 -17.55 34.19 -9.62
C ILE B 210 -18.31 33.56 -8.46
N SER B 211 -17.66 32.63 -7.76
CA SER B 211 -18.19 32.08 -6.51
C SER B 211 -18.07 33.15 -5.43
N GLY B 212 -19.14 33.31 -4.64
CA GLY B 212 -19.18 34.33 -3.60
C GLY B 212 -19.28 35.75 -4.14
N SER B 213 -19.83 35.89 -5.35
CA SER B 213 -19.96 37.18 -6.02
C SER B 213 -20.89 38.13 -5.27
N ASN B 214 -21.77 37.56 -4.46
CA ASN B 214 -22.68 38.31 -3.59
C ASN B 214 -21.96 39.15 -2.54
N SER B 215 -20.71 38.77 -2.24
CA SER B 215 -19.94 39.40 -1.18
C SER B 215 -18.83 40.29 -1.70
N PHE B 216 -18.93 40.68 -2.97
CA PHE B 216 -18.03 41.66 -3.56
C PHE B 216 -18.81 42.91 -3.96
N SER B 217 -18.12 44.04 -3.97
CA SER B 217 -18.62 45.25 -4.63
C SER B 217 -17.41 46.03 -5.11
N PHE B 218 -17.64 47.13 -5.83
CA PHE B 218 -16.55 47.81 -6.53
C PHE B 218 -16.61 49.32 -6.36
N ILE B 219 -15.47 49.98 -6.51
CA ILE B 219 -15.42 51.44 -6.49
C ILE B 219 -14.68 51.98 -7.72
N GLU B 220 -15.24 52.99 -8.37
CA GLU B 220 -14.56 53.76 -9.42
C GLU B 220 -14.17 55.14 -8.88
N SER B 221 -12.89 55.47 -8.96
CA SER B 221 -12.42 56.82 -8.70
C SER B 221 -12.27 57.51 -10.05
N PRO B 222 -13.18 58.45 -10.38
CA PRO B 222 -13.22 59.09 -11.70
C PRO B 222 -11.83 59.45 -12.23
N GLY B 223 -11.42 58.79 -13.31
CA GLY B 223 -10.12 59.02 -13.94
C GLY B 223 -8.92 58.44 -13.21
N LYS B 224 -9.15 57.51 -12.29
CA LYS B 224 -8.06 56.89 -11.55
C LYS B 224 -8.25 55.37 -11.35
N GLY B 225 -9.20 54.78 -12.07
CA GLY B 225 -9.38 53.33 -12.05
C GLY B 225 -10.38 52.79 -11.04
N TYR B 226 -10.18 51.54 -10.65
CA TYR B 226 -11.17 50.82 -9.86
C TYR B 226 -10.57 50.13 -8.65
N ALA B 227 -11.44 49.75 -7.74
CA ALA B 227 -11.07 48.99 -6.56
C ALA B 227 -12.14 47.93 -6.28
N ILE B 228 -11.72 46.84 -5.67
CA ILE B 228 -12.65 45.81 -5.20
C ILE B 228 -12.83 46.02 -3.70
N VAL B 229 -14.03 45.77 -3.20
CA VAL B 229 -14.33 45.87 -1.78
C VAL B 229 -14.84 44.52 -1.33
N ASP B 230 -14.25 44.00 -0.25
CA ASP B 230 -14.57 42.65 0.20
C ASP B 230 -15.79 42.56 1.10
N GLU B 231 -16.93 43.04 0.60
CA GLU B 231 -18.21 42.95 1.31
C GLU B 231 -19.35 43.14 0.29
N PRO B 232 -20.58 42.73 0.66
CA PRO B 232 -21.72 42.96 -0.23
C PRO B 232 -21.93 44.43 -0.52
N PHE B 233 -22.59 44.72 -1.64
CA PHE B 233 -23.20 46.02 -1.88
C PHE B 233 -24.44 46.11 -1.00
N SER B 234 -24.73 47.29 -0.49
CA SER B 234 -25.97 47.50 0.26
C SER B 234 -26.64 48.75 -0.25
N GLU B 235 -27.97 48.69 -0.36
CA GLU B 235 -28.77 49.85 -0.77
C GLU B 235 -29.23 50.67 0.44
N ILE B 236 -28.79 50.25 1.63
CA ILE B 236 -29.15 50.90 2.90
C ILE B 236 -27.91 51.52 3.55
N PRO B 237 -27.94 52.85 3.79
CA PRO B 237 -26.82 53.49 4.48
C PRO B 237 -26.75 53.03 5.92
N ARG B 238 -25.60 52.47 6.30
CA ARG B 238 -25.39 52.00 7.66
C ARG B 238 -24.07 52.49 8.26
N GLN B 239 -24.16 52.98 9.50
CA GLN B 239 -23.02 53.50 10.23
C GLN B 239 -21.87 52.49 10.32
N GLY B 240 -20.68 52.94 9.96
CA GLY B 240 -19.48 52.13 10.06
C GLY B 240 -19.19 51.30 8.83
N PHE B 241 -19.93 51.55 7.75
CA PHE B 241 -19.70 50.87 6.48
C PHE B 241 -19.56 51.91 5.39
N LEU B 242 -18.85 51.54 4.33
CA LEU B 242 -18.83 52.31 3.10
C LEU B 242 -20.28 52.69 2.72
N GLY B 243 -20.49 53.95 2.37
CA GLY B 243 -21.81 54.39 1.91
C GLY B 243 -22.75 54.79 3.04
N GLU B 244 -22.22 54.88 4.25
CA GLU B 244 -22.97 55.41 5.40
C GLU B 244 -23.47 56.83 5.08
N ILE B 245 -22.72 57.55 4.24
CA ILE B 245 -23.19 58.75 3.54
C ILE B 245 -23.09 58.46 2.03
N ARG B 246 -24.18 58.68 1.31
CA ARG B 246 -24.19 58.43 -0.13
C ARG B 246 -24.98 59.50 -0.90
N CYS B 247 -24.60 59.69 -2.16
CA CYS B 247 -25.22 60.69 -3.03
C CYS B 247 -25.43 60.12 -4.43
N ASN B 248 -26.12 60.89 -5.27
CA ASN B 248 -26.37 60.49 -6.65
C ASN B 248 -25.34 60.99 -7.65
N SER B 249 -24.41 61.84 -7.24
CA SER B 249 -23.43 62.40 -8.18
C SER B 249 -22.11 62.90 -7.59
N GLU B 250 -21.11 62.95 -8.46
CA GLU B 250 -19.82 63.60 -8.23
C GLU B 250 -19.98 65.00 -7.61
N SER B 251 -20.84 65.83 -8.18
CA SER B 251 -21.04 67.21 -7.71
C SER B 251 -21.74 67.26 -6.36
N SER B 252 -22.73 66.40 -6.16
CA SER B 252 -23.49 66.33 -4.91
C SER B 252 -22.63 65.96 -3.70
N VAL B 253 -21.66 65.06 -3.91
CA VAL B 253 -20.70 64.66 -2.88
C VAL B 253 -19.81 65.86 -2.54
N LEU B 254 -19.43 66.61 -3.57
CA LEU B 254 -18.51 67.73 -3.42
C LEU B 254 -19.17 68.95 -2.79
N SER B 255 -20.49 69.07 -2.95
CA SER B 255 -21.25 70.16 -2.35
C SER B 255 -21.87 69.73 -1.00
N ALA B 256 -21.63 68.47 -0.61
CA ALA B 256 -22.26 67.85 0.55
C ALA B 256 -23.78 68.08 0.53
N HIS B 257 -24.35 67.90 -0.66
CA HIS B 257 -25.74 68.27 -0.95
C HIS B 257 -26.76 67.60 -0.05
N GLU B 258 -27.88 68.29 0.18
CA GLU B 258 -28.93 67.82 1.08
C GLU B 258 -29.68 66.59 0.56
N SER B 259 -29.54 66.32 -0.74
CA SER B 259 -30.15 65.14 -1.33
C SER B 259 -29.38 63.87 -0.99
N CYS B 260 -28.09 64.00 -0.66
CA CYS B 260 -27.30 62.87 -0.16
C CYS B 260 -28.02 62.21 1.01
N LEU B 261 -28.03 60.89 1.04
CA LEU B 261 -28.66 60.14 2.13
C LEU B 261 -27.60 59.78 3.16
N ARG B 262 -28.00 59.69 4.43
CA ARG B 262 -27.06 59.33 5.47
C ARG B 262 -27.67 58.51 6.60
N ALA B 263 -26.88 57.57 7.10
CA ALA B 263 -27.28 56.72 8.22
C ALA B 263 -27.49 57.58 9.49
N PRO B 264 -28.34 57.11 10.41
CA PRO B 264 -28.63 57.87 11.64
C PRO B 264 -27.43 58.06 12.55
N ASN B 265 -27.39 59.18 13.28
CA ASN B 265 -26.43 59.38 14.38
C ASN B 265 -24.96 59.28 14.02
N LEU B 266 -24.57 59.83 12.88
CA LEU B 266 -23.17 59.81 12.47
C LEU B 266 -22.33 60.89 13.21
N ILE B 267 -23.00 61.93 13.70
CA ILE B 267 -22.30 63.03 14.35
C ILE B 267 -22.47 62.91 15.85
N SER B 268 -21.35 62.94 16.57
CA SER B 268 -21.37 62.91 18.03
C SER B 268 -21.10 64.29 18.60
N TYR B 269 -21.74 64.57 19.73
CA TYR B 269 -21.65 65.88 20.35
C TYR B 269 -21.13 65.78 21.79
N LYS B 270 -20.27 66.71 22.18
CA LYS B 270 -19.96 66.92 23.59
C LYS B 270 -20.40 68.32 24.01
N PRO B 271 -21.65 68.44 24.53
CA PRO B 271 -22.11 69.70 25.09
C PRO B 271 -21.39 70.00 26.41
N MET B 272 -20.80 71.19 26.51
CA MET B 272 -20.06 71.53 27.73
C MET B 272 -20.41 72.93 28.17
N ILE B 273 -21.65 73.08 28.60
CA ILE B 273 -22.24 74.36 29.01
C ILE B 273 -22.30 75.30 27.78
N ASP B 274 -21.35 76.22 27.67
CA ASP B 274 -21.25 77.10 26.49
C ASP B 274 -20.27 76.61 25.43
N GLN B 275 -19.45 75.61 25.77
CA GLN B 275 -18.57 75.00 24.77
C GLN B 275 -19.27 73.81 24.12
N LEU B 276 -18.90 73.53 22.88
CA LEU B 276 -19.43 72.35 22.22
C LEU B 276 -18.38 71.78 21.29
N GLU B 277 -18.26 70.45 21.29
CA GLU B 277 -17.47 69.78 20.27
C GLU B 277 -18.37 68.81 19.53
N CYS B 278 -18.16 68.71 18.23
CA CYS B 278 -18.93 67.78 17.42
C CYS B 278 -17.96 67.09 16.48
N THR B 279 -18.07 65.78 16.36
CA THR B 279 -17.12 64.98 15.58
C THR B 279 -17.83 63.86 14.86
N THR B 280 -17.14 63.31 13.86
CA THR B 280 -17.60 62.13 13.17
C THR B 280 -16.47 61.12 13.21
N ASN B 281 -16.81 59.86 13.01
CA ASN B 281 -15.84 58.80 12.86
C ASN B 281 -16.26 58.00 11.64
N LEU B 282 -16.29 58.68 10.50
CA LEU B 282 -16.77 58.08 9.26
C LEU B 282 -15.69 57.25 8.60
N ILE B 283 -16.06 56.10 8.04
CA ILE B 283 -15.05 55.33 7.36
C ILE B 283 -14.59 56.12 6.15
N ASP B 284 -13.28 56.10 5.90
CA ASP B 284 -12.72 56.88 4.83
C ASP B 284 -12.78 56.04 3.57
N PRO B 285 -13.66 56.41 2.61
CA PRO B 285 -13.85 55.58 1.43
C PRO B 285 -12.61 55.55 0.51
N PHE B 286 -11.76 56.57 0.62
CA PHE B 286 -10.54 56.64 -0.20
C PHE B 286 -9.49 55.69 0.32
N VAL B 287 -9.49 55.44 1.64
CA VAL B 287 -8.63 54.42 2.22
C VAL B 287 -9.11 53.04 1.76
N VAL B 288 -10.42 52.88 1.73
CA VAL B 288 -11.02 51.62 1.24
C VAL B 288 -10.63 51.36 -0.21
N PHE B 289 -10.70 52.40 -1.04
CA PHE B 289 -10.29 52.32 -2.45
C PHE B 289 -8.83 51.90 -2.60
N GLU B 290 -7.96 52.58 -1.86
CA GLU B 290 -6.51 52.34 -1.87
C GLU B 290 -6.18 50.89 -1.57
N ARG B 291 -6.81 50.36 -0.53
CA ARG B 291 -6.55 49.00 -0.08
C ARG B 291 -7.07 47.94 -1.03
N GLY B 292 -7.99 48.32 -1.92
CA GLY B 292 -8.61 47.37 -2.86
C GLY B 292 -8.40 47.69 -4.33
N SER B 293 -7.53 48.67 -4.60
CA SER B 293 -7.28 49.13 -5.96
C SER B 293 -6.80 47.99 -6.86
N LEU B 294 -7.39 47.90 -8.04
CA LEU B 294 -7.08 46.80 -8.96
C LEU B 294 -5.73 47.01 -9.62
N PRO B 295 -5.05 45.93 -10.05
CA PRO B 295 -5.44 44.52 -10.05
C PRO B 295 -5.41 43.86 -8.67
N GLN B 296 -6.38 43.00 -8.40
CA GLN B 296 -6.45 42.23 -7.15
C GLN B 296 -6.85 40.82 -7.47
N THR B 297 -6.30 39.88 -6.70
CA THR B 297 -6.61 38.46 -6.84
C THR B 297 -7.56 38.02 -5.76
N ARG B 298 -8.67 37.38 -6.15
CA ARG B 298 -9.49 36.66 -5.17
C ARG B 298 -9.75 35.27 -5.72
N ASN B 299 -9.64 34.26 -4.86
CA ASN B 299 -9.78 32.86 -5.29
C ASN B 299 -8.81 32.55 -6.43
N ASP B 300 -9.33 32.10 -7.56
CA ASP B 300 -8.48 31.81 -8.72
C ASP B 300 -8.62 32.87 -9.82
N LYS B 301 -8.99 34.09 -9.43
CA LYS B 301 -9.31 35.15 -10.38
C LYS B 301 -8.51 36.41 -10.13
N THR B 302 -8.16 37.09 -11.21
CA THR B 302 -7.63 38.43 -11.15
C THR B 302 -8.71 39.39 -11.62
N PHE B 303 -9.05 40.35 -10.76
CA PHE B 303 -9.98 41.41 -11.10
C PHE B 303 -9.20 42.62 -11.58
N ALA B 304 -9.61 43.15 -12.73
CA ALA B 304 -8.89 44.24 -13.39
C ALA B 304 -9.84 45.15 -14.18
N ALA B 305 -9.40 46.39 -14.40
CA ALA B 305 -10.12 47.34 -15.24
C ALA B 305 -10.10 46.88 -16.69
N SER B 306 -11.26 46.93 -17.35
CA SER B 306 -11.39 46.60 -18.78
C SER B 306 -10.32 47.27 -19.65
N LYS B 307 -9.74 46.49 -20.55
CA LYS B 307 -8.62 46.91 -21.38
C LYS B 307 -9.04 47.92 -22.44
N GLY B 308 -9.97 47.53 -23.31
CA GLY B 308 -10.41 48.39 -24.41
C GLY B 308 -11.74 49.09 -24.17
N ASN B 309 -12.13 49.22 -22.91
CA ASN B 309 -13.39 49.86 -22.54
C ASN B 309 -13.45 50.27 -21.06
N ARG B 310 -14.61 50.77 -20.64
CA ARG B 310 -14.83 51.16 -19.24
C ARG B 310 -15.60 50.10 -18.46
N GLY B 311 -15.09 49.76 -17.26
CA GLY B 311 -15.67 48.73 -16.41
C GLY B 311 -14.62 47.80 -15.83
N VAL B 312 -15.06 46.73 -15.16
CA VAL B 312 -14.13 45.77 -14.56
C VAL B 312 -14.31 44.35 -15.09
N GLN B 313 -13.21 43.62 -15.14
CA GLN B 313 -13.21 42.22 -15.58
C GLN B 313 -12.49 41.31 -14.57
N ALA B 314 -12.83 40.02 -14.60
CA ALA B 314 -12.07 38.99 -13.86
C ALA B 314 -11.57 37.93 -14.83
N PHE B 315 -10.29 37.55 -14.68
CA PHE B 315 -9.62 36.59 -15.55
C PHE B 315 -9.23 35.35 -14.76
N SER B 316 -9.62 34.18 -15.26
CA SER B 316 -9.25 32.91 -14.64
C SER B 316 -7.74 32.68 -14.71
N LYS B 317 -7.18 32.23 -13.60
CA LYS B 317 -5.73 32.11 -13.45
C LYS B 317 -5.27 30.68 -13.71
N GLY B 318 -6.04 29.72 -13.19
CA GLY B 318 -5.66 28.31 -13.29
C GLY B 318 -6.58 27.53 -14.20
N SER B 319 -7.23 26.53 -13.61
CA SER B 319 -8.14 25.67 -14.34
C SER B 319 -9.33 26.44 -14.87
N VAL B 320 -9.83 26.02 -16.03
CA VAL B 320 -11.02 26.59 -16.59
C VAL B 320 -12.16 25.60 -16.33
N GLN B 321 -13.19 26.06 -15.65
CA GLN B 321 -14.29 25.20 -15.22
C GLN B 321 -15.30 25.04 -16.36
N ALA B 322 -14.89 24.34 -17.40
CA ALA B 322 -15.69 24.21 -18.62
C ALA B 322 -15.35 22.95 -19.42
N ASP B 323 -16.39 22.27 -19.92
CA ASP B 323 -16.22 21.12 -20.80
C ASP B 323 -16.49 21.52 -22.25
N LEU B 324 -15.61 21.10 -23.15
CA LEU B 324 -15.80 21.32 -24.58
C LEU B 324 -16.32 20.05 -25.27
N THR B 325 -17.45 20.20 -25.97
CA THR B 325 -17.98 19.16 -26.85
C THR B 325 -17.46 19.42 -28.26
N LEU B 326 -16.69 18.47 -28.76
CA LEU B 326 -16.20 18.53 -30.11
C LEU B 326 -17.09 17.64 -30.97
N MET B 327 -17.50 18.15 -32.13
CA MET B 327 -18.32 17.39 -33.06
C MET B 327 -17.51 17.21 -34.35
N PHE B 328 -17.38 15.96 -34.80
CA PHE B 328 -16.68 15.66 -36.05
C PHE B 328 -17.64 15.17 -37.15
N ASP B 329 -17.67 15.90 -38.27
CA ASP B 329 -18.64 15.67 -39.33
C ASP B 329 -18.04 14.76 -40.39
N ASN B 330 -17.94 13.48 -40.06
CA ASN B 330 -17.31 12.47 -40.91
C ASN B 330 -16.02 12.99 -41.57
N PHE B 331 -15.16 13.59 -40.74
CA PHE B 331 -13.98 14.33 -41.18
C PHE B 331 -12.76 13.44 -41.40
N GLU B 332 -12.10 13.62 -42.53
CA GLU B 332 -10.97 12.77 -42.92
C GLU B 332 -9.61 13.43 -42.70
N VAL B 333 -8.67 12.67 -42.14
CA VAL B 333 -7.30 13.13 -41.91
C VAL B 333 -6.28 12.13 -42.48
N ASP B 334 -5.27 12.65 -43.16
CA ASP B 334 -4.12 11.83 -43.60
C ASP B 334 -2.91 12.08 -42.71
N PHE B 335 -1.82 11.36 -42.96
CA PHE B 335 -0.69 11.35 -42.04
C PHE B 335 0.64 11.81 -42.64
N VAL B 336 0.73 11.85 -43.97
CA VAL B 336 1.95 12.24 -44.69
C VAL B 336 2.54 13.54 -44.14
N GLY B 337 3.84 13.56 -43.84
CA GLY B 337 4.75 12.43 -44.00
C GLY B 337 5.81 12.34 -42.92
N ALA B 338 7.07 12.24 -43.34
CA ALA B 338 8.21 12.01 -42.44
C ALA B 338 8.29 12.99 -41.27
N ALA B 339 8.79 12.50 -40.13
CA ALA B 339 8.95 13.32 -38.91
C ALA B 339 10.25 13.00 -38.19
N VAL B 340 11.00 14.05 -37.85
CA VAL B 340 12.33 13.94 -37.26
C VAL B 340 12.32 13.51 -35.78
N SER B 341 13.45 13.72 -35.09
CA SER B 341 13.57 13.47 -33.66
C SER B 341 13.65 14.78 -32.86
N CYS B 342 13.67 14.66 -31.53
CA CYS B 342 13.61 15.82 -30.64
C CYS B 342 14.27 15.58 -29.27
N ASP B 343 14.53 16.68 -28.56
CA ASP B 343 15.03 16.64 -27.19
C ASP B 343 13.87 16.62 -26.19
N ALA B 344 13.71 15.49 -25.52
CA ALA B 344 12.68 15.32 -24.50
C ALA B 344 13.26 14.94 -23.15
N ALA B 345 13.12 15.84 -22.19
CA ALA B 345 13.51 15.59 -20.82
C ALA B 345 12.28 15.32 -19.96
N PHE B 346 12.39 14.39 -19.02
CA PHE B 346 11.31 14.09 -18.08
C PHE B 346 11.11 15.24 -17.09
N LEU B 347 9.85 15.49 -16.73
CA LEU B 347 9.55 16.56 -15.77
C LEU B 347 8.92 16.04 -14.48
N ASN B 348 7.79 15.33 -14.57
CA ASN B 348 7.10 14.81 -13.38
C ASN B 348 6.06 13.70 -13.60
N LEU B 349 5.59 13.12 -12.49
CA LEU B 349 4.44 12.20 -12.46
C LEU B 349 3.52 12.59 -11.31
N THR B 350 2.22 12.74 -11.59
CA THR B 350 1.26 13.26 -10.61
C THR B 350 -0.12 12.63 -10.74
N GLY B 351 -0.68 12.21 -9.61
CA GLY B 351 -2.05 11.68 -9.56
C GLY B 351 -2.30 10.71 -8.42
N CYS B 352 -2.99 9.61 -8.73
CA CYS B 352 -3.23 8.52 -7.79
C CYS B 352 -2.92 7.16 -8.41
N TYR B 353 -3.08 6.09 -7.65
CA TYR B 353 -2.95 4.72 -8.17
C TYR B 353 -4.21 3.89 -7.86
N SER B 354 -4.50 2.94 -8.76
CA SER B 354 -5.74 2.14 -8.71
C SER B 354 -7.01 3.00 -8.67
N CYS B 355 -6.97 4.11 -9.40
CA CYS B 355 -8.10 5.04 -9.50
C CYS B 355 -8.51 5.22 -10.97
N ASN B 356 -9.49 6.08 -11.20
CA ASN B 356 -9.99 6.34 -12.55
C ASN B 356 -9.17 7.38 -13.29
N ALA B 357 -8.73 8.41 -12.58
CA ALA B 357 -7.94 9.49 -13.16
C ALA B 357 -6.48 9.10 -13.40
N GLY B 358 -5.83 8.52 -12.39
CA GLY B 358 -4.46 8.03 -12.53
C GLY B 358 -3.38 9.08 -12.67
N ALA B 359 -2.15 8.63 -12.90
CA ALA B 359 -0.97 9.51 -12.99
C ALA B 359 -0.96 10.38 -14.25
N ARG B 360 -0.09 11.39 -14.25
CA ARG B 360 0.05 12.31 -15.36
C ARG B 360 1.53 12.61 -15.56
N VAL B 361 2.09 12.08 -16.64
CA VAL B 361 3.49 12.32 -16.97
C VAL B 361 3.62 13.58 -17.82
N CYS B 362 4.67 14.36 -17.55
CA CYS B 362 4.95 15.56 -18.33
C CYS B 362 6.40 15.56 -18.82
N LEU B 363 6.58 15.95 -20.08
CA LEU B 363 7.90 15.97 -20.72
C LEU B 363 8.17 17.33 -21.35
N SER B 364 9.45 17.71 -21.37
CA SER B 364 9.88 18.92 -22.07
C SER B 364 10.32 18.57 -23.48
N ILE B 365 9.60 19.10 -24.46
CA ILE B 365 9.86 18.77 -25.86
C ILE B 365 10.31 19.98 -26.69
N THR B 366 11.45 19.81 -27.34
CA THR B 366 12.01 20.80 -28.26
C THR B 366 12.36 20.08 -29.56
N SER B 367 11.67 20.45 -30.65
CA SER B 367 11.77 19.68 -31.90
C SER B 367 11.73 20.53 -33.18
N THR B 368 11.64 19.85 -34.32
CA THR B 368 11.47 20.49 -35.63
C THR B 368 10.00 20.42 -36.05
N GLY B 369 9.53 21.51 -36.66
CA GLY B 369 8.17 21.61 -37.19
C GLY B 369 7.09 21.12 -36.25
N THR B 370 6.34 20.12 -36.71
CA THR B 370 5.37 19.42 -35.87
C THR B 370 5.52 17.92 -36.10
N GLY B 371 5.74 17.17 -35.02
CA GLY B 371 5.87 15.73 -35.10
C GLY B 371 5.10 15.04 -33.99
N SER B 372 5.45 13.78 -33.73
CA SER B 372 4.82 13.00 -32.66
C SER B 372 5.84 12.12 -31.95
N LEU B 373 5.83 12.16 -30.62
CA LEU B 373 6.82 11.45 -29.80
C LEU B 373 6.28 10.12 -29.27
N SER B 374 7.03 9.05 -29.50
CA SER B 374 6.70 7.74 -28.97
C SER B 374 7.74 7.26 -27.95
N ALA B 375 7.37 6.28 -27.14
CA ALA B 375 8.27 5.71 -26.14
C ALA B 375 8.09 4.20 -26.02
N HIS B 376 9.18 3.46 -26.27
CA HIS B 376 9.22 2.01 -26.09
C HIS B 376 9.17 1.67 -24.60
N ASN B 377 9.02 2.71 -23.79
CA ASN B 377 8.81 2.62 -22.36
C ASN B 377 7.82 1.52 -21.99
N LYS B 378 8.30 0.54 -21.23
CA LYS B 378 7.48 -0.53 -20.66
C LYS B 378 6.56 -1.18 -21.70
N ASP B 379 7.15 -1.57 -22.82
CA ASP B 379 6.43 -2.19 -23.93
C ASP B 379 5.68 -3.46 -23.48
N GLY B 380 4.52 -3.68 -24.09
CA GLY B 380 3.63 -4.76 -23.67
C GLY B 380 2.76 -4.33 -22.49
N SER B 381 2.86 -3.06 -22.11
CA SER B 381 2.06 -2.49 -21.03
C SER B 381 1.74 -1.02 -21.26
N LEU B 382 2.80 -0.21 -21.43
CA LEU B 382 2.67 1.25 -21.46
C LEU B 382 3.35 1.89 -22.67
N HIS B 383 2.79 3.01 -23.14
CA HIS B 383 3.32 3.78 -24.27
C HIS B 383 3.10 5.27 -24.03
N ILE B 384 3.88 6.11 -24.70
CA ILE B 384 3.70 7.56 -24.58
C ILE B 384 3.75 8.22 -25.96
N VAL B 385 2.67 8.94 -26.30
CA VAL B 385 2.62 9.72 -27.55
C VAL B 385 2.18 11.17 -27.30
N LEU B 386 3.02 12.11 -27.74
CA LEU B 386 2.83 13.55 -27.48
C LEU B 386 3.25 14.42 -28.68
N PRO B 387 2.70 15.64 -28.79
CA PRO B 387 3.06 16.53 -29.90
C PRO B 387 4.48 17.12 -29.83
N SER B 388 5.24 16.90 -30.90
CA SER B 388 6.52 17.56 -31.08
C SER B 388 6.27 18.87 -31.83
N GLU B 389 6.82 19.96 -31.31
CA GLU B 389 6.58 21.28 -31.91
C GLU B 389 7.86 22.08 -32.07
N ASN B 390 7.93 22.85 -33.15
CA ASN B 390 9.07 23.69 -33.41
C ASN B 390 9.18 24.78 -32.35
N GLY B 391 10.03 24.53 -31.37
CA GLY B 391 10.17 25.40 -30.21
C GLY B 391 10.17 24.59 -28.93
N THR B 392 10.14 25.30 -27.80
CA THR B 392 10.20 24.67 -26.49
C THR B 392 8.80 24.55 -25.84
N LYS B 393 8.33 23.31 -25.69
CA LYS B 393 6.98 23.06 -25.16
C LYS B 393 6.89 21.85 -24.22
N ASP B 394 6.21 22.05 -23.09
CA ASP B 394 5.93 20.98 -22.12
C ASP B 394 4.64 20.23 -22.50
N GLN B 395 4.70 18.90 -22.49
CA GLN B 395 3.56 18.06 -22.91
C GLN B 395 3.24 16.97 -21.88
N CYS B 396 1.96 16.81 -21.56
CA CYS B 396 1.52 15.86 -20.54
C CYS B 396 0.47 14.88 -21.04
N GLN B 397 0.47 13.68 -20.45
CA GLN B 397 -0.57 12.67 -20.72
C GLN B 397 -0.88 11.81 -19.49
N ILE B 398 -2.02 11.12 -19.54
CA ILE B 398 -2.51 10.25 -18.47
C ILE B 398 -1.76 8.91 -18.48
N LEU B 399 -1.58 8.33 -17.29
CA LEU B 399 -1.00 6.99 -17.15
C LEU B 399 -1.55 6.24 -15.94
N HIS B 400 -1.83 4.95 -16.10
CA HIS B 400 -2.36 4.14 -15.01
C HIS B 400 -1.29 3.22 -14.41
N PHE B 401 -0.97 3.48 -13.15
CA PHE B 401 -0.15 2.60 -12.33
C PHE B 401 -1.00 2.10 -11.16
N THR B 402 -0.73 0.89 -10.70
CA THR B 402 -1.44 0.36 -9.53
C THR B 402 -0.45 0.05 -8.40
N VAL B 403 0.60 0.87 -8.30
CA VAL B 403 1.59 0.80 -7.23
C VAL B 403 1.83 2.18 -6.64
N PRO B 404 2.10 2.25 -5.31
CA PRO B 404 2.37 3.53 -4.64
C PRO B 404 3.54 4.31 -5.25
N GLU B 405 4.76 3.84 -4.99
CA GLU B 405 5.96 4.45 -5.58
C GLU B 405 6.24 3.88 -6.96
N VAL B 406 6.41 4.76 -7.93
CA VAL B 406 6.67 4.36 -9.31
C VAL B 406 8.10 4.68 -9.71
N GLU B 407 8.88 3.63 -9.96
CA GLU B 407 10.22 3.78 -10.50
C GLU B 407 10.29 3.12 -11.89
N GLU B 408 9.97 3.90 -12.93
CA GLU B 408 9.88 3.38 -14.28
C GLU B 408 11.06 3.82 -15.17
N GLU B 409 11.14 3.27 -16.38
CA GLU B 409 12.28 3.46 -17.28
C GLU B 409 11.85 3.40 -18.74
N PHE B 410 12.29 4.37 -19.55
CA PHE B 410 11.80 4.51 -20.92
C PHE B 410 12.89 4.74 -21.97
N MET B 411 12.73 4.13 -23.13
CA MET B 411 13.51 4.51 -24.31
C MET B 411 12.53 5.12 -25.29
N TYR B 412 12.52 6.44 -25.36
CA TYR B 412 11.56 7.13 -26.21
C TYR B 412 12.05 7.22 -27.65
N SER B 413 11.19 6.77 -28.56
CA SER B 413 11.51 6.70 -29.98
C SER B 413 10.45 7.31 -30.89
N CYS B 414 10.48 8.63 -31.00
CA CYS B 414 9.70 9.38 -31.98
C CYS B 414 10.45 9.37 -33.31
N ASP B 415 11.75 9.11 -33.19
CA ASP B 415 12.72 9.16 -34.29
C ASP B 415 12.43 8.20 -35.47
N GLY B 416 12.16 6.90 -35.25
CA GLY B 416 12.12 6.22 -33.95
C GLY B 416 13.54 5.98 -33.45
N ASP B 417 13.83 6.54 -32.29
CA ASP B 417 15.19 6.70 -31.78
C ASP B 417 15.93 7.84 -32.50
N GLU B 418 17.12 8.20 -32.05
CA GLU B 418 17.84 7.42 -31.03
C GLU B 418 18.00 8.22 -29.73
N ARG B 419 17.28 7.81 -28.67
CA ARG B 419 17.29 8.50 -27.37
C ARG B 419 16.86 7.64 -26.17
N PRO B 420 17.29 8.01 -24.94
CA PRO B 420 16.85 7.43 -23.67
C PRO B 420 16.07 8.39 -22.75
N LEU B 421 15.34 7.84 -21.77
CA LEU B 421 14.53 8.63 -20.81
C LEU B 421 14.13 7.83 -19.56
N LEU B 422 13.95 8.52 -18.44
CA LEU B 422 13.54 7.89 -17.16
C LEU B 422 12.34 8.61 -16.54
N VAL B 423 11.43 7.87 -15.92
CA VAL B 423 10.31 8.49 -15.15
C VAL B 423 10.18 7.94 -13.73
N LYS B 424 10.04 8.83 -12.74
CA LYS B 424 9.95 8.46 -11.32
C LYS B 424 8.99 9.35 -10.51
N GLY B 425 8.23 8.75 -9.59
CA GLY B 425 7.24 9.48 -8.77
C GLY B 425 6.54 8.61 -7.73
N THR B 426 5.55 9.19 -7.04
CA THR B 426 4.82 8.50 -5.95
C THR B 426 3.44 9.12 -5.65
N LEU B 427 2.46 8.27 -5.33
CA LEU B 427 1.25 8.70 -4.60
C LEU B 427 1.23 8.02 -3.23
N ASP C 1 13.33 -4.37 0.46
CA ASP C 1 12.69 -3.52 1.51
C ASP C 1 12.10 -4.29 2.71
N PRO C 2 12.62 -5.50 3.02
CA PRO C 2 12.24 -6.05 4.32
C PRO C 2 13.08 -5.44 5.44
N GLY C 3 12.47 -5.17 6.59
CA GLY C 3 13.19 -4.71 7.77
C GLY C 3 13.20 -5.82 8.82
N CYS C 4 12.76 -5.49 10.03
CA CYS C 4 12.67 -6.49 11.10
C CYS C 4 11.57 -7.50 10.81
N SER C 5 11.98 -8.75 10.59
CA SER C 5 11.02 -9.84 10.52
C SER C 5 10.75 -10.35 11.93
N GLU C 6 11.83 -10.40 12.73
CA GLU C 6 11.77 -10.70 14.15
C GLU C 6 12.13 -9.43 14.93
N LEU C 7 11.37 -9.17 15.99
CA LEU C 7 11.64 -8.05 16.87
C LEU C 7 11.35 -8.46 18.32
N ILE C 8 12.30 -8.19 19.20
CA ILE C 8 12.06 -8.33 20.63
C ILE C 8 12.47 -7.03 21.34
N GLN C 9 11.92 -6.83 22.53
CA GLN C 9 12.25 -5.67 23.33
C GLN C 9 13.28 -6.12 24.35
N ALA C 10 14.27 -5.29 24.63
CA ALA C 10 15.23 -5.59 25.67
C ALA C 10 14.46 -5.87 26.98
N SER C 11 14.68 -7.03 27.58
CA SER C 11 14.05 -7.35 28.87
C SER C 11 14.56 -6.43 29.97
N SER C 12 13.75 -6.23 31.00
CA SER C 12 14.15 -5.44 32.16
C SER C 12 15.34 -6.07 32.88
N ARG C 13 15.49 -7.39 32.73
CA ARG C 13 16.63 -8.15 33.27
C ARG C 13 17.99 -7.52 32.87
N ILE C 14 18.13 -7.20 31.59
CA ILE C 14 19.40 -6.73 31.05
C ILE C 14 19.50 -5.20 30.99
N THR C 15 18.42 -4.50 31.35
CA THR C 15 18.34 -3.05 31.16
C THR C 15 18.41 -2.28 32.48
N THR C 16 19.34 -1.32 32.56
CA THR C 16 19.36 -0.35 33.66
C THR C 16 19.42 1.05 33.06
N CYS C 17 18.48 1.90 33.42
CA CYS C 17 18.51 3.29 32.93
C CYS C 17 18.70 4.31 34.06
N SER C 18 19.20 5.49 33.74
CA SER C 18 19.38 6.55 34.72
C SER C 18 19.39 7.92 34.06
N THR C 19 18.89 8.92 34.79
CA THR C 19 18.73 10.28 34.27
C THR C 19 19.53 11.30 35.09
N GLU C 20 20.40 12.05 34.40
CA GLU C 20 21.02 13.25 34.94
C GLU C 20 20.83 14.36 33.89
N GLY C 21 20.17 15.43 34.30
CA GLY C 21 19.68 16.44 33.36
C GLY C 21 18.35 15.98 32.80
N VAL C 22 18.08 16.34 31.55
CA VAL C 22 16.83 15.94 30.89
C VAL C 22 17.02 14.65 30.10
N ASN C 23 18.19 14.51 29.49
CA ASN C 23 18.58 13.31 28.73
C ASN C 23 18.98 12.12 29.62
N THR C 24 18.60 10.92 29.20
CA THR C 24 18.89 9.70 29.98
C THR C 24 19.75 8.69 29.20
N LYS C 25 20.45 7.82 29.92
CA LYS C 25 21.30 6.79 29.33
C LYS C 25 20.95 5.42 29.92
N CYS C 26 21.09 4.35 29.11
CA CYS C 26 20.84 2.98 29.56
C CYS C 26 22.03 2.05 29.29
N ARG C 27 22.29 1.15 30.24
CA ARG C 27 23.31 0.10 30.09
C ARG C 27 22.66 -1.27 29.92
N LEU C 28 23.14 -2.02 28.93
CA LEU C 28 22.65 -3.37 28.70
C LEU C 28 23.69 -4.35 29.23
N SER C 29 23.25 -5.31 30.04
CA SER C 29 24.17 -6.27 30.66
C SER C 29 23.47 -7.61 30.85
N GLY C 30 23.98 -8.62 30.15
CA GLY C 30 23.35 -9.94 30.14
C GLY C 30 23.02 -10.35 28.72
N THR C 31 22.28 -11.44 28.59
CA THR C 31 22.02 -12.03 27.28
C THR C 31 20.59 -11.81 26.81
N ALA C 32 20.43 -11.74 25.49
CA ALA C 32 19.12 -11.73 24.86
C ALA C 32 19.16 -12.73 23.73
N LEU C 33 18.09 -13.51 23.60
CA LEU C 33 18.02 -14.50 22.56
C LEU C 33 17.04 -14.06 21.51
N ILE C 34 17.48 -14.09 20.27
CA ILE C 34 16.62 -13.68 19.18
C ILE C 34 16.80 -14.62 17.98
N ARG C 35 15.69 -14.93 17.34
CA ARG C 35 15.66 -15.74 16.15
C ARG C 35 16.19 -14.91 14.95
N ALA C 36 17.21 -15.44 14.28
CA ALA C 36 17.82 -14.75 13.13
C ALA C 36 16.72 -14.44 12.13
N GLY C 37 16.81 -13.30 11.44
CA GLY C 37 15.81 -12.97 10.42
C GLY C 37 15.94 -13.89 9.22
N SER C 38 14.89 -14.02 8.42
CA SER C 38 14.99 -14.75 7.15
C SER C 38 15.95 -14.01 6.22
N VAL C 39 16.45 -14.68 5.19
CA VAL C 39 17.51 -14.11 4.32
C VAL C 39 17.04 -12.78 3.75
N GLY C 40 17.91 -11.77 3.84
CA GLY C 40 17.59 -10.42 3.40
C GLY C 40 16.87 -9.56 4.44
N ALA C 41 16.34 -10.19 5.50
CA ALA C 41 15.58 -9.50 6.53
C ALA C 41 16.33 -9.46 7.87
N GLU C 42 15.77 -8.72 8.82
CA GLU C 42 16.48 -8.41 10.06
C GLU C 42 15.83 -9.00 11.31
N ALA C 43 16.67 -9.37 12.26
CA ALA C 43 16.27 -9.67 13.62
C ALA C 43 16.61 -8.40 14.39
N CYS C 44 15.70 -7.92 15.22
CA CYS C 44 15.89 -6.62 15.87
C CYS C 44 15.62 -6.63 17.37
N LEU C 45 16.46 -5.93 18.11
CA LEU C 45 16.28 -5.75 19.54
C LEU C 45 15.98 -4.28 19.83
N MET C 46 14.82 -4.05 20.41
CA MET C 46 14.33 -2.72 20.75
C MET C 46 14.68 -2.37 22.19
N LEU C 47 15.41 -1.26 22.37
CA LEU C 47 15.70 -0.72 23.69
C LEU C 47 14.91 0.56 23.91
N LYS C 48 14.11 0.60 24.97
CA LYS C 48 13.40 1.82 25.33
C LYS C 48 14.01 2.47 26.57
N GLY C 49 13.98 3.80 26.59
CA GLY C 49 14.40 4.54 27.76
C GLY C 49 13.26 4.68 28.76
N VAL C 50 13.27 5.79 29.49
CA VAL C 50 12.25 6.06 30.49
C VAL C 50 11.09 6.92 29.95
N LYS C 51 11.14 7.25 28.65
CA LYS C 51 10.09 8.03 27.98
C LYS C 51 9.76 7.45 26.60
N GLU C 52 8.53 7.66 26.14
CA GLU C 52 8.03 7.10 24.87
C GLU C 52 8.84 7.50 23.63
N ASP C 53 9.41 8.70 23.66
CA ASP C 53 10.27 9.17 22.58
C ASP C 53 11.71 8.63 22.69
N GLN C 54 11.98 7.85 23.73
CA GLN C 54 13.31 7.25 23.96
C GLN C 54 13.35 5.75 23.61
N THR C 55 13.73 5.46 22.36
CA THR C 55 13.87 4.08 21.86
C THR C 55 15.01 4.00 20.87
N LYS C 56 15.73 2.87 20.90
CA LYS C 56 16.84 2.59 19.97
C LYS C 56 16.83 1.10 19.55
N PHE C 57 17.37 0.81 18.37
CA PHE C 57 17.37 -0.57 17.85
C PHE C 57 18.76 -1.08 17.55
N LEU C 58 18.93 -2.38 17.76
CA LEU C 58 20.07 -3.10 17.25
C LEU C 58 19.48 -3.96 16.15
N LYS C 59 19.95 -3.78 14.92
CA LYS C 59 19.40 -4.52 13.79
C LYS C 59 20.44 -5.50 13.23
N ILE C 60 20.06 -6.76 13.14
CA ILE C 60 20.95 -7.80 12.66
C ILE C 60 20.35 -8.39 11.38
N LYS C 61 20.91 -8.04 10.24
CA LYS C 61 20.39 -8.48 8.95
C LYS C 61 21.03 -9.80 8.55
N THR C 62 20.20 -10.76 8.15
CA THR C 62 20.73 -11.99 7.57
C THR C 62 21.11 -11.69 6.13
N VAL C 63 22.42 -11.65 5.87
CA VAL C 63 22.93 -11.45 4.51
C VAL C 63 22.76 -12.74 3.73
N SER C 64 23.24 -13.84 4.31
CA SER C 64 23.12 -15.17 3.71
C SER C 64 23.18 -16.25 4.78
N SER C 65 22.46 -17.34 4.52
CA SER C 65 22.65 -18.57 5.28
C SER C 65 22.93 -19.67 4.26
N GLU C 66 24.19 -20.11 4.20
CA GLU C 66 24.63 -21.07 3.20
C GLU C 66 25.36 -22.23 3.85
N LEU C 67 25.22 -23.40 3.21
CA LEU C 67 25.97 -24.58 3.58
C LEU C 67 26.81 -24.99 2.38
N SER C 68 28.05 -25.34 2.65
CA SER C 68 28.99 -25.77 1.64
C SER C 68 29.17 -27.27 1.74
N CYS C 69 28.98 -27.98 0.62
CA CYS C 69 29.26 -29.41 0.62
C CYS C 69 30.75 -29.67 0.79
N ARG C 70 31.09 -30.34 1.88
CA ARG C 70 32.40 -30.92 2.07
C ARG C 70 32.32 -32.31 1.44
N GLU C 71 32.99 -32.49 0.31
CA GLU C 71 32.85 -33.72 -0.46
C GLU C 71 33.47 -34.90 0.29
N GLY C 72 32.92 -36.10 0.07
CA GLY C 72 33.42 -37.30 0.73
C GLY C 72 33.98 -38.21 -0.34
N GLN C 73 33.35 -39.36 -0.51
CA GLN C 73 33.76 -40.30 -1.55
C GLN C 73 33.26 -39.85 -2.92
N SER C 74 33.84 -40.44 -3.97
CA SER C 74 33.57 -40.03 -5.33
C SER C 74 33.90 -41.19 -6.26
N TYR C 75 33.10 -41.38 -7.30
CA TYR C 75 33.48 -42.28 -8.39
C TYR C 75 33.00 -41.74 -9.72
N TRP C 76 33.54 -42.30 -10.81
CA TRP C 76 33.12 -41.90 -12.14
C TRP C 76 32.25 -43.00 -12.75
N THR C 77 31.37 -42.62 -13.68
CA THR C 77 30.54 -43.58 -14.37
C THR C 77 30.16 -42.98 -15.72
N GLY C 78 29.48 -43.77 -16.54
CA GLY C 78 29.09 -43.34 -17.87
C GLY C 78 28.17 -44.38 -18.48
N SER C 79 28.07 -44.37 -19.81
CA SER C 79 27.18 -45.25 -20.55
C SER C 79 27.99 -46.30 -21.32
N PHE C 80 27.55 -47.55 -21.22
CA PHE C 80 28.28 -48.70 -21.78
C PHE C 80 27.37 -49.61 -22.54
N SER C 81 27.99 -50.43 -23.41
CA SER C 81 27.29 -51.38 -24.26
C SER C 81 28.19 -52.62 -24.43
N PRO C 82 27.60 -53.84 -24.48
CA PRO C 82 28.47 -55.02 -24.61
C PRO C 82 28.78 -55.35 -26.07
N LYS C 83 29.96 -55.89 -26.33
CA LYS C 83 30.29 -56.44 -27.64
C LYS C 83 30.72 -57.88 -27.41
N CYS C 84 30.06 -58.82 -28.06
CA CYS C 84 30.35 -60.21 -27.75
C CYS C 84 30.73 -61.05 -28.97
N LEU C 85 31.63 -62.00 -28.74
CA LEU C 85 32.04 -62.98 -29.74
C LEU C 85 31.65 -64.35 -29.24
N SER C 86 31.31 -65.26 -30.14
CA SER C 86 30.92 -66.60 -29.72
C SER C 86 31.39 -67.63 -30.73
N SER C 87 31.60 -68.85 -30.24
CA SER C 87 32.05 -69.98 -31.04
C SER C 87 31.59 -71.28 -30.38
N ARG C 88 30.87 -72.10 -31.12
CA ARG C 88 30.28 -73.31 -30.54
C ARG C 88 31.10 -74.54 -30.93
N ARG C 89 31.39 -75.40 -29.96
CA ARG C 89 32.04 -76.67 -30.26
C ARG C 89 31.19 -77.82 -29.80
N CYS C 90 31.21 -78.90 -30.57
CA CYS C 90 30.49 -80.12 -30.19
C CYS C 90 31.10 -80.76 -28.93
N HIS C 91 30.29 -81.54 -28.23
CA HIS C 91 30.76 -82.25 -27.05
C HIS C 91 31.88 -83.20 -27.45
N LEU C 92 32.94 -83.22 -26.63
CA LEU C 92 34.16 -84.02 -26.85
C LEU C 92 35.13 -83.37 -27.81
N VAL C 93 34.84 -82.13 -28.19
CA VAL C 93 35.69 -81.36 -29.10
C VAL C 93 36.24 -80.13 -28.38
N GLY C 94 37.51 -79.83 -28.63
CA GLY C 94 38.19 -78.69 -27.99
C GLY C 94 38.02 -78.68 -26.49
N GLU C 95 37.58 -77.55 -25.95
CA GLU C 95 37.37 -77.42 -24.51
C GLU C 95 36.03 -78.01 -24.06
N CYS C 96 35.18 -78.42 -24.99
CA CYS C 96 33.83 -78.92 -24.64
C CYS C 96 33.83 -80.36 -24.11
N HIS C 97 34.38 -80.52 -22.90
CA HIS C 97 34.45 -81.83 -22.21
C HIS C 97 33.73 -81.82 -20.88
N VAL C 98 33.34 -83.00 -20.40
CA VAL C 98 32.74 -83.21 -19.07
C VAL C 98 31.80 -82.07 -18.62
N ASN C 99 32.25 -81.28 -17.65
CA ASN C 99 31.46 -80.22 -17.05
C ASN C 99 32.16 -78.87 -17.18
N ARG C 100 33.02 -78.75 -18.17
CA ARG C 100 33.77 -77.52 -18.39
C ARG C 100 32.87 -76.32 -18.74
N CYS C 101 31.80 -76.57 -19.51
CA CYS C 101 30.92 -75.49 -19.94
C CYS C 101 30.17 -74.88 -18.77
N LEU C 102 29.53 -75.74 -17.97
CA LEU C 102 28.65 -75.28 -16.88
C LEU C 102 29.37 -74.65 -15.69
N SER C 103 30.69 -74.83 -15.62
CA SER C 103 31.46 -74.24 -14.55
C SER C 103 32.59 -73.39 -15.12
N TRP C 104 32.39 -72.89 -16.34
CA TRP C 104 33.34 -71.97 -16.93
C TRP C 104 33.47 -70.73 -16.06
N ARG C 105 34.68 -70.18 -15.98
CA ARG C 105 34.97 -69.06 -15.08
C ARG C 105 35.01 -67.73 -15.85
N ASP C 106 34.39 -66.70 -15.29
CA ASP C 106 34.23 -65.42 -16.00
C ASP C 106 35.53 -64.86 -16.55
N ASN C 107 36.61 -65.04 -15.80
CA ASN C 107 37.88 -64.43 -16.20
C ASN C 107 38.76 -65.22 -17.18
N GLU C 108 38.40 -66.47 -17.48
CA GLU C 108 39.20 -67.27 -18.42
C GLU C 108 38.72 -67.23 -19.87
N THR C 109 39.61 -66.79 -20.74
CA THR C 109 39.31 -66.66 -22.15
C THR C 109 39.38 -68.03 -22.81
N SER C 110 38.37 -68.37 -23.60
CA SER C 110 38.35 -69.64 -24.32
C SER C 110 39.40 -69.70 -25.42
N ALA C 111 39.97 -70.88 -25.62
CA ALA C 111 40.91 -71.15 -26.72
C ALA C 111 40.32 -70.78 -28.09
N GLU C 112 39.00 -70.62 -28.12
CA GLU C 112 38.29 -70.19 -29.32
C GLU C 112 38.65 -68.76 -29.73
N PHE C 113 39.04 -67.95 -28.74
CA PHE C 113 39.30 -66.54 -28.97
C PHE C 113 40.77 -66.21 -28.73
N SER C 114 41.62 -66.81 -29.55
CA SER C 114 43.05 -66.58 -29.52
C SER C 114 43.32 -65.28 -30.26
N PHE C 115 42.61 -65.10 -31.38
CA PHE C 115 42.72 -63.90 -32.20
C PHE C 115 42.27 -62.61 -31.48
N VAL C 116 42.07 -62.72 -30.17
CA VAL C 116 41.76 -61.57 -29.33
C VAL C 116 43.07 -61.00 -28.74
N GLY C 117 43.82 -61.84 -28.03
CA GLY C 117 45.07 -61.42 -27.42
C GLY C 117 44.88 -60.59 -26.17
N GLU C 118 45.88 -59.77 -25.86
CA GLU C 118 45.90 -59.00 -24.61
C GLU C 118 44.98 -57.78 -24.65
N SER C 119 44.31 -57.53 -23.52
CA SER C 119 43.28 -56.49 -23.43
C SER C 119 43.27 -55.77 -22.07
N THR C 120 42.96 -54.48 -22.07
CA THR C 120 42.81 -53.73 -20.83
C THR C 120 41.39 -53.18 -20.63
N THR C 121 40.40 -53.87 -21.21
CA THR C 121 39.01 -53.43 -21.20
C THR C 121 38.18 -54.33 -20.29
N MET C 122 37.15 -53.76 -19.65
CA MET C 122 36.19 -54.56 -18.90
C MET C 122 35.66 -55.66 -19.82
N ARG C 123 35.65 -56.88 -19.31
CA ARG C 123 35.36 -58.07 -20.14
C ARG C 123 34.97 -59.28 -19.30
N GLU C 124 34.38 -60.28 -19.96
CA GLU C 124 33.97 -61.51 -19.28
C GLU C 124 33.81 -62.64 -20.28
N ASN C 125 33.76 -63.86 -19.77
CA ASN C 125 33.65 -65.03 -20.62
C ASN C 125 32.62 -65.95 -20.04
N LYS C 126 31.87 -66.59 -20.93
CA LYS C 126 30.81 -67.50 -20.55
C LYS C 126 30.85 -68.69 -21.47
N CYS C 127 30.17 -69.74 -21.05
CA CYS C 127 29.92 -70.87 -21.88
C CYS C 127 28.49 -71.31 -21.63
N PHE C 128 27.77 -71.62 -22.70
CA PHE C 128 26.36 -72.05 -22.57
C PHE C 128 26.21 -73.36 -23.28
N GLU C 129 25.65 -74.34 -22.57
CA GLU C 129 25.33 -75.60 -23.21
C GLU C 129 24.20 -75.39 -24.21
N GLN C 130 24.34 -76.01 -25.37
CA GLN C 130 23.32 -75.97 -26.42
C GLN C 130 23.07 -77.39 -26.92
N CYS C 131 22.06 -77.56 -27.77
CA CYS C 131 21.70 -78.86 -28.32
C CYS C 131 22.91 -79.59 -28.94
N GLY C 132 22.94 -80.89 -28.69
CA GLY C 132 23.91 -81.76 -29.34
C GLY C 132 23.17 -82.58 -30.38
N GLY C 133 23.80 -83.66 -30.84
CA GLY C 133 23.20 -84.54 -31.85
C GLY C 133 23.41 -84.01 -33.26
N TRP C 134 23.14 -84.86 -34.25
CA TRP C 134 23.37 -84.52 -35.65
C TRP C 134 22.48 -83.36 -36.12
N GLY C 135 21.28 -83.23 -35.56
CA GLY C 135 20.42 -82.09 -35.87
C GLY C 135 20.99 -80.72 -35.54
N CYS C 136 22.01 -80.67 -34.67
CA CYS C 136 22.71 -79.40 -34.38
C CYS C 136 24.19 -79.53 -34.77
N GLY C 137 24.47 -80.44 -35.70
CA GLY C 137 25.80 -80.56 -36.32
C GLY C 137 26.86 -81.33 -35.53
N CYS C 138 26.44 -82.15 -34.57
CA CYS C 138 27.37 -82.83 -33.66
C CYS C 138 27.27 -84.34 -33.64
N PHE C 139 28.40 -85.04 -33.71
CA PHE C 139 28.42 -86.53 -33.69
C PHE C 139 28.01 -87.11 -32.33
N ASN C 140 28.13 -86.32 -31.27
CA ASN C 140 27.77 -86.72 -29.90
C ASN C 140 26.44 -86.09 -29.53
N VAL C 141 25.56 -86.86 -28.86
CA VAL C 141 24.23 -86.36 -28.47
C VAL C 141 24.23 -85.47 -27.22
N ASN C 142 25.35 -85.41 -26.49
CA ASN C 142 25.45 -84.54 -25.31
C ASN C 142 25.57 -83.08 -25.73
N PRO C 143 25.30 -82.13 -24.80
CA PRO C 143 25.26 -80.72 -25.14
C PRO C 143 26.54 -80.22 -25.80
N SER C 144 26.37 -79.40 -26.84
CA SER C 144 27.49 -78.65 -27.38
C SER C 144 27.75 -77.46 -26.46
N CYS C 145 28.88 -76.77 -26.69
CA CYS C 145 29.32 -75.68 -25.84
C CYS C 145 29.46 -74.41 -26.66
N LEU C 146 28.61 -73.42 -26.37
CA LEU C 146 28.69 -72.10 -26.98
C LEU C 146 29.59 -71.24 -26.07
N PHE C 147 30.86 -71.08 -26.47
CA PHE C 147 31.79 -70.19 -25.77
C PHE C 147 31.59 -68.76 -26.18
N VAL C 148 31.66 -67.88 -25.21
CA VAL C 148 31.37 -66.48 -25.43
C VAL C 148 32.43 -65.60 -24.77
N HIS C 149 32.92 -64.62 -25.50
CA HIS C 149 33.83 -63.63 -24.93
C HIS C 149 33.26 -62.26 -25.18
N THR C 150 33.12 -61.47 -24.11
CA THR C 150 32.44 -60.18 -24.17
C THR C 150 33.26 -59.07 -23.54
N TYR C 151 33.29 -57.92 -24.19
CA TYR C 151 33.81 -56.72 -23.55
C TYR C 151 32.77 -55.60 -23.53
N LEU C 152 33.00 -54.62 -22.65
CA LEU C 152 32.16 -53.42 -22.55
C LEU C 152 32.81 -52.25 -23.29
N GLN C 153 32.00 -51.46 -23.97
CA GLN C 153 32.51 -50.28 -24.65
C GLN C 153 31.73 -49.03 -24.23
N SER C 154 32.43 -47.90 -24.12
CA SER C 154 31.80 -46.63 -23.83
C SER C 154 30.96 -46.23 -25.04
N VAL C 155 29.71 -45.92 -24.79
CA VAL C 155 28.80 -45.55 -25.87
C VAL C 155 28.72 -44.03 -26.01
N ARG C 156 29.40 -43.33 -25.10
CA ARG C 156 29.35 -41.88 -25.05
C ARG C 156 30.71 -41.32 -24.65
N LYS C 157 31.11 -40.24 -25.32
CA LYS C 157 32.42 -39.66 -25.12
C LYS C 157 32.38 -38.57 -24.05
N GLU C 158 31.84 -38.95 -22.89
CA GLU C 158 31.83 -38.13 -21.68
C GLU C 158 31.53 -39.01 -20.47
N ALA C 159 31.89 -38.50 -19.29
CA ALA C 159 31.70 -39.23 -18.03
C ALA C 159 30.97 -38.34 -17.01
N LEU C 160 30.53 -38.95 -15.91
CA LEU C 160 29.89 -38.24 -14.80
C LEU C 160 30.60 -38.62 -13.50
N ARG C 161 30.78 -37.66 -12.60
CA ARG C 161 31.43 -37.93 -11.31
C ARG C 161 30.39 -37.85 -10.21
N VAL C 162 30.11 -39.01 -9.61
CA VAL C 162 29.11 -39.12 -8.55
C VAL C 162 29.84 -38.98 -7.22
N PHE C 163 29.30 -38.14 -6.35
CA PHE C 163 29.92 -37.89 -5.07
C PHE C 163 28.91 -37.63 -3.96
N ASN C 164 29.47 -37.60 -2.76
CA ASN C 164 28.78 -37.64 -1.51
C ASN C 164 29.22 -36.38 -0.75
N CYS C 165 28.36 -35.86 0.12
CA CYS C 165 28.73 -34.76 1.04
C CYS C 165 28.84 -35.26 2.48
N ILE C 166 30.06 -35.50 2.97
CA ILE C 166 30.27 -35.97 4.34
C ILE C 166 29.93 -34.92 5.38
N ASP C 167 29.89 -33.67 4.96
CA ASP C 167 29.55 -32.59 5.87
C ASP C 167 29.09 -31.36 5.12
N TRP C 168 28.21 -30.60 5.75
CA TRP C 168 27.76 -29.32 5.22
C TRP C 168 28.26 -28.24 6.16
N VAL C 169 29.09 -27.34 5.65
CA VAL C 169 29.66 -26.28 6.49
C VAL C 169 28.76 -25.06 6.40
N HIS C 170 28.18 -24.70 7.54
CA HIS C 170 27.29 -23.55 7.64
C HIS C 170 28.04 -22.25 7.89
N LYS C 171 27.70 -21.25 7.08
CA LYS C 171 28.17 -19.90 7.30
C LYS C 171 26.96 -18.98 7.31
N LEU C 172 26.76 -18.27 8.41
CA LEU C 172 25.73 -17.26 8.51
C LEU C 172 26.44 -15.90 8.47
N THR C 173 26.11 -15.11 7.45
CA THR C 173 26.73 -13.81 7.27
C THR C 173 25.75 -12.76 7.75
N LEU C 174 26.17 -11.92 8.69
CA LEU C 174 25.27 -10.96 9.30
C LEU C 174 25.80 -9.56 9.13
N GLU C 175 24.90 -8.67 8.74
CA GLU C 175 25.19 -7.23 8.75
C GLU C 175 24.51 -6.60 9.97
N ILE C 176 25.33 -6.19 10.94
CA ILE C 176 24.85 -5.67 12.22
C ILE C 176 24.85 -4.13 12.21
N THR C 177 23.71 -3.52 12.48
CA THR C 177 23.66 -2.06 12.73
C THR C 177 23.49 -1.78 14.23
N ASP C 178 24.54 -1.23 14.84
CA ASP C 178 24.54 -0.89 16.26
C ASP C 178 23.49 0.18 16.57
N PHE C 179 23.23 0.36 17.86
CA PHE C 179 22.29 1.37 18.36
C PHE C 179 22.63 2.77 17.85
N ASP C 180 23.94 3.03 17.67
CA ASP C 180 24.44 4.32 17.22
C ASP C 180 24.60 4.45 15.70
N GLY C 181 24.07 3.47 14.95
CA GLY C 181 24.05 3.52 13.49
C GLY C 181 25.27 2.97 12.78
N SER C 182 26.28 2.57 13.54
CA SER C 182 27.50 2.01 12.94
C SER C 182 27.28 0.56 12.51
N VAL C 183 27.66 0.27 11.27
CA VAL C 183 27.34 -0.99 10.61
C VAL C 183 28.61 -1.85 10.52
N SER C 184 28.48 -3.14 10.78
CA SER C 184 29.56 -4.10 10.50
C SER C 184 29.02 -5.44 10.00
N THR C 185 29.90 -6.24 9.39
CA THR C 185 29.53 -7.55 8.85
C THR C 185 30.42 -8.62 9.47
N ILE C 186 29.80 -9.66 10.05
CA ILE C 186 30.53 -10.79 10.63
C ILE C 186 30.07 -12.13 10.02
N ASP C 187 30.97 -13.11 10.05
CA ASP C 187 30.67 -14.46 9.60
C ASP C 187 30.66 -15.38 10.81
N LEU C 188 29.52 -16.06 10.98
CA LEU C 188 29.39 -17.00 12.07
C LEU C 188 29.34 -18.43 11.57
N GLY C 189 30.08 -19.31 12.25
CA GLY C 189 29.94 -20.75 12.09
C GLY C 189 28.94 -21.29 13.10
N ALA C 190 28.65 -22.58 13.02
CA ALA C 190 27.70 -23.23 13.91
C ALA C 190 28.02 -23.06 15.39
N SER C 191 29.30 -23.11 15.75
CA SER C 191 29.70 -22.98 17.15
C SER C 191 30.35 -21.62 17.45
N SER C 192 30.37 -20.74 16.45
CA SER C 192 31.08 -19.46 16.51
C SER C 192 30.54 -18.43 17.49
N SER C 193 31.45 -17.60 17.97
CA SER C 193 31.14 -16.38 18.69
C SER C 193 32.02 -15.28 18.11
N ARG C 194 31.43 -14.11 17.85
CA ARG C 194 32.17 -12.95 17.39
C ARG C 194 31.97 -11.79 18.36
N PHE C 195 33.06 -11.12 18.73
CA PHE C 195 32.98 -9.87 19.51
C PHE C 195 32.40 -8.75 18.66
N THR C 196 31.63 -7.90 19.32
CA THR C 196 31.00 -6.74 18.69
C THR C 196 31.34 -5.62 19.64
N ASN C 197 31.00 -4.38 19.28
CA ASN C 197 31.24 -3.25 20.17
C ASN C 197 30.59 -3.42 21.55
N TRP C 198 29.44 -4.10 21.60
CA TRP C 198 28.61 -4.18 22.81
C TRP C 198 28.75 -5.50 23.56
N GLY C 199 29.57 -6.41 23.03
CA GLY C 199 29.84 -7.70 23.66
C GLY C 199 30.12 -8.76 22.62
N SER C 200 29.13 -9.59 22.31
CA SER C 200 29.34 -10.67 21.37
C SER C 200 28.03 -11.23 20.81
N VAL C 201 28.10 -11.77 19.59
CA VAL C 201 27.00 -12.52 18.99
C VAL C 201 27.47 -13.96 18.78
N SER C 202 26.63 -14.90 19.18
CA SER C 202 26.87 -16.33 19.00
C SER C 202 25.69 -16.94 18.28
N LEU C 203 25.95 -18.02 17.55
CA LEU C 203 24.90 -18.90 17.12
C LEU C 203 24.61 -19.85 18.27
N SER C 204 23.60 -19.50 19.06
CA SER C 204 23.15 -20.28 20.21
C SER C 204 22.52 -21.61 19.78
N LEU C 205 21.66 -21.54 18.77
CA LEU C 205 21.04 -22.71 18.21
C LEU C 205 21.14 -22.62 16.69
N ASP C 206 21.75 -23.63 16.09
CA ASP C 206 21.84 -23.72 14.66
C ASP C 206 21.18 -25.01 14.17
N ALA C 207 19.94 -24.89 13.71
CA ALA C 207 19.23 -26.02 13.11
C ALA C 207 19.10 -25.77 11.62
N GLU C 208 20.19 -25.29 11.03
CA GLU C 208 20.20 -24.88 9.62
C GLU C 208 20.86 -25.90 8.66
N GLY C 209 21.25 -27.06 9.19
CA GLY C 209 21.87 -28.12 8.40
C GLY C 209 20.88 -28.85 7.49
N ILE C 210 21.33 -29.93 6.86
CA ILE C 210 20.42 -30.73 6.02
C ILE C 210 19.97 -31.98 6.79
N SER C 211 18.69 -32.03 7.13
CA SER C 211 18.13 -33.20 7.83
C SER C 211 18.08 -34.39 6.88
N GLY C 212 18.62 -35.52 7.36
CA GLY C 212 18.74 -36.73 6.55
C GLY C 212 19.51 -36.50 5.27
N SER C 213 20.64 -35.80 5.39
CA SER C 213 21.49 -35.48 4.24
C SER C 213 22.15 -36.73 3.66
N ASN C 214 22.17 -37.81 4.44
CA ASN C 214 22.66 -39.12 4.00
C ASN C 214 21.83 -39.73 2.87
N SER C 215 20.65 -39.19 2.62
CA SER C 215 19.80 -39.70 1.54
C SER C 215 19.82 -38.84 0.26
N PHE C 216 20.77 -37.89 0.18
CA PHE C 216 21.14 -37.19 -1.05
C PHE C 216 22.56 -37.57 -1.53
N SER C 217 22.78 -37.55 -2.83
CA SER C 217 24.14 -37.48 -3.36
C SER C 217 24.15 -36.57 -4.58
N PHE C 218 25.31 -36.39 -5.21
CA PHE C 218 25.47 -35.39 -6.26
C PHE C 218 26.28 -35.89 -7.44
N ILE C 219 26.03 -35.28 -8.61
CA ILE C 219 26.76 -35.61 -9.83
C ILE C 219 27.36 -34.35 -10.44
N GLU C 220 28.67 -34.41 -10.76
CA GLU C 220 29.32 -33.41 -11.61
C GLU C 220 29.51 -33.90 -13.04
N SER C 221 29.00 -33.13 -14.00
CA SER C 221 29.17 -33.37 -15.42
C SER C 221 30.12 -32.27 -15.89
N PRO C 222 31.44 -32.57 -15.92
CA PRO C 222 32.48 -31.55 -16.16
C PRO C 222 32.10 -30.55 -17.24
N GLY C 223 32.17 -29.26 -16.89
CA GLY C 223 31.81 -28.17 -17.79
C GLY C 223 30.34 -28.07 -18.17
N LYS C 224 29.49 -28.81 -17.47
CA LYS C 224 28.06 -28.85 -17.76
C LYS C 224 27.23 -28.74 -16.47
N GLY C 225 27.91 -28.47 -15.34
CA GLY C 225 27.23 -28.23 -14.06
C GLY C 225 27.07 -29.43 -13.15
N TYR C 226 26.12 -29.34 -12.23
CA TYR C 226 25.87 -30.38 -11.22
C TYR C 226 24.42 -30.84 -11.19
N ALA C 227 24.21 -32.00 -10.58
CA ALA C 227 22.88 -32.51 -10.34
C ALA C 227 22.80 -33.10 -8.93
N ILE C 228 21.60 -33.10 -8.36
CA ILE C 228 21.36 -33.81 -7.11
C ILE C 228 20.74 -35.16 -7.46
N VAL C 229 21.02 -36.18 -6.65
CA VAL C 229 20.32 -37.47 -6.74
C VAL C 229 19.60 -37.78 -5.44
N ASP C 230 18.33 -38.19 -5.53
CA ASP C 230 17.54 -38.41 -4.33
C ASP C 230 17.71 -39.81 -3.74
N GLU C 231 18.95 -40.22 -3.59
CA GLU C 231 19.27 -41.50 -2.97
C GLU C 231 20.60 -41.40 -2.26
N PRO C 232 20.85 -42.30 -1.29
CA PRO C 232 22.15 -42.35 -0.62
C PRO C 232 23.28 -42.67 -1.59
N PHE C 233 24.46 -42.14 -1.31
CA PHE C 233 25.67 -42.59 -1.99
C PHE C 233 25.90 -44.02 -1.51
N SER C 234 26.32 -44.91 -2.39
CA SER C 234 26.67 -46.26 -1.99
C SER C 234 28.09 -46.57 -2.44
N GLU C 235 28.83 -47.26 -1.59
CA GLU C 235 30.20 -47.63 -1.90
C GLU C 235 30.24 -48.98 -2.59
N ILE C 236 29.07 -49.61 -2.69
CA ILE C 236 28.93 -50.94 -3.27
C ILE C 236 28.17 -50.86 -4.59
N PRO C 237 28.83 -51.21 -5.72
CA PRO C 237 28.14 -51.25 -7.01
C PRO C 237 26.98 -52.24 -6.93
N ARG C 238 25.79 -51.79 -7.28
CA ARG C 238 24.60 -52.63 -7.22
C ARG C 238 23.76 -52.52 -8.50
N GLN C 239 23.45 -53.66 -9.10
CA GLN C 239 22.66 -53.69 -10.34
C GLN C 239 21.35 -52.93 -10.21
N GLY C 240 21.08 -52.08 -11.19
CA GLY C 240 19.84 -51.32 -11.22
C GLY C 240 19.97 -49.97 -10.56
N PHE C 241 21.14 -49.65 -10.04
CA PHE C 241 21.39 -48.35 -9.44
C PHE C 241 22.53 -47.61 -10.12
N LEU C 242 22.51 -46.28 -10.02
CA LEU C 242 23.65 -45.44 -10.36
C LEU C 242 24.94 -46.02 -9.75
N GLY C 243 26.01 -46.09 -10.55
CA GLY C 243 27.28 -46.65 -10.07
C GLY C 243 27.37 -48.16 -10.09
N GLU C 244 26.41 -48.81 -10.75
CA GLU C 244 26.45 -50.27 -10.95
C GLU C 244 27.68 -50.62 -11.78
N ILE C 245 28.12 -49.66 -12.59
CA ILE C 245 29.47 -49.66 -13.17
C ILE C 245 30.11 -48.34 -12.69
N ARG C 246 31.31 -48.43 -12.14
CA ARG C 246 32.01 -47.25 -11.63
C ARG C 246 33.53 -47.34 -11.83
N CYS C 247 34.18 -46.18 -11.93
CA CYS C 247 35.61 -46.09 -12.25
C CYS C 247 36.24 -44.94 -11.45
N ASN C 248 37.56 -44.93 -11.35
CA ASN C 248 38.24 -43.91 -10.54
C ASN C 248 38.66 -42.68 -11.34
N SER C 249 38.36 -42.66 -12.64
CA SER C 249 38.73 -41.51 -13.48
C SER C 249 37.82 -41.35 -14.68
N GLU C 250 37.72 -40.12 -15.17
CA GLU C 250 37.04 -39.82 -16.44
C GLU C 250 37.60 -40.65 -17.59
N SER C 251 38.93 -40.70 -17.70
CA SER C 251 39.57 -41.47 -18.78
C SER C 251 39.20 -42.95 -18.74
N SER C 252 39.17 -43.56 -17.56
CA SER C 252 38.77 -44.96 -17.41
C SER C 252 37.33 -45.25 -17.83
N VAL C 253 36.42 -44.29 -17.65
CA VAL C 253 35.03 -44.46 -18.10
C VAL C 253 35.00 -44.50 -19.64
N LEU C 254 35.74 -43.56 -20.22
CA LEU C 254 35.80 -43.36 -21.66
C LEU C 254 36.45 -44.54 -22.38
N SER C 255 37.38 -45.20 -21.70
CA SER C 255 38.05 -46.38 -22.26
C SER C 255 37.42 -47.70 -21.78
N ALA C 256 36.32 -47.63 -21.03
CA ALA C 256 35.74 -48.80 -20.38
C ALA C 256 36.83 -49.68 -19.76
N HIS C 257 37.75 -49.03 -19.02
CA HIS C 257 39.00 -49.65 -18.56
C HIS C 257 38.75 -50.77 -17.54
N GLU C 258 39.56 -51.82 -17.62
CA GLU C 258 39.40 -53.02 -16.78
C GLU C 258 39.53 -52.76 -15.28
N SER C 259 40.08 -51.60 -14.89
CA SER C 259 40.13 -51.23 -13.47
C SER C 259 38.76 -50.82 -12.90
N CYS C 260 37.81 -50.48 -13.76
CA CYS C 260 36.44 -50.18 -13.32
C CYS C 260 35.81 -51.36 -12.57
N LEU C 261 34.92 -51.05 -11.62
CA LEU C 261 34.20 -52.05 -10.83
C LEU C 261 32.75 -52.15 -11.29
N ARG C 262 32.21 -53.36 -11.31
CA ARG C 262 30.81 -53.52 -11.72
C ARG C 262 30.08 -54.57 -10.92
N ALA C 263 28.79 -54.36 -10.70
CA ALA C 263 27.94 -55.34 -10.06
C ALA C 263 27.92 -56.64 -10.90
N PRO C 264 27.54 -57.78 -10.28
CA PRO C 264 27.48 -59.04 -11.03
C PRO C 264 26.29 -59.07 -11.98
N ASN C 265 26.37 -59.89 -13.02
CA ASN C 265 25.24 -60.17 -13.91
C ASN C 265 24.65 -58.99 -14.69
N LEU C 266 25.49 -58.01 -15.04
CA LEU C 266 24.97 -56.88 -15.81
C LEU C 266 24.65 -57.16 -17.27
N ILE C 267 25.30 -58.18 -17.83
CA ILE C 267 25.10 -58.52 -19.23
C ILE C 267 24.23 -59.76 -19.29
N SER C 268 23.16 -59.68 -20.08
CA SER C 268 22.25 -60.78 -20.33
C SER C 268 22.58 -61.39 -21.68
N TYR C 269 22.40 -62.70 -21.78
CA TYR C 269 22.73 -63.43 -22.97
C TYR C 269 21.56 -64.24 -23.49
N LYS C 270 21.42 -64.28 -24.81
CA LYS C 270 20.49 -65.21 -25.43
C LYS C 270 21.25 -66.12 -26.39
N PRO C 271 21.76 -67.27 -25.88
CA PRO C 271 22.38 -68.26 -26.76
C PRO C 271 21.30 -68.94 -27.61
N MET C 272 21.53 -69.04 -28.89
CA MET C 272 20.59 -69.64 -29.82
C MET C 272 21.35 -70.49 -30.81
N ILE C 273 21.83 -71.62 -30.31
CA ILE C 273 22.68 -72.57 -31.06
C ILE C 273 23.99 -71.89 -31.49
N ASP C 274 24.08 -71.43 -32.75
CA ASP C 274 25.23 -70.68 -33.22
C ASP C 274 25.02 -69.16 -33.21
N GLN C 275 23.79 -68.70 -33.01
CA GLN C 275 23.56 -67.26 -32.83
C GLN C 275 23.64 -66.90 -31.35
N LEU C 276 23.96 -65.64 -31.08
CA LEU C 276 24.02 -65.15 -29.71
C LEU C 276 23.67 -63.68 -29.72
N GLU C 277 22.79 -63.28 -28.82
CA GLU C 277 22.65 -61.87 -28.53
C GLU C 277 23.07 -61.58 -27.10
N CYS C 278 23.66 -60.43 -26.90
CA CYS C 278 24.00 -59.99 -25.56
C CYS C 278 23.55 -58.55 -25.41
N THR C 279 22.90 -58.28 -24.28
CA THR C 279 22.36 -56.96 -24.02
C THR C 279 22.64 -56.55 -22.56
N THR C 280 22.58 -55.25 -22.34
CA THR C 280 22.62 -54.70 -21.00
C THR C 280 21.33 -53.87 -20.82
N ASN C 281 20.97 -53.63 -19.59
CA ASN C 281 19.88 -52.69 -19.29
C ASN C 281 20.34 -51.82 -18.15
N LEU C 282 21.33 -51.02 -18.44
CA LEU C 282 22.00 -50.28 -17.39
C LEU C 282 21.22 -49.01 -17.19
N ILE C 283 21.17 -48.52 -15.95
CA ILE C 283 20.56 -47.22 -15.81
C ILE C 283 21.44 -46.19 -16.52
N ASP C 284 20.82 -45.24 -17.20
CA ASP C 284 21.57 -44.25 -17.94
C ASP C 284 21.89 -43.11 -16.99
N PRO C 285 23.17 -42.96 -16.60
CA PRO C 285 23.44 -41.93 -15.60
C PRO C 285 23.20 -40.49 -16.11
N PHE C 286 23.19 -40.31 -17.43
CA PHE C 286 22.95 -38.98 -18.01
C PHE C 286 21.50 -38.56 -17.90
N VAL C 287 20.58 -39.53 -17.90
CA VAL C 287 19.18 -39.29 -17.65
C VAL C 287 19.02 -38.88 -16.19
N VAL C 288 19.75 -39.56 -15.31
CA VAL C 288 19.71 -39.22 -13.89
C VAL C 288 20.22 -37.79 -13.70
N PHE C 289 21.36 -37.47 -14.34
CA PHE C 289 21.89 -36.12 -14.26
C PHE C 289 20.89 -35.05 -14.70
N GLU C 290 20.24 -35.26 -15.86
CA GLU C 290 19.29 -34.30 -16.42
C GLU C 290 18.11 -34.05 -15.49
N ARG C 291 17.59 -35.13 -14.90
CA ARG C 291 16.45 -35.06 -13.99
C ARG C 291 16.72 -34.30 -12.69
N GLY C 292 17.99 -34.23 -12.30
CA GLY C 292 18.38 -33.58 -11.05
C GLY C 292 19.29 -32.39 -11.20
N SER C 293 19.52 -31.95 -12.44
CA SER C 293 20.46 -30.85 -12.70
C SER C 293 20.06 -29.59 -11.94
N LEU C 294 21.06 -28.91 -11.39
CA LEU C 294 20.84 -27.77 -10.51
C LEU C 294 20.51 -26.51 -11.31
N PRO C 295 19.76 -25.56 -10.70
CA PRO C 295 19.34 -25.53 -9.30
C PRO C 295 18.14 -26.44 -9.00
N GLN C 296 18.11 -27.00 -7.79
CA GLN C 296 17.01 -27.85 -7.35
C GLN C 296 16.62 -27.48 -5.91
N THR C 297 15.32 -27.55 -5.63
CA THR C 297 14.78 -27.28 -4.30
C THR C 297 14.42 -28.56 -3.59
N ARG C 298 15.00 -28.76 -2.41
CA ARG C 298 14.57 -29.80 -1.51
C ARG C 298 14.27 -29.17 -0.16
N ASN C 299 13.09 -29.49 0.38
CA ASN C 299 12.65 -28.92 1.64
C ASN C 299 12.66 -27.38 1.57
N ASP C 300 13.35 -26.72 2.51
CA ASP C 300 13.48 -25.26 2.51
C ASP C 300 14.85 -24.79 1.97
N LYS C 301 15.52 -25.65 1.21
CA LYS C 301 16.86 -25.34 0.67
C LYS C 301 16.86 -25.37 -0.84
N THR C 302 17.56 -24.42 -1.45
CA THR C 302 17.94 -24.53 -2.86
C THR C 302 19.37 -25.00 -2.96
N PHE C 303 19.58 -26.09 -3.70
CA PHE C 303 20.91 -26.59 -3.98
C PHE C 303 21.41 -26.03 -5.30
N ALA C 304 22.62 -25.48 -5.31
CA ALA C 304 23.14 -24.83 -6.50
C ALA C 304 24.65 -24.89 -6.55
N ALA C 305 25.21 -24.73 -7.76
CA ALA C 305 26.65 -24.61 -7.95
C ALA C 305 27.14 -23.32 -7.29
N SER C 306 28.27 -23.42 -6.60
CA SER C 306 28.89 -22.25 -5.99
C SER C 306 29.14 -21.16 -7.02
N LYS C 307 28.80 -19.92 -6.63
CA LYS C 307 28.92 -18.76 -7.51
C LYS C 307 30.38 -18.29 -7.57
N GLY C 308 30.97 -18.05 -6.41
CA GLY C 308 32.36 -17.62 -6.33
C GLY C 308 33.32 -18.72 -5.92
N ASN C 309 32.95 -19.97 -6.21
CA ASN C 309 33.72 -21.15 -5.79
C ASN C 309 33.46 -22.38 -6.67
N ARG C 310 34.20 -23.45 -6.42
CA ARG C 310 33.94 -24.77 -7.01
C ARG C 310 32.95 -25.50 -6.10
N GLY C 311 32.27 -26.51 -6.62
CA GLY C 311 31.40 -27.36 -5.80
C GLY C 311 29.96 -26.89 -5.64
N VAL C 312 29.22 -27.55 -4.74
CA VAL C 312 27.79 -27.24 -4.52
C VAL C 312 27.51 -26.60 -3.18
N GLN C 313 26.52 -25.71 -3.18
CA GLN C 313 26.04 -25.06 -1.96
C GLN C 313 24.53 -25.24 -1.81
N ALA C 314 24.06 -25.12 -0.57
CA ALA C 314 22.63 -25.17 -0.23
C ALA C 314 22.27 -23.85 0.42
N PHE C 315 21.24 -23.18 -0.10
CA PHE C 315 20.87 -21.82 0.30
C PHE C 315 19.52 -21.86 0.97
N SER C 316 19.38 -21.15 2.09
CA SER C 316 18.10 -21.04 2.80
C SER C 316 17.08 -20.23 1.99
N LYS C 317 15.88 -20.79 1.90
CA LYS C 317 14.77 -20.14 1.20
C LYS C 317 13.71 -19.72 2.21
N GLY C 318 13.51 -20.56 3.22
CA GLY C 318 12.48 -20.31 4.22
C GLY C 318 12.99 -19.53 5.42
N SER C 319 12.58 -19.97 6.60
CA SER C 319 13.11 -19.44 7.86
C SER C 319 14.59 -19.74 7.94
N VAL C 320 15.30 -18.91 8.70
CA VAL C 320 16.67 -19.20 9.04
C VAL C 320 16.58 -19.78 10.46
N GLN C 321 16.72 -21.10 10.55
CA GLN C 321 16.49 -21.78 11.81
C GLN C 321 17.73 -21.73 12.69
N ALA C 322 17.90 -20.57 13.30
CA ALA C 322 19.09 -20.21 14.03
C ALA C 322 18.71 -19.19 15.10
N ASP C 323 19.10 -19.48 16.34
CA ASP C 323 18.89 -18.56 17.45
C ASP C 323 20.21 -17.85 17.72
N LEU C 324 20.16 -16.52 17.71
CA LEU C 324 21.34 -15.72 18.02
C LEU C 324 21.36 -15.39 19.51
N THR C 325 22.47 -15.67 20.17
CA THR C 325 22.62 -15.20 21.54
C THR C 325 23.41 -13.89 21.52
N LEU C 326 22.75 -12.83 21.97
CA LEU C 326 23.38 -11.53 22.09
C LEU C 326 23.84 -11.36 23.52
N MET C 327 25.15 -11.25 23.71
N MET C 327 25.15 -11.18 23.70
CA MET C 327 25.71 -10.92 25.02
CA MET C 327 25.74 -10.92 25.00
C MET C 327 26.03 -9.43 25.02
C MET C 327 26.13 -9.45 25.11
N PHE C 328 25.51 -8.73 26.04
CA PHE C 328 25.83 -7.32 26.24
C PHE C 328 26.75 -7.14 27.45
N ASP C 329 27.87 -6.46 27.22
CA ASP C 329 28.93 -6.33 28.24
C ASP C 329 28.90 -5.06 29.07
N ASN C 330 27.77 -4.80 29.71
CA ASN C 330 27.48 -3.53 30.41
C ASN C 330 27.64 -2.30 29.49
N PHE C 331 27.11 -2.43 28.28
CA PHE C 331 27.25 -1.45 27.20
C PHE C 331 26.29 -0.26 27.35
N GLU C 332 26.82 0.95 27.25
CA GLU C 332 25.98 2.14 27.39
C GLU C 332 25.36 2.59 26.07
N VAL C 333 24.13 3.08 26.14
CA VAL C 333 23.39 3.49 24.94
C VAL C 333 22.67 4.80 25.22
N ASP C 334 22.83 5.78 24.35
CA ASP C 334 22.15 7.06 24.56
C ASP C 334 20.97 7.23 23.59
N PHE C 335 20.17 8.28 23.82
CA PHE C 335 18.98 8.51 23.01
C PHE C 335 19.05 9.79 22.17
N VAL C 336 20.27 10.23 21.86
CA VAL C 336 20.51 11.42 21.05
C VAL C 336 20.01 11.22 19.61
N GLY C 337 19.46 12.29 19.03
CA GLY C 337 18.94 12.25 17.67
C GLY C 337 17.58 12.91 17.56
N ALA C 338 17.38 13.70 16.50
CA ALA C 338 16.13 14.41 16.28
C ALA C 338 15.16 13.61 15.39
N ALA C 339 13.87 13.70 15.70
CA ALA C 339 12.84 12.94 15.00
C ALA C 339 12.32 13.65 13.76
N VAL C 340 12.09 12.88 12.69
CA VAL C 340 11.45 13.39 11.46
C VAL C 340 10.00 12.89 11.36
N SER C 341 9.36 13.09 10.21
CA SER C 341 7.95 12.68 10.03
C SER C 341 7.80 11.23 9.55
N CYS C 342 6.61 10.66 9.75
CA CYS C 342 6.39 9.23 9.55
C CYS C 342 5.15 8.89 8.73
N ASP C 343 5.32 8.12 7.66
CA ASP C 343 4.21 7.60 6.87
C ASP C 343 4.15 6.08 6.97
N ALA C 344 3.09 5.56 7.61
CA ALA C 344 2.95 4.12 7.82
C ALA C 344 1.62 3.55 7.34
N ALA C 345 1.65 2.31 6.87
CA ALA C 345 0.46 1.61 6.38
C ALA C 345 0.44 0.14 6.83
N PHE C 346 -0.74 -0.34 7.21
CA PHE C 346 -0.91 -1.71 7.70
C PHE C 346 -0.83 -2.75 6.57
N LEU C 347 -0.12 -3.83 6.84
CA LEU C 347 0.01 -4.93 5.88
C LEU C 347 -0.75 -6.19 6.32
N ASN C 348 -0.43 -6.72 7.49
CA ASN C 348 -1.05 -7.95 7.98
C ASN C 348 -0.97 -8.23 9.49
N LEU C 349 -1.91 -9.03 9.97
CA LEU C 349 -1.90 -9.54 11.33
C LEU C 349 -2.14 -11.04 11.27
N THR C 350 -1.21 -11.82 11.79
CA THR C 350 -1.30 -13.28 11.71
C THR C 350 -0.79 -13.93 12.98
N GLY C 351 -1.45 -14.99 13.42
CA GLY C 351 -0.99 -15.78 14.55
C GLY C 351 -2.08 -16.29 15.45
N CYS C 352 -1.76 -16.48 16.71
CA CYS C 352 -2.73 -16.94 17.71
C CYS C 352 -3.05 -15.84 18.71
N TYR C 353 -4.18 -16.00 19.41
CA TYR C 353 -4.52 -15.13 20.52
C TYR C 353 -4.45 -15.91 21.83
N SER C 354 -4.30 -15.19 22.94
CA SER C 354 -4.21 -15.77 24.29
C SER C 354 -3.15 -16.89 24.40
N CYS C 355 -2.00 -16.66 23.77
CA CYS C 355 -0.95 -17.67 23.63
C CYS C 355 0.42 -17.06 23.83
N ASN C 356 1.40 -17.91 24.13
CA ASN C 356 2.79 -17.48 24.32
C ASN C 356 3.40 -16.88 23.06
N ALA C 357 3.01 -17.42 21.90
CA ALA C 357 3.55 -17.00 20.60
C ALA C 357 3.06 -15.61 20.17
N GLY C 358 1.79 -15.32 20.41
CA GLY C 358 1.20 -14.07 20.00
C GLY C 358 0.91 -13.97 18.51
N ALA C 359 0.70 -12.75 18.05
CA ALA C 359 0.42 -12.46 16.65
C ALA C 359 1.48 -11.51 16.11
N ARG C 360 1.70 -11.58 14.80
CA ARG C 360 2.68 -10.74 14.15
C ARG C 360 1.99 -9.63 13.37
N VAL C 361 2.24 -8.40 13.76
CA VAL C 361 1.75 -7.26 13.00
C VAL C 361 2.86 -6.76 12.09
N CYS C 362 2.52 -6.54 10.82
CA CYS C 362 3.46 -5.98 9.86
C CYS C 362 2.96 -4.70 9.25
N LEU C 363 3.79 -3.68 9.31
CA LEU C 363 3.53 -2.38 8.70
C LEU C 363 4.61 -2.10 7.69
N SER C 364 4.29 -1.29 6.68
CA SER C 364 5.31 -0.70 5.84
C SER C 364 5.49 0.76 6.27
N ILE C 365 6.73 1.19 6.43
CA ILE C 365 7.05 2.51 6.99
C ILE C 365 7.90 3.34 6.03
N THR C 366 7.44 4.56 5.77
CA THR C 366 8.14 5.51 4.90
C THR C 366 8.60 6.74 5.69
N SER C 367 9.88 7.05 5.56
CA SER C 367 10.50 8.21 6.20
C SER C 367 11.70 8.67 5.40
N THR C 368 12.28 9.81 5.79
CA THR C 368 13.46 10.34 5.12
C THR C 368 14.66 10.37 6.07
N GLY C 369 14.43 9.94 7.30
CA GLY C 369 15.49 9.81 8.30
C GLY C 369 15.23 8.60 9.18
N THR C 370 16.27 8.14 9.88
CA THR C 370 16.14 6.97 10.73
C THR C 370 15.72 7.34 12.16
N GLY C 371 14.68 6.68 12.65
CA GLY C 371 14.13 6.93 13.99
C GLY C 371 13.27 5.77 14.46
N SER C 372 12.21 6.08 15.19
CA SER C 372 11.29 5.06 15.71
C SER C 372 9.85 5.44 15.46
N LEU C 373 9.02 4.46 15.12
CA LEU C 373 7.58 4.62 15.06
C LEU C 373 6.99 4.10 16.36
N SER C 374 6.15 4.91 16.99
CA SER C 374 5.48 4.52 18.22
C SER C 374 3.97 4.61 18.03
N ALA C 375 3.26 3.61 18.55
CA ALA C 375 1.80 3.55 18.43
C ALA C 375 1.16 2.93 19.66
N HIS C 376 0.09 3.56 20.15
CA HIS C 376 -0.73 2.96 21.19
C HIS C 376 -2.20 2.93 20.79
N ASN C 377 -2.92 1.91 21.23
CA ASN C 377 -4.36 1.85 21.04
C ASN C 377 -5.07 2.82 22.00
N LYS C 378 -6.38 2.99 21.83
CA LYS C 378 -7.14 3.94 22.65
C LYS C 378 -6.93 3.74 24.15
N ASP C 379 -7.17 2.53 24.61
CA ASP C 379 -6.99 2.16 26.02
C ASP C 379 -5.52 2.15 26.46
N GLY C 380 -4.60 2.20 25.49
CA GLY C 380 -3.17 2.25 25.77
C GLY C 380 -2.59 0.93 26.28
N SER C 381 -3.31 -0.16 26.05
CA SER C 381 -2.93 -1.47 26.55
C SER C 381 -1.95 -2.20 25.62
N LEU C 382 -1.92 -1.78 24.36
CA LEU C 382 -1.03 -2.39 23.37
C LEU C 382 -0.15 -1.36 22.69
N HIS C 383 1.10 -1.73 22.46
CA HIS C 383 2.12 -0.79 21.98
C HIS C 383 2.96 -1.32 20.81
N ILE C 384 2.99 -0.52 19.75
CA ILE C 384 3.82 -0.81 18.58
C ILE C 384 5.01 0.14 18.56
N VAL C 385 6.20 -0.43 18.62
CA VAL C 385 7.45 0.34 18.43
C VAL C 385 8.29 -0.34 17.37
N LEU C 386 8.42 0.33 16.22
CA LEU C 386 9.16 -0.20 15.07
C LEU C 386 10.16 0.84 14.55
N PRO C 387 11.23 0.39 13.87
CA PRO C 387 12.21 1.35 13.33
C PRO C 387 11.64 2.10 12.14
N SER C 388 11.96 3.39 12.05
CA SER C 388 11.73 4.14 10.81
C SER C 388 13.07 4.43 10.18
N GLU C 389 13.09 4.53 8.85
CA GLU C 389 14.34 4.70 8.12
C GLU C 389 14.16 5.60 6.91
N ASN C 390 15.28 6.18 6.46
CA ASN C 390 15.34 6.90 5.21
C ASN C 390 14.97 5.97 4.04
N GLY C 391 13.72 6.07 3.59
CA GLY C 391 13.20 5.19 2.56
C GLY C 391 11.96 4.46 3.03
N THR C 392 11.63 3.36 2.36
CA THR C 392 10.42 2.58 2.66
C THR C 392 10.77 1.13 3.03
N LYS C 393 10.31 0.68 4.20
CA LYS C 393 10.64 -0.65 4.72
C LYS C 393 9.45 -1.37 5.37
N ASP C 394 9.41 -2.69 5.24
CA ASP C 394 8.41 -3.51 5.91
C ASP C 394 8.90 -3.91 7.31
N GLN C 395 8.14 -3.53 8.33
CA GLN C 395 8.54 -3.74 9.71
C GLN C 395 7.50 -4.51 10.53
N CYS C 396 7.96 -5.50 11.29
CA CYS C 396 7.06 -6.38 12.03
C CYS C 396 7.42 -6.55 13.51
N GLN C 397 6.40 -6.77 14.33
CA GLN C 397 6.59 -7.14 15.74
C GLN C 397 5.46 -8.01 16.29
N ILE C 398 5.69 -8.60 17.46
CA ILE C 398 4.72 -9.47 18.12
C ILE C 398 3.74 -8.66 18.98
N LEU C 399 2.45 -8.97 18.85
CA LEU C 399 1.37 -8.40 19.68
C LEU C 399 0.52 -9.51 20.30
N HIS C 400 0.13 -9.34 21.57
CA HIS C 400 -0.69 -10.34 22.26
C HIS C 400 -2.15 -9.91 22.38
N PHE C 401 -3.04 -10.69 21.78
CA PHE C 401 -4.47 -10.40 21.81
C PHE C 401 -5.24 -11.43 22.62
N THR C 402 -6.39 -11.02 23.14
CA THR C 402 -7.26 -11.86 23.95
C THR C 402 -8.38 -12.46 23.09
N VAL C 403 -8.55 -11.92 21.90
CA VAL C 403 -9.72 -12.22 21.06
C VAL C 403 -9.39 -12.75 19.67
N PRO C 404 -10.28 -13.57 19.08
CA PRO C 404 -10.08 -14.16 17.74
C PRO C 404 -10.27 -13.16 16.61
N GLU C 405 -11.20 -12.22 16.77
CA GLU C 405 -11.40 -11.15 15.80
C GLU C 405 -10.72 -9.87 16.24
N VAL C 406 -9.83 -9.37 15.40
CA VAL C 406 -9.05 -8.18 15.70
C VAL C 406 -9.38 -7.03 14.75
N GLU C 407 -9.96 -5.97 15.32
CA GLU C 407 -10.15 -4.72 14.61
C GLU C 407 -9.87 -3.63 15.64
N GLU C 408 -8.69 -3.03 15.52
CA GLU C 408 -8.17 -2.17 16.59
C GLU C 408 -7.79 -0.77 16.12
N GLU C 409 -7.89 0.18 17.07
CA GLU C 409 -7.64 1.59 16.82
C GLU C 409 -6.28 1.99 17.37
N PHE C 410 -5.29 2.08 16.49
CA PHE C 410 -3.94 2.49 16.86
C PHE C 410 -3.63 3.92 16.42
N MET C 411 -2.88 4.63 17.27
CA MET C 411 -2.43 5.98 16.96
C MET C 411 -0.92 5.96 16.77
N TYR C 412 -0.48 6.11 15.52
CA TYR C 412 0.94 6.03 15.23
C TYR C 412 1.57 7.40 14.96
N SER C 413 2.86 7.50 15.25
CA SER C 413 3.67 8.68 14.96
C SER C 413 5.16 8.38 15.11
N CYS C 414 5.98 9.11 14.37
CA CYS C 414 7.43 9.06 14.56
C CYS C 414 7.96 10.30 15.28
N ASP C 415 7.16 11.35 15.33
CA ASP C 415 7.57 12.63 15.94
C ASP C 415 6.51 13.24 16.87
N GLY C 416 5.48 12.46 17.20
CA GLY C 416 4.38 12.95 18.03
C GLY C 416 3.17 13.36 17.20
N ASP C 417 3.40 13.67 15.93
CA ASP C 417 2.33 14.00 14.98
C ASP C 417 1.51 12.76 14.65
N GLU C 418 0.62 12.41 15.58
CA GLU C 418 -0.17 11.18 15.51
C GLU C 418 -1.24 11.21 14.43
N ARG C 419 -1.67 10.00 14.04
CA ARG C 419 -2.81 9.80 13.15
C ARG C 419 -3.20 8.32 13.20
N PRO C 420 -4.47 8.01 12.88
CA PRO C 420 -5.03 6.67 13.06
C PRO C 420 -4.36 5.55 12.27
N LEU C 421 -4.51 4.33 12.78
CA LEU C 421 -4.08 3.11 12.10
C LEU C 421 -5.04 1.99 12.50
N LEU C 422 -5.40 1.15 11.53
CA LEU C 422 -6.35 0.07 11.76
C LEU C 422 -5.72 -1.28 11.48
N VAL C 423 -5.78 -2.18 12.47
CA VAL C 423 -5.27 -3.54 12.32
C VAL C 423 -6.39 -4.59 12.21
N LYS C 424 -6.55 -5.15 11.01
CA LYS C 424 -7.55 -6.17 10.73
C LYS C 424 -6.89 -7.56 10.75
N GLY C 425 -7.69 -8.60 11.01
CA GLY C 425 -7.19 -9.97 10.96
C GLY C 425 -7.90 -10.97 11.84
N THR C 426 -7.67 -12.25 11.56
CA THR C 426 -8.28 -13.34 12.31
C THR C 426 -7.21 -14.19 12.98
N LEU C 427 -7.42 -14.52 14.25
CA LEU C 427 -6.48 -15.29 15.04
C LEU C 427 -7.07 -16.64 15.49
N ILE C 428 -6.22 -17.66 15.59
CA ILE C 428 -6.64 -18.99 16.06
C ILE C 428 -6.16 -19.29 17.48
N ALA C 429 -6.46 -20.48 17.99
CA ALA C 429 -6.16 -20.82 19.39
C ALA C 429 -5.62 -22.24 19.62
N ILE C 430 -6.05 -22.86 20.73
CA ILE C 430 -5.62 -24.20 21.18
C ILE C 430 -4.13 -24.50 21.06
N ASP D 1 12.28 -82.55 -48.53
CA ASP D 1 13.69 -82.53 -49.05
C ASP D 1 14.78 -83.12 -48.11
N PRO D 2 14.69 -82.92 -46.77
CA PRO D 2 15.52 -83.79 -45.95
C PRO D 2 14.95 -85.21 -45.90
N GLY D 3 15.84 -86.19 -45.94
CA GLY D 3 15.43 -87.58 -45.84
C GLY D 3 15.94 -88.07 -44.48
N CYS D 4 16.69 -89.16 -44.47
CA CYS D 4 17.20 -89.73 -43.23
C CYS D 4 18.34 -88.90 -42.66
N SER D 5 18.14 -88.32 -41.48
CA SER D 5 19.18 -87.62 -40.75
C SER D 5 19.96 -88.62 -39.90
N GLU D 6 19.23 -89.58 -39.34
CA GLU D 6 19.73 -90.72 -38.55
C GLU D 6 19.35 -91.94 -39.37
N LEU D 7 20.34 -92.81 -39.62
CA LEU D 7 20.10 -94.08 -40.33
C LEU D 7 20.94 -95.17 -39.71
N ILE D 8 20.29 -96.18 -39.16
CA ILE D 8 20.95 -97.39 -38.66
C ILE D 8 20.40 -98.67 -39.33
N GLN D 9 21.20 -99.72 -39.29
CA GLN D 9 20.81 -101.01 -39.86
C GLN D 9 20.16 -101.86 -38.76
N ALA D 10 19.12 -102.58 -39.13
CA ALA D 10 18.46 -103.50 -38.20
C ALA D 10 19.48 -104.49 -37.64
N SER D 11 19.48 -104.64 -36.32
CA SER D 11 20.47 -105.44 -35.57
C SER D 11 20.40 -106.93 -35.85
N SER D 12 21.42 -107.64 -35.34
CA SER D 12 21.64 -109.06 -35.59
C SER D 12 20.49 -109.89 -35.06
N ARG D 13 20.25 -109.77 -33.75
CA ARG D 13 19.22 -110.51 -33.05
C ARG D 13 17.78 -110.45 -33.59
N ILE D 14 17.45 -109.44 -34.42
CA ILE D 14 16.03 -109.22 -34.78
C ILE D 14 15.60 -109.61 -36.19
N THR D 15 16.56 -110.02 -37.02
CA THR D 15 16.24 -110.37 -38.43
C THR D 15 16.42 -111.86 -38.71
N THR D 16 15.57 -112.41 -39.58
CA THR D 16 15.74 -113.76 -40.14
C THR D 16 15.09 -113.82 -41.53
N CYS D 17 15.83 -114.32 -42.52
CA CYS D 17 15.36 -114.34 -43.91
C CYS D 17 15.32 -115.75 -44.50
N SER D 18 14.54 -115.94 -45.57
CA SER D 18 14.48 -117.22 -46.29
C SER D 18 14.00 -117.07 -47.73
N THR D 19 14.46 -117.97 -48.60
CA THR D 19 14.17 -117.91 -50.03
C THR D 19 13.31 -119.08 -50.50
N GLU D 20 12.10 -118.76 -50.96
CA GLU D 20 11.22 -119.72 -51.63
C GLU D 20 11.62 -119.75 -53.10
N GLY D 21 10.93 -120.57 -53.90
CA GLY D 21 11.09 -120.53 -55.35
C GLY D 21 10.54 -119.26 -55.96
N VAL D 22 9.46 -118.73 -55.38
CA VAL D 22 8.77 -117.54 -55.89
C VAL D 22 9.51 -116.20 -55.58
N ASN D 23 10.14 -116.11 -54.41
CA ASN D 23 10.95 -114.94 -54.02
C ASN D 23 11.77 -115.15 -52.74
N THR D 24 12.13 -114.06 -52.05
CA THR D 24 12.75 -114.13 -50.73
C THR D 24 12.18 -113.06 -49.77
N LYS D 25 11.82 -113.51 -48.57
CA LYS D 25 11.14 -112.71 -47.55
C LYS D 25 11.88 -112.76 -46.21
N CYS D 26 11.80 -111.69 -45.43
CA CYS D 26 12.44 -111.63 -44.12
C CYS D 26 11.39 -111.30 -43.05
N ARG D 27 11.74 -111.55 -41.80
CA ARG D 27 10.87 -111.31 -40.66
C ARG D 27 11.61 -110.55 -39.61
N LEU D 28 10.97 -109.51 -39.08
CA LEU D 28 11.55 -108.76 -38.00
C LEU D 28 10.84 -109.07 -36.69
N SER D 29 11.60 -109.34 -35.66
CA SER D 29 11.03 -109.66 -34.39
C SER D 29 11.99 -109.25 -33.30
N GLY D 30 11.53 -108.37 -32.43
CA GLY D 30 12.37 -107.83 -31.38
C GLY D 30 12.33 -106.31 -31.48
N THR D 31 13.16 -105.63 -30.68
CA THR D 31 13.15 -104.18 -30.64
C THR D 31 14.41 -103.53 -31.21
N ALA D 32 14.20 -102.43 -31.92
CA ALA D 32 15.30 -101.60 -32.42
C ALA D 32 15.15 -100.22 -31.80
N LEU D 33 16.26 -99.64 -31.34
CA LEU D 33 16.23 -98.27 -30.81
C LEU D 33 16.88 -97.36 -31.83
N ILE D 34 16.27 -96.20 -32.05
CA ILE D 34 16.80 -95.23 -32.99
C ILE D 34 16.51 -93.84 -32.46
N ARG D 35 17.49 -92.95 -32.65
CA ARG D 35 17.32 -91.56 -32.31
C ARG D 35 16.23 -90.97 -33.21
N ALA D 36 15.36 -90.12 -32.67
CA ALA D 36 14.34 -89.46 -33.51
C ALA D 36 15.00 -88.59 -34.58
N GLY D 37 14.38 -88.47 -35.76
CA GLY D 37 14.94 -87.60 -36.78
C GLY D 37 14.94 -86.18 -36.25
N SER D 38 15.86 -85.34 -36.75
CA SER D 38 15.75 -83.92 -36.46
C SER D 38 14.47 -83.39 -37.12
N VAL D 39 14.00 -82.24 -36.67
CA VAL D 39 12.69 -81.73 -37.11
C VAL D 39 12.66 -81.60 -38.64
N GLY D 40 11.63 -82.13 -39.27
CA GLY D 40 11.51 -82.14 -40.74
C GLY D 40 12.16 -83.35 -41.40
N ALA D 41 13.10 -84.01 -40.68
CA ALA D 41 13.89 -85.12 -41.22
C ALA D 41 13.45 -86.47 -40.61
N GLU D 42 14.04 -87.56 -41.10
CA GLU D 42 13.53 -88.90 -40.80
C GLU D 42 14.53 -89.70 -39.98
N ALA D 43 14.00 -90.51 -39.06
CA ALA D 43 14.76 -91.57 -38.42
C ALA D 43 14.57 -92.76 -39.33
N CYS D 44 15.64 -93.47 -39.65
CA CYS D 44 15.50 -94.57 -40.61
C CYS D 44 16.12 -95.88 -40.15
N LEU D 45 15.38 -96.96 -40.37
CA LEU D 45 15.85 -98.30 -40.05
C LEU D 45 15.99 -99.07 -41.36
N MET D 46 17.17 -99.62 -41.60
CA MET D 46 17.44 -100.30 -42.87
C MET D 46 17.42 -101.80 -42.65
N LEU D 47 16.64 -102.49 -43.44
CA LEU D 47 16.58 -103.95 -43.38
C LEU D 47 17.37 -104.49 -44.57
N LYS D 48 18.32 -105.39 -44.30
CA LYS D 48 19.03 -106.11 -45.37
C LYS D 48 18.60 -107.57 -45.53
N GLY D 49 18.35 -107.97 -46.78
CA GLY D 49 18.00 -109.36 -47.08
C GLY D 49 19.24 -110.24 -47.15
N VAL D 50 19.16 -111.35 -47.89
CA VAL D 50 20.30 -112.25 -48.01
C VAL D 50 21.33 -111.73 -49.02
N LYS D 51 20.87 -111.40 -50.22
CA LYS D 51 21.72 -110.80 -51.26
C LYS D 51 21.88 -109.31 -50.99
N GLU D 52 23.04 -108.74 -51.32
CA GLU D 52 23.31 -107.32 -51.02
C GLU D 52 22.41 -106.34 -51.79
N ASP D 53 21.71 -106.84 -52.80
CA ASP D 53 20.71 -106.05 -53.53
C ASP D 53 19.30 -106.13 -52.90
N GLN D 54 19.25 -106.64 -51.67
CA GLN D 54 17.99 -106.77 -50.95
C GLN D 54 18.03 -105.83 -49.74
N THR D 55 17.33 -104.70 -49.89
CA THR D 55 17.29 -103.67 -48.85
CA THR D 55 17.32 -103.66 -48.88
C THR D 55 15.94 -103.00 -48.83
N LYS D 56 15.45 -102.74 -47.62
CA LYS D 56 14.23 -101.97 -47.44
C LYS D 56 14.43 -101.05 -46.25
N PHE D 57 13.61 -100.00 -46.21
CA PHE D 57 13.75 -99.02 -45.15
C PHE D 57 12.41 -98.77 -44.51
N LEU D 58 12.45 -98.52 -43.21
CA LEU D 58 11.36 -97.94 -42.50
C LEU D 58 11.74 -96.49 -42.19
N LYS D 59 10.87 -95.56 -42.51
CA LYS D 59 11.19 -94.13 -42.40
C LYS D 59 10.20 -93.45 -41.46
N ILE D 60 10.73 -92.69 -40.53
CA ILE D 60 9.85 -92.04 -39.55
C ILE D 60 10.25 -90.58 -39.50
N LYS D 61 9.40 -89.74 -40.07
CA LYS D 61 9.71 -88.32 -40.19
C LYS D 61 9.24 -87.64 -38.92
N THR D 62 10.10 -86.82 -38.32
CA THR D 62 9.67 -85.93 -37.26
C THR D 62 8.92 -84.75 -37.89
N VAL D 63 7.60 -84.75 -37.77
CA VAL D 63 6.78 -83.65 -38.31
C VAL D 63 6.99 -82.46 -37.37
N SER D 64 6.86 -82.68 -36.08
CA SER D 64 7.13 -81.61 -35.16
C SER D 64 7.36 -82.17 -33.79
N SER D 65 8.00 -81.37 -32.96
CA SER D 65 8.28 -81.73 -31.59
C SER D 65 7.86 -80.49 -30.81
N GLU D 66 6.72 -80.61 -30.13
CA GLU D 66 6.03 -79.45 -29.55
CA GLU D 66 6.06 -79.45 -29.56
C GLU D 66 5.98 -79.59 -28.04
N LEU D 67 6.12 -78.47 -27.35
CA LEU D 67 5.97 -78.49 -25.87
C LEU D 67 4.89 -77.50 -25.49
N SER D 68 3.93 -77.93 -24.68
CA SER D 68 2.81 -77.06 -24.36
C SER D 68 2.90 -76.59 -22.93
N CYS D 69 2.85 -75.27 -22.74
CA CYS D 69 2.97 -74.68 -21.43
C CYS D 69 1.79 -75.09 -20.53
N ARG D 70 2.05 -75.80 -19.44
CA ARG D 70 1.02 -75.96 -18.40
C ARG D 70 1.21 -74.83 -17.39
N GLU D 71 0.29 -73.88 -17.38
N GLU D 71 0.29 -73.89 -17.40
CA GLU D 71 0.45 -72.61 -16.65
CA GLU D 71 0.36 -72.71 -16.56
C GLU D 71 0.27 -72.84 -15.15
C GLU D 71 0.47 -73.10 -15.11
N GLY D 72 1.18 -72.27 -14.35
CA GLY D 72 1.19 -72.41 -12.88
C GLY D 72 0.52 -71.19 -12.27
N GLN D 73 1.33 -70.37 -11.61
CA GLN D 73 0.87 -69.17 -10.95
C GLN D 73 0.76 -68.01 -11.95
N SER D 74 -0.02 -67.00 -11.55
CA SER D 74 -0.44 -65.92 -12.46
C SER D 74 -0.69 -64.69 -11.61
N TYR D 75 -0.44 -63.50 -12.16
CA TYR D 75 -0.93 -62.26 -11.57
C TYR D 75 -1.17 -61.26 -12.70
N TRP D 76 -1.93 -60.22 -12.42
CA TRP D 76 -2.14 -59.13 -13.37
C TRP D 76 -1.35 -57.91 -12.94
N THR D 77 -0.87 -57.16 -13.93
CA THR D 77 -0.21 -55.93 -13.64
C THR D 77 -0.57 -54.91 -14.73
N GLY D 78 -0.06 -53.69 -14.58
CA GLY D 78 -0.19 -52.70 -15.64
C GLY D 78 0.66 -51.50 -15.29
N SER D 79 0.25 -50.35 -15.80
CA SER D 79 1.01 -49.11 -15.62
C SER D 79 0.27 -48.17 -14.73
N PHE D 80 1.00 -47.58 -13.80
CA PHE D 80 0.39 -46.75 -12.78
C PHE D 80 1.13 -45.44 -12.64
N SER D 81 0.43 -44.40 -12.17
CA SER D 81 1.13 -43.19 -11.73
C SER D 81 0.51 -42.60 -10.45
N PRO D 82 1.34 -41.93 -9.63
CA PRO D 82 0.84 -41.42 -8.35
C PRO D 82 0.16 -40.06 -8.50
N LYS D 83 -0.87 -39.85 -7.71
CA LYS D 83 -1.52 -38.54 -7.61
C LYS D 83 -1.50 -38.16 -6.14
N CYS D 84 -0.80 -37.08 -5.80
CA CYS D 84 -0.69 -36.66 -4.40
C CYS D 84 -1.40 -35.33 -4.11
N LEU D 85 -2.00 -35.23 -2.93
CA LEU D 85 -2.54 -33.98 -2.42
C LEU D 85 -1.77 -33.68 -1.13
N SER D 86 -1.54 -32.40 -0.85
CA SER D 86 -0.83 -32.01 0.36
C SER D 86 -1.45 -30.78 1.00
N SER D 87 -1.23 -30.65 2.31
CA SER D 87 -1.68 -29.50 3.08
C SER D 87 -0.78 -29.36 4.31
N ARG D 88 -0.21 -28.17 4.49
CA ARG D 88 0.74 -27.93 5.58
C ARG D 88 0.08 -27.14 6.70
N ARG D 89 0.29 -27.60 7.93
CA ARG D 89 -0.13 -26.89 9.12
C ARG D 89 1.07 -26.54 9.99
N CYS D 90 1.01 -25.39 10.67
CA CYS D 90 2.00 -25.04 11.67
C CYS D 90 1.82 -25.91 12.92
N HIS D 91 2.90 -26.07 13.66
CA HIS D 91 2.87 -26.72 14.96
C HIS D 91 1.71 -26.18 15.82
N LEU D 92 0.99 -27.12 16.45
CA LEU D 92 -0.20 -26.86 17.30
C LEU D 92 -1.50 -26.50 16.57
N VAL D 93 -1.47 -26.52 15.24
CA VAL D 93 -2.67 -26.30 14.42
C VAL D 93 -3.11 -27.62 13.78
N GLY D 94 -4.42 -27.92 13.90
CA GLY D 94 -5.00 -29.17 13.43
C GLY D 94 -4.31 -30.39 14.04
N GLU D 95 -3.88 -31.30 13.17
CA GLU D 95 -3.27 -32.54 13.62
C GLU D 95 -1.77 -32.38 13.86
N CYS D 96 -1.26 -31.17 13.70
CA CYS D 96 0.18 -30.97 13.78
C CYS D 96 0.69 -30.91 15.23
N HIS D 97 0.94 -32.10 15.80
CA HIS D 97 1.57 -32.29 17.10
C HIS D 97 2.69 -33.33 16.92
N VAL D 98 3.73 -33.25 17.76
CA VAL D 98 5.00 -33.95 17.51
C VAL D 98 4.87 -35.47 17.37
N ASN D 99 4.22 -36.11 18.34
CA ASN D 99 4.01 -37.55 18.30
C ASN D 99 3.04 -37.97 17.17
N ARG D 100 2.07 -37.11 16.85
CA ARG D 100 1.10 -37.38 15.78
C ARG D 100 1.73 -37.46 14.39
N CYS D 101 2.56 -36.48 14.08
CA CYS D 101 3.21 -36.42 12.78
C CYS D 101 4.19 -37.58 12.59
N LEU D 102 5.11 -37.75 13.53
CA LEU D 102 6.15 -38.73 13.29
C LEU D 102 5.70 -40.18 13.55
N SER D 103 4.57 -40.36 14.24
CA SER D 103 3.91 -41.67 14.31
C SER D 103 2.79 -41.79 13.26
N TRP D 104 2.77 -40.91 12.25
CA TRP D 104 1.65 -40.90 11.29
C TRP D 104 1.51 -42.24 10.58
N ARG D 105 0.32 -42.83 10.65
CA ARG D 105 0.10 -44.13 10.05
C ARG D 105 -0.11 -44.04 8.53
N ASP D 106 0.52 -44.96 7.80
CA ASP D 106 0.35 -45.03 6.36
C ASP D 106 -1.12 -45.10 5.90
N ASN D 107 -1.94 -45.83 6.62
CA ASN D 107 -3.35 -46.02 6.25
C ASN D 107 -4.33 -44.99 6.82
N GLU D 108 -3.83 -43.98 7.52
CA GLU D 108 -4.74 -42.97 8.08
C GLU D 108 -4.74 -41.69 7.24
N THR D 109 -5.91 -41.37 6.74
CA THR D 109 -6.07 -40.22 5.88
C THR D 109 -6.28 -39.03 6.78
N SER D 110 -5.45 -38.00 6.56
CA SER D 110 -5.57 -36.76 7.31
C SER D 110 -6.94 -36.12 7.12
N ALA D 111 -7.39 -35.44 8.18
CA ALA D 111 -8.64 -34.70 8.17
C ALA D 111 -8.59 -33.56 7.13
N GLU D 112 -7.39 -33.19 6.70
CA GLU D 112 -7.22 -32.21 5.61
C GLU D 112 -7.79 -32.68 4.25
N PHE D 113 -7.99 -33.98 4.08
CA PHE D 113 -8.45 -34.47 2.79
C PHE D 113 -9.78 -35.22 2.91
N SER D 114 -10.75 -34.58 3.53
CA SER D 114 -12.09 -35.15 3.63
C SER D 114 -12.78 -35.02 2.28
N PHE D 115 -12.50 -33.92 1.58
CA PHE D 115 -13.13 -33.61 0.29
C PHE D 115 -12.92 -34.65 -0.81
N VAL D 116 -11.89 -35.48 -0.67
CA VAL D 116 -11.55 -36.48 -1.68
C VAL D 116 -12.50 -37.68 -1.62
N GLY D 117 -13.46 -37.62 -0.69
CA GLY D 117 -14.46 -38.67 -0.52
C GLY D 117 -13.84 -39.97 -0.03
N GLU D 118 -14.62 -41.04 -0.12
CA GLU D 118 -14.15 -42.37 0.29
C GLU D 118 -13.54 -43.13 -0.90
N SER D 119 -12.46 -43.86 -0.63
CA SER D 119 -11.65 -44.44 -1.71
C SER D 119 -11.45 -45.95 -1.56
N THR D 120 -11.41 -46.64 -2.69
CA THR D 120 -11.13 -48.07 -2.71
C THR D 120 -9.82 -48.35 -3.45
N THR D 121 -9.04 -47.29 -3.67
CA THR D 121 -7.82 -47.36 -4.48
C THR D 121 -6.59 -47.60 -3.63
N MET D 122 -5.53 -48.21 -4.22
CA MET D 122 -4.23 -48.22 -3.55
C MET D 122 -3.91 -46.77 -3.22
N ARG D 123 -3.43 -46.54 -2.02
CA ARG D 123 -3.22 -45.19 -1.52
C ARG D 123 -2.36 -45.25 -0.28
N GLU D 124 -1.79 -44.11 0.10
CA GLU D 124 -0.95 -44.03 1.29
C GLU D 124 -0.90 -42.60 1.80
N ASN D 125 -0.50 -42.46 3.06
CA ASN D 125 -0.52 -41.19 3.75
C ASN D 125 0.79 -40.92 4.49
N LYS D 126 1.26 -39.68 4.40
CA LYS D 126 2.53 -39.27 5.01
C LYS D 126 2.38 -37.97 5.79
N CYS D 127 3.23 -37.79 6.78
CA CYS D 127 3.39 -36.49 7.44
C CYS D 127 4.87 -36.15 7.40
N PHE D 128 5.22 -35.12 6.64
CA PHE D 128 6.60 -34.63 6.59
C PHE D 128 6.79 -33.33 7.37
N GLU D 129 7.68 -33.37 8.36
CA GLU D 129 8.08 -32.15 9.06
C GLU D 129 8.70 -31.20 8.05
N GLN D 130 8.22 -29.95 8.05
CA GLN D 130 8.82 -28.88 7.25
C GLN D 130 9.23 -27.70 8.16
N CYS D 131 9.80 -26.65 7.58
CA CYS D 131 10.29 -25.51 8.38
C CYS D 131 9.13 -24.80 9.07
N GLY D 132 9.40 -24.34 10.29
CA GLY D 132 8.48 -23.51 11.06
C GLY D 132 8.94 -22.07 10.99
N GLY D 133 8.49 -21.26 11.94
CA GLY D 133 8.89 -19.86 12.01
C GLY D 133 8.22 -18.98 10.96
N TRP D 134 8.37 -17.67 11.12
CA TRP D 134 7.69 -16.69 10.26
C TRP D 134 8.15 -16.73 8.83
N GLY D 135 9.41 -17.16 8.63
CA GLY D 135 9.96 -17.34 7.29
C GLY D 135 9.13 -18.32 6.46
N CYS D 136 8.49 -19.27 7.13
CA CYS D 136 7.63 -20.26 6.49
C CYS D 136 6.17 -20.11 6.93
N GLY D 137 5.79 -18.88 7.27
CA GLY D 137 4.39 -18.55 7.62
C GLY D 137 3.81 -19.14 8.91
N CYS D 138 4.68 -19.49 9.86
CA CYS D 138 4.19 -20.05 11.12
C CYS D 138 4.53 -19.15 12.31
N PHE D 139 3.54 -18.99 13.20
CA PHE D 139 3.65 -18.16 14.39
C PHE D 139 4.58 -18.74 15.46
N ASN D 140 4.99 -19.99 15.29
CA ASN D 140 6.03 -20.56 16.15
C ASN D 140 7.16 -21.22 15.35
N VAL D 141 8.30 -21.40 16.00
CA VAL D 141 9.51 -21.84 15.32
C VAL D 141 9.59 -23.34 15.16
N ASN D 142 8.70 -24.07 15.85
CA ASN D 142 8.65 -25.51 15.74
C ASN D 142 8.38 -25.93 14.28
N PRO D 143 8.89 -27.12 13.87
CA PRO D 143 8.59 -27.62 12.52
C PRO D 143 7.09 -27.63 12.23
N SER D 144 6.72 -27.26 11.01
CA SER D 144 5.34 -27.44 10.55
C SER D 144 5.15 -28.87 10.02
N CYS D 145 3.90 -29.27 9.84
CA CYS D 145 3.58 -30.61 9.33
C CYS D 145 3.04 -30.50 7.92
N LEU D 146 3.67 -31.18 6.95
CA LEU D 146 3.09 -31.32 5.61
C LEU D 146 2.38 -32.69 5.51
N PHE D 147 1.05 -32.64 5.54
CA PHE D 147 0.24 -33.84 5.41
C PHE D 147 0.10 -34.15 3.93
N VAL D 148 0.27 -35.43 3.59
CA VAL D 148 0.22 -35.85 2.20
C VAL D 148 -0.70 -37.07 2.06
N HIS D 149 -1.55 -37.04 1.05
CA HIS D 149 -2.39 -38.17 0.70
C HIS D 149 -2.19 -38.46 -0.77
N THR D 150 -1.83 -39.71 -1.06
CA THR D 150 -1.45 -40.12 -2.40
C THR D 150 -2.22 -41.37 -2.76
N TYR D 151 -2.72 -41.42 -3.99
CA TYR D 151 -3.29 -42.63 -4.53
C TYR D 151 -2.68 -42.94 -5.89
N LEU D 152 -2.76 -44.20 -6.27
CA LEU D 152 -2.24 -44.66 -7.53
C LEU D 152 -3.41 -44.79 -8.49
N GLN D 153 -3.15 -44.49 -9.76
CA GLN D 153 -4.12 -44.73 -10.79
C GLN D 153 -3.53 -45.45 -11.99
N SER D 154 -4.35 -46.29 -12.61
CA SER D 154 -3.94 -46.97 -13.82
C SER D 154 -3.84 -45.94 -14.92
N VAL D 155 -2.72 -45.91 -15.62
CA VAL D 155 -2.62 -44.98 -16.77
C VAL D 155 -2.98 -45.55 -18.12
N ARG D 156 -3.27 -46.85 -18.19
CA ARG D 156 -3.84 -47.43 -19.41
C ARG D 156 -5.17 -48.07 -19.12
N LYS D 157 -5.98 -48.24 -20.16
CA LYS D 157 -7.26 -48.95 -20.03
C LYS D 157 -7.13 -50.45 -20.35
N GLU D 158 -5.94 -51.00 -20.18
CA GLU D 158 -5.74 -52.40 -20.39
C GLU D 158 -4.67 -52.93 -19.45
N ALA D 159 -4.65 -54.24 -19.29
CA ALA D 159 -3.78 -54.85 -18.28
C ALA D 159 -3.03 -56.03 -18.86
N LEU D 160 -2.09 -56.57 -18.10
CA LEU D 160 -1.31 -57.69 -18.60
C LEU D 160 -1.25 -58.79 -17.59
N ARG D 161 -1.31 -60.05 -18.05
CA ARG D 161 -1.27 -61.16 -17.11
C ARG D 161 0.06 -61.89 -17.23
N VAL D 162 0.77 -61.96 -16.12
CA VAL D 162 2.09 -62.58 -16.05
C VAL D 162 1.92 -63.97 -15.46
N PHE D 163 2.58 -64.95 -16.05
CA PHE D 163 2.43 -66.33 -15.58
C PHE D 163 3.69 -67.12 -15.79
N ASN D 164 3.74 -68.26 -15.12
CA ASN D 164 4.82 -69.20 -15.37
C ASN D 164 4.27 -70.50 -15.87
N CYS D 165 5.18 -71.43 -16.13
CA CYS D 165 4.84 -72.72 -16.69
CA CYS D 165 4.82 -72.70 -16.65
C CYS D 165 5.35 -73.78 -15.73
N ILE D 166 4.42 -74.51 -15.11
CA ILE D 166 4.87 -75.53 -14.15
C ILE D 166 5.29 -76.83 -14.84
N ASP D 167 4.78 -77.03 -16.04
CA ASP D 167 5.20 -78.16 -16.83
C ASP D 167 5.15 -77.85 -18.32
N TRP D 168 6.00 -78.50 -19.10
CA TRP D 168 5.94 -78.37 -20.54
C TRP D 168 5.66 -79.76 -21.09
N VAL D 169 4.45 -79.95 -21.63
CA VAL D 169 4.01 -81.27 -22.08
C VAL D 169 4.48 -81.52 -23.51
N HIS D 170 5.28 -82.56 -23.70
CA HIS D 170 5.83 -82.94 -25.00
C HIS D 170 4.86 -83.76 -25.85
N LYS D 171 4.62 -83.28 -27.06
CA LYS D 171 3.98 -84.07 -28.11
C LYS D 171 4.89 -84.14 -29.33
N LEU D 172 5.20 -85.37 -29.76
CA LEU D 172 6.03 -85.59 -30.90
C LEU D 172 5.16 -86.19 -32.00
N THR D 173 5.06 -85.49 -33.12
CA THR D 173 4.22 -85.94 -34.23
C THR D 173 5.12 -86.56 -35.26
N LEU D 174 4.75 -87.78 -35.68
CA LEU D 174 5.57 -88.58 -36.56
C LEU D 174 4.80 -89.00 -37.79
N GLU D 175 5.49 -89.00 -38.91
CA GLU D 175 4.90 -89.52 -40.12
C GLU D 175 5.68 -90.76 -40.51
N ILE D 176 5.04 -91.94 -40.40
CA ILE D 176 5.70 -93.22 -40.62
C ILE D 176 5.40 -93.71 -42.03
N THR D 177 6.47 -94.08 -42.73
CA THR D 177 6.39 -94.77 -44.02
C THR D 177 6.87 -96.18 -43.79
N ASP D 178 5.95 -97.15 -43.85
CA ASP D 178 6.34 -98.54 -43.64
C ASP D 178 7.24 -99.00 -44.80
N PHE D 179 7.89 -100.14 -44.59
CA PHE D 179 8.61 -100.88 -45.65
C PHE D 179 7.86 -101.00 -46.97
N ASP D 180 6.54 -101.11 -46.90
CA ASP D 180 5.74 -101.31 -48.11
C ASP D 180 5.26 -99.99 -48.70
N GLY D 181 5.65 -98.89 -48.07
CA GLY D 181 5.35 -97.57 -48.61
C GLY D 181 4.07 -96.93 -48.10
N SER D 182 3.29 -97.65 -47.29
CA SER D 182 2.11 -97.01 -46.72
C SER D 182 2.53 -95.99 -45.66
N VAL D 183 1.81 -94.87 -45.64
CA VAL D 183 2.12 -93.72 -44.83
C VAL D 183 1.05 -93.55 -43.77
N SER D 184 1.45 -93.22 -42.55
CA SER D 184 0.50 -92.82 -41.52
C SER D 184 1.13 -91.79 -40.61
N THR D 185 0.30 -91.12 -39.83
CA THR D 185 0.74 -90.11 -38.89
C THR D 185 0.21 -90.39 -37.51
N ILE D 186 1.10 -90.29 -36.52
CA ILE D 186 0.75 -90.52 -35.12
C ILE D 186 1.33 -89.41 -34.25
N ASP D 187 0.84 -89.30 -33.01
CA ASP D 187 1.45 -88.45 -31.99
C ASP D 187 1.88 -89.31 -30.81
N LEU D 188 2.99 -88.96 -30.18
CA LEU D 188 3.48 -89.66 -28.98
C LEU D 188 3.80 -88.64 -27.90
N GLY D 189 3.48 -88.99 -26.65
CA GLY D 189 4.01 -88.26 -25.50
C GLY D 189 5.12 -89.09 -24.88
N ALA D 190 5.69 -88.61 -23.77
CA ALA D 190 6.77 -89.33 -23.09
C ALA D 190 6.36 -90.74 -22.60
N SER D 191 5.08 -90.92 -22.25
CA SER D 191 4.59 -92.24 -21.78
C SER D 191 3.88 -93.10 -22.82
N SER D 192 3.68 -92.55 -24.01
CA SER D 192 2.81 -93.14 -25.04
C SER D 192 3.43 -94.32 -25.76
N SER D 193 2.56 -95.15 -26.31
CA SER D 193 2.96 -96.20 -27.20
C SER D 193 1.80 -96.29 -28.20
N ARG D 194 2.11 -96.55 -29.47
CA ARG D 194 1.08 -96.78 -30.47
C ARG D 194 1.34 -98.07 -31.21
N PHE D 195 0.28 -98.86 -31.41
CA PHE D 195 0.30 -99.99 -32.34
C PHE D 195 0.55 -99.49 -33.75
N THR D 196 1.41 -100.18 -34.48
CA THR D 196 1.71 -99.90 -35.87
C THR D 196 1.47 -101.18 -36.62
N ASN D 197 1.53 -101.12 -37.96
CA ASN D 197 1.31 -102.31 -38.77
C ASN D 197 2.32 -103.41 -38.46
N TRP D 198 3.49 -103.04 -37.94
CA TRP D 198 4.60 -103.99 -37.75
C TRP D 198 4.90 -104.32 -36.28
N GLY D 199 4.14 -103.72 -35.37
CA GLY D 199 4.35 -103.94 -33.95
C GLY D 199 3.84 -102.73 -33.21
N SER D 200 4.78 -101.95 -32.65
CA SER D 200 4.44 -100.74 -31.95
C SER D 200 5.64 -99.79 -31.89
N VAL D 201 5.35 -98.54 -31.56
CA VAL D 201 6.38 -97.54 -31.39
C VAL D 201 6.10 -96.79 -30.11
N SER D 202 7.16 -96.54 -29.35
CA SER D 202 7.03 -95.70 -28.18
C SER D 202 8.28 -94.80 -28.08
N LEU D 203 8.24 -93.83 -27.19
CA LEU D 203 9.43 -92.99 -26.96
C LEU D 203 10.23 -93.51 -25.81
N SER D 204 11.56 -93.47 -25.91
CA SER D 204 12.38 -93.70 -24.72
C SER D 204 13.49 -92.68 -24.63
N LEU D 205 14.00 -92.47 -23.41
CA LEU D 205 15.02 -91.46 -23.14
C LEU D 205 14.55 -90.12 -23.73
N ASP D 206 13.26 -89.79 -23.48
CA ASP D 206 12.66 -88.53 -23.89
C ASP D 206 13.04 -87.39 -22.95
N ALA D 207 14.00 -86.60 -23.39
CA ALA D 207 14.48 -85.47 -22.63
C ALA D 207 14.16 -84.15 -23.31
N GLU D 208 13.19 -84.16 -24.24
CA GLU D 208 12.66 -82.91 -24.79
C GLU D 208 12.05 -82.10 -23.66
N GLY D 209 12.49 -80.86 -23.55
CA GLY D 209 12.06 -80.01 -22.46
C GLY D 209 12.67 -78.65 -22.69
N ILE D 210 12.30 -77.70 -21.84
CA ILE D 210 12.86 -76.36 -21.90
C ILE D 210 14.00 -76.25 -20.89
N SER D 211 15.24 -76.27 -21.37
CA SER D 211 16.38 -76.04 -20.49
C SER D 211 16.33 -74.60 -19.96
N GLY D 212 16.55 -74.45 -18.65
CA GLY D 212 16.50 -73.13 -18.03
C GLY D 212 15.07 -72.63 -17.84
N SER D 213 14.09 -73.55 -17.89
CA SER D 213 12.67 -73.16 -17.86
C SER D 213 12.30 -72.31 -16.64
N ASN D 214 12.97 -72.57 -15.52
CA ASN D 214 12.78 -71.78 -14.30
C ASN D 214 13.15 -70.30 -14.45
N SER D 215 13.96 -69.98 -15.44
CA SER D 215 14.27 -68.58 -15.72
C SER D 215 13.48 -67.94 -16.90
N PHE D 216 12.37 -68.55 -17.31
CA PHE D 216 11.46 -67.87 -18.22
C PHE D 216 10.11 -67.64 -17.54
N SER D 217 9.46 -66.53 -17.88
CA SER D 217 8.04 -66.38 -17.58
C SER D 217 7.35 -65.72 -18.79
N PHE D 218 6.04 -65.55 -18.73
CA PHE D 218 5.25 -65.16 -19.89
C PHE D 218 4.25 -64.10 -19.54
N ILE D 219 3.81 -63.35 -20.56
CA ILE D 219 2.79 -62.32 -20.40
C ILE D 219 1.72 -62.57 -21.45
N GLU D 220 0.45 -62.48 -21.03
CA GLU D 220 -0.65 -62.41 -21.97
C GLU D 220 -1.22 -61.00 -21.98
N SER D 221 -1.43 -60.46 -23.19
CA SER D 221 -2.17 -59.23 -23.37
C SER D 221 -3.51 -59.68 -24.02
N PRO D 222 -4.61 -59.63 -23.26
CA PRO D 222 -5.84 -60.27 -23.73
C PRO D 222 -6.32 -59.72 -25.07
N GLY D 223 -6.72 -60.61 -25.98
CA GLY D 223 -7.13 -60.22 -27.32
C GLY D 223 -5.99 -59.81 -28.24
N LYS D 224 -4.75 -59.81 -27.73
CA LYS D 224 -3.61 -59.41 -28.55
C LYS D 224 -2.60 -60.56 -28.77
N GLY D 225 -2.11 -61.15 -27.68
CA GLY D 225 -1.18 -62.27 -27.80
C GLY D 225 -0.24 -62.33 -26.59
N TYR D 226 0.91 -62.98 -26.78
CA TYR D 226 1.79 -63.34 -25.69
C TYR D 226 3.22 -62.80 -25.89
N ALA D 227 3.94 -62.70 -24.76
CA ALA D 227 5.35 -62.35 -24.81
C ALA D 227 6.09 -63.29 -23.87
N ILE D 228 7.37 -63.53 -24.16
CA ILE D 228 8.25 -64.22 -23.16
C ILE D 228 9.02 -63.16 -22.37
N VAL D 229 9.37 -63.49 -21.12
CA VAL D 229 10.20 -62.62 -20.28
C VAL D 229 11.42 -63.44 -19.87
N ASP D 230 12.61 -62.86 -20.01
CA ASP D 230 13.84 -63.57 -19.71
C ASP D 230 14.23 -63.44 -18.24
N GLU D 231 13.31 -63.84 -17.37
CA GLU D 231 13.53 -63.79 -15.93
C GLU D 231 12.57 -64.79 -15.28
N PRO D 232 12.93 -65.31 -14.10
CA PRO D 232 12.00 -66.17 -13.41
C PRO D 232 10.75 -65.43 -12.96
N PHE D 233 9.65 -66.16 -12.87
CA PHE D 233 8.42 -65.62 -12.33
C PHE D 233 8.66 -65.18 -10.89
N SER D 234 8.12 -64.02 -10.55
CA SER D 234 8.29 -63.43 -9.22
C SER D 234 7.03 -63.68 -8.40
N GLU D 235 7.16 -64.49 -7.35
CA GLU D 235 5.99 -64.85 -6.52
C GLU D 235 5.55 -63.69 -5.61
N ILE D 236 6.45 -62.76 -5.35
CA ILE D 236 6.20 -61.70 -4.38
C ILE D 236 6.67 -60.40 -5.00
N PRO D 237 5.90 -59.30 -4.83
CA PRO D 237 6.30 -58.01 -5.38
C PRO D 237 7.70 -57.59 -4.95
N ARG D 238 8.49 -57.12 -5.91
CA ARG D 238 9.82 -56.63 -5.60
C ARG D 238 10.18 -55.40 -6.42
N GLN D 239 10.50 -54.29 -5.76
CA GLN D 239 10.84 -53.02 -6.44
C GLN D 239 11.90 -53.21 -7.53
N GLY D 240 11.65 -52.66 -8.70
CA GLY D 240 12.61 -52.75 -9.78
C GLY D 240 12.38 -54.00 -10.62
N PHE D 241 11.32 -54.77 -10.31
CA PHE D 241 10.96 -55.98 -11.07
C PHE D 241 9.51 -55.93 -11.59
N LEU D 242 9.28 -56.55 -12.73
CA LEU D 242 7.94 -56.83 -13.19
C LEU D 242 7.14 -57.38 -12.02
N GLY D 243 5.92 -56.90 -11.85
CA GLY D 243 5.07 -57.41 -10.77
C GLY D 243 5.29 -56.70 -9.43
N GLU D 244 6.12 -55.65 -9.42
CA GLU D 244 6.25 -54.79 -8.25
C GLU D 244 4.91 -54.19 -7.78
N ILE D 245 3.98 -53.99 -8.73
CA ILE D 245 2.57 -53.74 -8.41
C ILE D 245 1.82 -54.85 -9.12
N ARG D 246 0.93 -55.56 -8.41
CA ARG D 246 0.20 -56.64 -9.05
C ARG D 246 -1.18 -56.81 -8.42
N CYS D 247 -2.10 -57.37 -9.20
CA CYS D 247 -3.49 -57.53 -8.78
C CYS D 247 -3.94 -58.92 -9.15
N ASN D 248 -5.03 -59.34 -8.52
CA ASN D 248 -5.60 -60.66 -8.80
C ASN D 248 -6.45 -60.75 -10.03
N SER D 249 -6.83 -59.58 -10.56
CA SER D 249 -7.66 -59.56 -11.75
C SER D 249 -7.33 -58.41 -12.69
N GLU D 250 -7.79 -58.57 -13.93
CA GLU D 250 -7.69 -57.49 -14.94
C GLU D 250 -8.39 -56.21 -14.49
N SER D 251 -9.64 -56.33 -14.04
CA SER D 251 -10.39 -55.15 -13.64
C SER D 251 -9.79 -54.42 -12.46
N SER D 252 -9.16 -55.15 -11.54
CA SER D 252 -8.48 -54.58 -10.39
C SER D 252 -7.25 -53.76 -10.76
N VAL D 253 -6.52 -54.19 -11.77
CA VAL D 253 -5.45 -53.34 -12.36
C VAL D 253 -6.08 -52.02 -12.81
N LEU D 254 -7.12 -52.11 -13.64
CA LEU D 254 -7.71 -50.94 -14.28
C LEU D 254 -8.26 -49.92 -13.28
N SER D 255 -8.79 -50.41 -12.16
CA SER D 255 -9.32 -49.51 -11.16
C SER D 255 -8.32 -49.19 -10.04
N ALA D 256 -7.08 -49.70 -10.17
CA ALA D 256 -6.03 -49.59 -9.13
C ALA D 256 -6.55 -49.98 -7.73
N HIS D 257 -7.30 -51.09 -7.66
CA HIS D 257 -8.04 -51.41 -6.42
C HIS D 257 -7.12 -51.72 -5.24
N GLU D 258 -7.56 -51.33 -4.05
CA GLU D 258 -6.76 -51.52 -2.86
C GLU D 258 -6.37 -52.98 -2.57
N SER D 259 -7.02 -53.94 -3.20
CA SER D 259 -6.64 -55.35 -3.05
C SER D 259 -5.31 -55.68 -3.74
N CYS D 260 -4.86 -54.81 -4.65
CA CYS D 260 -3.58 -55.05 -5.35
C CYS D 260 -2.46 -55.01 -4.35
N LEU D 261 -1.43 -55.81 -4.60
CA LEU D 261 -0.25 -55.80 -3.76
C LEU D 261 0.80 -54.91 -4.40
N ARG D 262 1.65 -54.29 -3.58
CA ARG D 262 2.79 -53.57 -4.12
C ARG D 262 4.00 -53.66 -3.21
N ALA D 263 5.18 -53.53 -3.81
CA ALA D 263 6.43 -53.48 -3.03
C ALA D 263 6.46 -52.18 -2.20
N PRO D 264 7.18 -52.20 -1.06
CA PRO D 264 7.18 -51.03 -0.19
C PRO D 264 7.90 -49.84 -0.80
N ASN D 265 7.46 -48.65 -0.41
CA ASN D 265 8.18 -47.41 -0.69
C ASN D 265 8.41 -47.13 -2.20
N LEU D 266 7.39 -47.39 -3.04
CA LEU D 266 7.49 -47.16 -4.48
C LEU D 266 7.35 -45.68 -4.90
N ILE D 267 6.72 -44.88 -4.05
CA ILE D 267 6.51 -43.47 -4.39
C ILE D 267 7.59 -42.68 -3.66
N SER D 268 8.27 -41.79 -4.38
CA SER D 268 9.22 -40.90 -3.79
C SER D 268 8.59 -39.53 -3.69
N TYR D 269 8.93 -38.83 -2.61
CA TYR D 269 8.34 -37.54 -2.32
C TYR D 269 9.41 -36.47 -2.22
N LYS D 270 9.05 -35.27 -2.61
CA LYS D 270 9.95 -34.14 -2.52
C LYS D 270 9.18 -33.05 -1.79
N PRO D 271 9.13 -33.10 -0.45
CA PRO D 271 8.42 -32.04 0.23
C PRO D 271 9.22 -30.73 0.13
N MET D 272 8.57 -29.66 -0.27
CA MET D 272 9.22 -28.36 -0.49
C MET D 272 8.38 -27.23 0.14
N ILE D 273 8.23 -27.29 1.47
CA ILE D 273 7.37 -26.32 2.21
C ILE D 273 5.86 -26.48 1.84
N ASP D 274 5.36 -25.69 0.91
CA ASP D 274 3.96 -25.87 0.43
C ASP D 274 3.85 -26.56 -0.92
N GLN D 275 4.98 -26.74 -1.59
CA GLN D 275 5.04 -27.51 -2.82
C GLN D 275 5.36 -28.94 -2.46
N LEU D 276 4.83 -29.87 -3.24
CA LEU D 276 5.20 -31.27 -3.10
C LEU D 276 5.27 -31.91 -4.49
N GLU D 277 6.28 -32.73 -4.71
CA GLU D 277 6.33 -33.59 -5.90
C GLU D 277 6.38 -35.07 -5.48
N CYS D 278 5.55 -35.89 -6.10
CA CYS D 278 5.62 -37.33 -5.89
C CYS D 278 5.82 -38.00 -7.25
N THR D 279 6.75 -38.94 -7.30
CA THR D 279 7.05 -39.63 -8.54
C THR D 279 7.18 -41.11 -8.30
N THR D 280 7.07 -41.88 -9.38
CA THR D 280 7.44 -43.29 -9.35
C THR D 280 8.48 -43.56 -10.43
N ASN D 281 9.22 -44.64 -10.26
CA ASN D 281 10.14 -45.12 -11.27
C ASN D 281 9.84 -46.60 -11.54
N LEU D 282 8.65 -46.88 -12.07
CA LEU D 282 8.19 -48.27 -12.15
C LEU D 282 8.64 -48.93 -13.45
N ILE D 283 8.85 -50.24 -13.41
CA ILE D 283 9.06 -50.94 -14.67
C ILE D 283 7.76 -50.85 -15.50
N ASP D 284 7.91 -50.54 -16.77
CA ASP D 284 6.76 -50.45 -17.67
C ASP D 284 6.54 -51.83 -18.27
N PRO D 285 5.43 -52.51 -17.85
CA PRO D 285 5.27 -53.89 -18.30
C PRO D 285 4.90 -53.98 -19.78
N PHE D 286 4.37 -52.89 -20.35
CA PHE D 286 4.08 -52.85 -21.80
C PHE D 286 5.37 -52.78 -22.66
N VAL D 287 6.39 -52.11 -22.14
CA VAL D 287 7.74 -52.16 -22.74
C VAL D 287 8.30 -53.59 -22.65
N VAL D 288 8.17 -54.22 -21.48
CA VAL D 288 8.61 -55.60 -21.30
C VAL D 288 7.89 -56.53 -22.27
N PHE D 289 6.59 -56.34 -22.43
CA PHE D 289 5.83 -57.15 -23.38
C PHE D 289 6.42 -57.03 -24.79
N GLU D 290 6.62 -55.80 -25.23
CA GLU D 290 7.08 -55.57 -26.63
C GLU D 290 8.47 -56.16 -26.84
N ARG D 291 9.29 -56.13 -25.80
CA ARG D 291 10.61 -56.74 -25.90
C ARG D 291 10.56 -58.24 -26.17
N GLY D 292 9.51 -58.91 -25.69
CA GLY D 292 9.50 -60.35 -25.80
C GLY D 292 8.33 -60.90 -26.57
N SER D 293 7.67 -60.06 -27.36
CA SER D 293 6.43 -60.48 -28.01
CA SER D 293 6.44 -60.45 -28.07
C SER D 293 6.71 -61.65 -28.95
N LEU D 294 5.86 -62.68 -28.85
CA LEU D 294 6.03 -63.92 -29.60
C LEU D 294 5.70 -63.68 -31.08
N PRO D 295 6.35 -64.43 -31.98
CA PRO D 295 7.28 -65.54 -31.67
C PRO D 295 8.70 -65.08 -31.31
N GLN D 296 9.39 -65.92 -30.53
CA GLN D 296 10.78 -65.60 -30.07
C GLN D 296 11.56 -66.91 -30.00
N THR D 297 12.86 -66.87 -30.31
CA THR D 297 13.70 -68.06 -30.22
C THR D 297 14.54 -67.95 -28.97
N ARG D 298 14.63 -69.02 -28.18
CA ARG D 298 15.64 -69.09 -27.11
C ARG D 298 16.29 -70.47 -27.21
N ASN D 299 17.61 -70.53 -27.13
CA ASN D 299 18.28 -71.80 -27.33
C ASN D 299 17.88 -72.43 -28.67
N ASP D 300 17.46 -73.70 -28.67
CA ASP D 300 17.06 -74.39 -29.92
C ASP D 300 15.51 -74.52 -30.00
N LYS D 301 14.78 -73.60 -29.35
CA LYS D 301 13.30 -73.58 -29.37
C LYS D 301 12.71 -72.28 -29.93
N THR D 302 11.59 -72.40 -30.65
CA THR D 302 10.77 -71.21 -30.97
C THR D 302 9.52 -71.23 -30.07
N PHE D 303 9.27 -70.15 -29.33
CA PHE D 303 8.07 -69.95 -28.51
C PHE D 303 7.06 -69.18 -29.33
N ALA D 304 5.83 -69.64 -29.31
CA ALA D 304 4.78 -69.11 -30.19
C ALA D 304 3.45 -69.34 -29.46
N ALA D 305 2.44 -68.53 -29.78
CA ALA D 305 1.09 -68.75 -29.24
C ALA D 305 0.47 -69.96 -29.95
N SER D 306 -0.22 -70.80 -29.18
CA SER D 306 -1.02 -71.90 -29.75
C SER D 306 -2.04 -71.37 -30.75
N LYS D 307 -2.50 -72.26 -31.63
CA LYS D 307 -3.27 -71.90 -32.83
C LYS D 307 -4.63 -71.19 -32.64
N GLY D 308 -4.97 -70.85 -31.39
CA GLY D 308 -6.15 -70.03 -31.11
C GLY D 308 -5.94 -68.97 -30.03
N ASN D 309 -4.70 -68.47 -29.92
CA ASN D 309 -4.28 -67.57 -28.82
C ASN D 309 -4.65 -68.22 -27.47
N ARG D 310 -4.48 -69.54 -27.41
CA ARG D 310 -5.00 -70.40 -26.34
C ARG D 310 -3.93 -70.90 -25.36
N GLY D 311 -2.78 -70.24 -25.36
CA GLY D 311 -1.68 -70.62 -24.48
C GLY D 311 -0.38 -70.58 -25.27
N VAL D 312 0.73 -70.90 -24.61
CA VAL D 312 2.06 -70.79 -25.20
C VAL D 312 2.62 -72.18 -25.49
N GLN D 313 3.30 -72.30 -26.63
CA GLN D 313 3.94 -73.54 -27.07
C GLN D 313 5.38 -73.24 -27.45
N ALA D 314 6.24 -74.25 -27.36
CA ALA D 314 7.61 -74.15 -27.84
C ALA D 314 7.86 -75.29 -28.82
N PHE D 315 8.59 -75.01 -29.90
CA PHE D 315 8.86 -76.01 -30.94
C PHE D 315 10.33 -76.16 -31.12
N SER D 316 10.81 -77.40 -31.17
CA SER D 316 12.24 -77.65 -31.39
C SER D 316 12.63 -77.29 -32.79
N LYS D 317 13.87 -76.83 -32.94
CA LYS D 317 14.34 -76.42 -34.28
C LYS D 317 15.30 -77.43 -34.96
N GLY D 318 16.07 -78.16 -34.18
CA GLY D 318 17.10 -79.04 -34.71
C GLY D 318 16.98 -80.45 -34.21
N SER D 319 17.93 -80.88 -33.38
CA SER D 319 17.86 -82.22 -32.78
C SER D 319 16.63 -82.39 -31.89
N VAL D 320 16.10 -83.60 -31.86
CA VAL D 320 15.05 -83.92 -30.93
C VAL D 320 15.70 -84.88 -29.95
N GLN D 321 15.61 -84.57 -28.66
CA GLN D 321 16.23 -85.40 -27.63
C GLN D 321 15.34 -86.52 -27.20
N ALA D 322 15.17 -87.49 -28.08
CA ALA D 322 14.33 -88.65 -27.79
C ALA D 322 14.77 -89.82 -28.65
N ASP D 323 14.66 -91.04 -28.13
CA ASP D 323 14.83 -92.22 -28.96
C ASP D 323 13.44 -92.81 -29.25
N LEU D 324 13.30 -93.40 -30.43
CA LEU D 324 12.14 -94.21 -30.76
C LEU D 324 12.51 -95.66 -30.43
N THR D 325 11.67 -96.31 -29.61
CA THR D 325 11.76 -97.76 -29.43
C THR D 325 10.79 -98.40 -30.40
N LEU D 326 11.32 -99.10 -31.38
CA LEU D 326 10.53 -99.76 -32.41
C LEU D 326 10.41 -101.22 -32.04
N MET D 327 9.18 -101.68 -31.81
CA MET D 327 8.95 -103.10 -31.50
C MET D 327 8.39 -103.77 -32.75
N PHE D 328 9.10 -104.78 -33.25
CA PHE D 328 8.68 -105.54 -34.39
C PHE D 328 8.11 -106.88 -33.89
N ASP D 329 6.89 -107.21 -34.31
CA ASP D 329 6.19 -108.42 -33.85
C ASP D 329 6.11 -109.37 -35.04
N ASN D 330 7.17 -110.15 -35.20
CA ASN D 330 7.27 -111.14 -36.29
C ASN D 330 6.72 -110.60 -37.60
N PHE D 331 7.23 -109.46 -38.04
CA PHE D 331 6.66 -108.80 -39.21
C PHE D 331 7.39 -109.19 -40.49
N GLU D 332 6.64 -109.41 -41.56
CA GLU D 332 7.22 -109.88 -42.83
C GLU D 332 7.39 -108.79 -43.88
N VAL D 333 8.59 -108.74 -44.45
CA VAL D 333 8.93 -107.78 -45.49
C VAL D 333 9.47 -108.53 -46.72
N ASP D 334 8.90 -108.23 -47.89
CA ASP D 334 9.40 -108.78 -49.18
C ASP D 334 10.18 -107.73 -49.98
N PHE D 335 10.80 -108.16 -51.08
CA PHE D 335 11.67 -107.27 -51.83
C PHE D 335 11.22 -107.01 -53.27
N VAL D 336 9.91 -107.13 -53.53
CA VAL D 336 9.37 -106.89 -54.87
C VAL D 336 9.48 -105.41 -55.25
N GLY D 337 9.99 -105.16 -56.46
CA GLY D 337 10.10 -103.81 -56.98
C GLY D 337 11.23 -103.72 -57.99
N ALA D 338 10.91 -103.32 -59.21
CA ALA D 338 11.93 -103.07 -60.23
C ALA D 338 12.73 -101.81 -59.88
N ALA D 339 14.05 -101.95 -59.96
CA ALA D 339 14.95 -100.84 -59.70
C ALA D 339 14.95 -99.86 -60.88
N VAL D 340 14.87 -98.56 -60.56
CA VAL D 340 15.14 -97.52 -61.55
C VAL D 340 16.42 -96.78 -61.14
N SER D 341 17.02 -96.04 -62.06
CA SER D 341 18.28 -95.38 -61.78
C SER D 341 18.11 -94.15 -60.90
N CYS D 342 19.20 -93.76 -60.25
CA CYS D 342 19.19 -92.50 -59.54
C CYS D 342 20.42 -91.68 -59.91
N ASP D 343 20.30 -90.39 -59.66
CA ASP D 343 21.44 -89.48 -59.70
C ASP D 343 21.74 -89.13 -58.26
N ALA D 344 23.03 -89.05 -57.95
CA ALA D 344 23.45 -88.68 -56.61
C ALA D 344 24.62 -87.70 -56.65
N ALA D 345 24.68 -86.84 -55.64
CA ALA D 345 25.78 -85.90 -55.48
C ALA D 345 26.26 -85.89 -54.04
N PHE D 346 27.56 -85.65 -53.85
CA PHE D 346 28.13 -85.61 -52.50
C PHE D 346 27.81 -84.29 -51.82
N LEU D 347 27.26 -84.35 -50.60
CA LEU D 347 26.99 -83.14 -49.85
C LEU D 347 28.10 -82.84 -48.85
N ASN D 348 28.31 -83.72 -47.88
CA ASN D 348 29.31 -83.46 -46.86
C ASN D 348 29.70 -84.73 -46.08
N LEU D 349 30.82 -84.62 -45.37
CA LEU D 349 31.32 -85.66 -44.48
C LEU D 349 31.86 -84.96 -43.25
N THR D 350 31.32 -85.34 -42.10
CA THR D 350 31.48 -84.61 -40.86
C THR D 350 31.55 -85.62 -39.71
N GLY D 351 32.32 -85.29 -38.67
CA GLY D 351 32.30 -86.09 -37.45
C GLY D 351 33.68 -86.46 -36.95
N CYS D 352 33.78 -87.65 -36.35
CA CYS D 352 35.06 -88.11 -35.83
C CYS D 352 35.58 -89.35 -36.57
N TYR D 353 36.86 -89.64 -36.39
CA TYR D 353 37.43 -90.90 -36.87
C TYR D 353 37.88 -91.77 -35.69
N SER D 354 37.87 -93.08 -35.90
CA SER D 354 38.25 -94.06 -34.87
C SER D 354 37.46 -93.85 -33.58
N CYS D 355 36.13 -93.76 -33.73
CA CYS D 355 35.25 -93.47 -32.60
C CYS D 355 33.95 -94.23 -32.79
N ASN D 356 33.25 -94.48 -31.68
CA ASN D 356 31.94 -95.11 -31.71
C ASN D 356 30.93 -94.38 -32.59
N ALA D 357 30.93 -93.04 -32.52
CA ALA D 357 29.91 -92.24 -33.22
C ALA D 357 30.15 -92.24 -34.74
N GLY D 358 31.42 -92.26 -35.15
CA GLY D 358 31.78 -92.31 -36.56
C GLY D 358 31.60 -90.96 -37.24
N ALA D 359 31.57 -91.01 -38.57
CA ALA D 359 31.41 -89.83 -39.40
C ALA D 359 30.12 -89.97 -40.20
N ARG D 360 29.42 -88.86 -40.36
CA ARG D 360 28.17 -88.91 -41.07
C ARG D 360 28.36 -88.41 -42.50
N VAL D 361 28.01 -89.25 -43.47
CA VAL D 361 28.09 -88.88 -44.89
C VAL D 361 26.68 -88.52 -45.36
N CYS D 362 26.56 -87.43 -46.10
CA CYS D 362 25.27 -87.01 -46.65
C CYS D 362 25.36 -86.88 -48.16
N LEU D 363 24.36 -87.44 -48.83
CA LEU D 363 24.26 -87.44 -50.29
C LEU D 363 22.95 -86.82 -50.69
N SER D 364 22.94 -86.13 -51.81
CA SER D 364 21.71 -85.74 -52.43
C SER D 364 21.37 -86.79 -53.49
N ILE D 365 20.15 -87.37 -53.40
CA ILE D 365 19.76 -88.50 -54.26
C ILE D 365 18.44 -88.17 -54.97
N THR D 366 18.44 -88.29 -56.29
CA THR D 366 17.30 -87.94 -57.12
C THR D 366 16.90 -89.18 -57.91
N SER D 367 15.61 -89.54 -57.85
CA SER D 367 15.13 -90.67 -58.66
C SER D 367 13.67 -90.47 -59.08
N THR D 368 13.06 -91.50 -59.66
CA THR D 368 11.65 -91.44 -60.08
C THR D 368 10.78 -92.48 -59.36
N GLY D 369 11.35 -93.18 -58.39
CA GLY D 369 10.59 -94.12 -57.57
C GLY D 369 11.41 -94.61 -56.38
N THR D 370 10.80 -95.45 -55.53
CA THR D 370 11.47 -95.93 -54.31
C THR D 370 12.45 -97.04 -54.60
N GLY D 371 13.60 -97.00 -53.94
CA GLY D 371 14.60 -98.03 -54.06
C GLY D 371 15.73 -97.74 -53.10
N SER D 372 16.93 -98.19 -53.46
CA SER D 372 18.10 -97.98 -52.65
C SER D 372 19.26 -97.58 -53.52
N LEU D 373 19.98 -96.56 -53.07
CA LEU D 373 21.29 -96.28 -53.57
C LEU D 373 22.28 -97.17 -52.83
N SER D 374 23.16 -97.80 -53.59
CA SER D 374 24.22 -98.61 -53.03
C SER D 374 25.55 -98.19 -53.67
N ALA D 375 26.55 -97.95 -52.82
CA ALA D 375 27.85 -97.45 -53.25
C ALA D 375 28.99 -98.14 -52.49
N HIS D 376 30.17 -98.23 -53.13
CA HIS D 376 31.35 -98.85 -52.53
C HIS D 376 32.65 -98.13 -52.95
N ASN D 377 33.63 -98.07 -52.05
CA ASN D 377 34.96 -97.62 -52.42
C ASN D 377 35.70 -98.71 -53.21
N LYS D 378 36.91 -98.40 -53.68
CA LYS D 378 37.69 -99.30 -54.55
C LYS D 378 37.89 -100.71 -53.98
N ASP D 379 38.39 -100.80 -52.75
CA ASP D 379 38.70 -102.09 -52.15
C ASP D 379 37.48 -102.78 -51.54
N GLY D 380 36.35 -102.08 -51.48
CA GLY D 380 35.11 -102.67 -50.99
C GLY D 380 35.01 -102.74 -49.48
N SER D 381 35.89 -102.01 -48.79
CA SER D 381 35.87 -101.98 -47.33
C SER D 381 34.77 -101.05 -46.79
N LEU D 382 34.40 -100.06 -47.59
CA LEU D 382 33.32 -99.13 -47.21
C LEU D 382 32.10 -99.26 -48.11
N HIS D 383 30.94 -99.22 -47.49
CA HIS D 383 29.69 -99.34 -48.19
C HIS D 383 28.69 -98.28 -47.74
N ILE D 384 28.02 -97.67 -48.70
CA ILE D 384 26.91 -96.75 -48.43
C ILE D 384 25.64 -97.34 -49.01
N VAL D 385 24.56 -97.34 -48.22
CA VAL D 385 23.27 -97.80 -48.67
C VAL D 385 22.21 -96.82 -48.14
N LEU D 386 21.55 -96.12 -49.04
CA LEU D 386 20.63 -95.04 -48.64
C LEU D 386 19.35 -95.14 -49.45
N PRO D 387 18.21 -94.60 -48.92
CA PRO D 387 16.99 -94.72 -49.71
C PRO D 387 17.03 -93.88 -50.97
N SER D 388 16.38 -94.36 -52.04
CA SER D 388 16.05 -93.48 -53.15
C SER D 388 14.55 -93.42 -53.21
N GLU D 389 14.06 -92.30 -53.76
CA GLU D 389 12.65 -91.98 -53.81
C GLU D 389 12.35 -91.22 -55.09
N ASN D 390 11.06 -91.10 -55.42
CA ASN D 390 10.59 -90.20 -56.45
C ASN D 390 10.81 -88.75 -55.98
N GLY D 391 11.57 -87.98 -56.75
CA GLY D 391 11.99 -86.64 -56.30
C GLY D 391 13.40 -86.69 -55.75
N THR D 392 13.78 -85.69 -54.96
CA THR D 392 15.12 -85.71 -54.37
C THR D 392 15.13 -85.47 -52.88
N LYS D 393 16.05 -86.16 -52.21
CA LYS D 393 16.18 -86.06 -50.78
C LYS D 393 17.65 -86.06 -50.43
N ASP D 394 18.01 -85.35 -49.36
CA ASP D 394 19.31 -85.49 -48.76
C ASP D 394 19.25 -86.65 -47.78
N GLN D 395 20.13 -87.63 -47.97
CA GLN D 395 20.11 -88.86 -47.19
C GLN D 395 21.44 -88.99 -46.51
N CYS D 396 21.45 -89.40 -45.24
CA CYS D 396 22.72 -89.48 -44.49
C CYS D 396 22.88 -90.79 -43.73
N GLN D 397 24.12 -91.25 -43.62
CA GLN D 397 24.42 -92.44 -42.82
C GLN D 397 25.75 -92.27 -42.13
N ILE D 398 26.04 -93.18 -41.22
CA ILE D 398 27.33 -93.19 -40.56
C ILE D 398 28.31 -94.03 -41.37
N LEU D 399 29.54 -93.52 -41.51
CA LEU D 399 30.68 -94.27 -42.01
C LEU D 399 31.80 -94.22 -40.97
N HIS D 400 32.57 -95.30 -40.85
CA HIS D 400 33.70 -95.36 -39.91
C HIS D 400 35.04 -95.32 -40.62
N PHE D 401 35.73 -94.19 -40.52
CA PHE D 401 37.08 -94.01 -41.03
C PHE D 401 38.06 -94.02 -39.87
N THR D 402 39.34 -94.28 -40.18
CA THR D 402 40.40 -94.29 -39.17
C THR D 402 41.46 -93.22 -39.46
N VAL D 403 41.12 -92.27 -40.33
CA VAL D 403 42.02 -91.17 -40.70
C VAL D 403 41.34 -89.81 -40.57
N PRO D 404 42.11 -88.76 -40.22
CA PRO D 404 41.56 -87.39 -40.08
C PRO D 404 41.26 -86.69 -41.40
N GLU D 405 41.92 -87.13 -42.46
CA GLU D 405 41.84 -86.50 -43.76
C GLU D 405 41.30 -87.54 -44.74
N VAL D 406 40.05 -87.36 -45.18
CA VAL D 406 39.38 -88.33 -46.04
C VAL D 406 39.22 -87.81 -47.48
N GLU D 407 39.51 -88.65 -48.45
CA GLU D 407 39.17 -88.41 -49.85
C GLU D 407 39.04 -89.74 -50.59
N GLU D 408 37.83 -90.30 -50.58
CA GLU D 408 37.56 -91.64 -51.13
C GLU D 408 36.66 -91.59 -52.35
N GLU D 409 37.11 -92.22 -53.44
CA GLU D 409 36.27 -92.39 -54.62
C GLU D 409 35.30 -93.54 -54.38
N PHE D 410 34.00 -93.24 -54.41
CA PHE D 410 32.98 -94.28 -54.42
C PHE D 410 32.39 -94.46 -55.82
N MET D 411 31.79 -95.62 -56.07
CA MET D 411 30.94 -95.84 -57.24
C MET D 411 29.53 -96.20 -56.75
N TYR D 412 28.50 -95.54 -57.27
CA TYR D 412 27.12 -95.74 -56.77
C TYR D 412 26.12 -96.06 -57.88
N SER D 413 25.03 -96.72 -57.50
CA SER D 413 23.87 -96.83 -58.38
C SER D 413 22.69 -97.28 -57.55
N CYS D 414 21.49 -97.09 -58.12
CA CYS D 414 20.25 -97.67 -57.62
C CYS D 414 19.81 -98.84 -58.51
N ASP D 415 20.43 -99.00 -59.67
CA ASP D 415 20.05 -100.06 -60.62
C ASP D 415 21.23 -100.86 -61.21
N GLY D 416 22.40 -100.80 -60.56
CA GLY D 416 23.59 -101.50 -61.04
C GLY D 416 24.43 -100.72 -62.04
N ASP D 417 23.87 -99.64 -62.56
CA ASP D 417 24.57 -98.80 -63.54
C ASP D 417 25.39 -97.73 -62.80
N GLU D 418 26.63 -98.07 -62.47
CA GLU D 418 27.42 -97.25 -61.56
C GLU D 418 28.03 -95.96 -62.11
N ARG D 419 28.17 -94.97 -61.23
CA ARG D 419 28.76 -93.67 -61.54
C ARG D 419 29.60 -93.24 -60.37
N PRO D 420 30.61 -92.40 -60.60
CA PRO D 420 31.50 -92.02 -59.50
C PRO D 420 30.96 -90.89 -58.61
N LEU D 421 31.44 -90.88 -57.39
CA LEU D 421 31.12 -89.87 -56.40
C LEU D 421 32.32 -89.79 -55.48
N LEU D 422 32.78 -88.57 -55.22
CA LEU D 422 33.95 -88.37 -54.39
C LEU D 422 33.55 -87.93 -52.98
N VAL D 423 33.81 -88.76 -51.98
CA VAL D 423 33.56 -88.31 -50.61
C VAL D 423 34.84 -87.71 -50.02
N LYS D 424 34.73 -86.50 -49.51
CA LYS D 424 35.85 -85.87 -48.85
C LYS D 424 35.43 -85.00 -47.68
N GLY D 425 36.31 -84.91 -46.69
CA GLY D 425 36.10 -84.03 -45.55
C GLY D 425 37.19 -84.26 -44.52
N THR D 426 37.19 -83.43 -43.48
CA THR D 426 38.15 -83.59 -42.39
C THR D 426 37.40 -83.99 -41.14
N LEU D 427 37.86 -85.08 -40.51
CA LEU D 427 37.26 -85.62 -39.29
C LEU D 427 38.18 -85.35 -38.11
N ILE D 428 37.60 -85.25 -36.92
CA ILE D 428 38.36 -84.91 -35.72
C ILE D 428 38.70 -86.14 -34.85
N ALA D 429 39.81 -86.05 -34.12
CA ALA D 429 40.18 -87.07 -33.13
C ALA D 429 39.51 -86.76 -31.78
N ILE D 430 38.97 -87.79 -31.13
CA ILE D 430 38.32 -87.60 -29.82
C ILE D 430 39.30 -87.54 -28.64
N ASP D 431 38.92 -86.76 -27.62
CA ASP D 431 39.72 -86.45 -26.43
C ASP D 431 41.19 -86.12 -26.71
#